data_7OGK
#
_entry.id   7OGK
#
_cell.length_a   1.00
_cell.length_b   1.00
_cell.length_c   1.00
_cell.angle_alpha   90.00
_cell.angle_beta   90.00
_cell.angle_gamma   90.00
#
_symmetry.space_group_name_H-M   'P 1'
#
loop_
_entity.id
_entity.type
_entity.pdbx_description
1 polymer 'Polyribonucleotide nucleotidyltransferase'
2 polymer "3'ETS(LeuZ)"
3 water water
#
loop_
_entity_poly.entity_id
_entity_poly.type
_entity_poly.pdbx_seq_one_letter_code
_entity_poly.pdbx_strand_id
1 'polypeptide(L)'
;MLNPIVRKFQYGQHTVTLETGMMARQATAAVMVSMDDTAVFVTVVGQKKAKPGQDFFPLTVNYQERTYAAGRIPGSFFRR
EGRPSEGETLIARLIDRPIRPLFPEGFVNEVQVIATVVSVNPQVNPDIVAMIGASAALSLSGIPFNGPIGAARVGYINDQ
YVLNPTQDELKESKLDLVVAGTEAAVLMVESEAQLLSEDQMLGAVVFGHEQQQVVIQNINELVKEAGKPRWDWQPEPVNE
ALNARVAALAEARLSDAYRITDKQERYAQVDVIKSETIATLLAEDETLDENELGEILHAIEKNVVRSRVLAGEPRIDGRE
KDMIRGLDVRTGVLPRTHGSALFTRGETQALVTATLGTARDAQVLDELMGERTDTFLFHYNFPPYSVGETGMVGSPKRRE
IGHGRLAKRGVLAVMPDMDKFPYTVRVVSEITESNGSSSMASVCGASLALMDAGVPIKAAVAGIAMGLVKEGDNYVVLSD
ILGDEDHLGDMDFKVAGSRDGISALQMDIKIEGITKEIMQVALNQAKGARLHILGVMEQAINAPRGDISEFAPRIHTIKI
NPDKIKDVIGKGGSVIRALTEETGTTIEIEDDGTVKIAATDGEKAKHAIRRIEEITAEIEVGRVYTGKVTRIVDFGAFVA
IGGGKEGLVHISQIADKRVEKVTDYLQMGQEVPVKVLEVDRQGRIRLSIKEATEQSQPAAAPEAPAAEQGE
;
A,B,C
2 'polyribonucleotide' AAAAAAAA D
#
loop_
_chem_comp.id
_chem_comp.type
_chem_comp.name
_chem_comp.formula
A RNA linking ADENOSINE-5'-MONOPHOSPHATE 'C10 H14 N5 O7 P'
#
# COMPACT_ATOMS: atom_id res chain seq x y z
N MET A 1 -1.42 37.19 29.85
CA MET A 1 -2.29 37.68 28.74
C MET A 1 -3.54 36.79 28.62
N LEU A 2 -3.35 35.52 28.23
CA LEU A 2 -4.45 34.62 27.76
C LEU A 2 -4.86 33.65 28.88
N ASN A 3 -6.17 33.41 29.02
CA ASN A 3 -6.73 32.48 30.04
C ASN A 3 -8.04 31.89 29.52
N PRO A 4 -8.25 30.55 29.67
CA PRO A 4 -9.52 29.95 29.27
C PRO A 4 -10.69 30.24 30.21
N ILE A 5 -11.91 29.96 29.74
CA ILE A 5 -13.11 29.86 30.62
C ILE A 5 -13.63 28.41 30.59
N VAL A 6 -13.97 27.91 31.77
CA VAL A 6 -14.11 26.45 32.06
C VAL A 6 -15.45 26.22 32.79
N ARG A 7 -16.22 25.23 32.34
CA ARG A 7 -17.43 24.75 33.07
C ARG A 7 -17.35 23.23 33.25
N LYS A 8 -17.55 22.76 34.48
CA LYS A 8 -17.42 21.32 34.83
C LYS A 8 -18.77 20.83 35.32
N PHE A 9 -19.30 19.76 34.74
CA PHE A 9 -20.59 19.17 35.13
C PHE A 9 -20.45 17.66 35.20
N GLN A 10 -21.30 17.00 35.97
CA GLN A 10 -21.21 15.52 36.16
C GLN A 10 -22.23 14.83 35.27
N TYR A 11 -21.78 14.00 34.34
CA TYR A 11 -22.67 13.27 33.41
C TYR A 11 -22.41 11.78 33.60
N GLY A 12 -23.41 11.04 34.09
CA GLY A 12 -23.36 9.58 34.23
C GLY A 12 -22.13 9.06 34.95
N GLN A 13 -21.81 9.66 36.10
CA GLN A 13 -20.71 9.26 37.02
C GLN A 13 -19.34 9.65 36.44
N HIS A 14 -19.24 10.38 35.32
CA HIS A 14 -17.97 10.93 34.80
C HIS A 14 -18.06 12.45 34.82
N THR A 15 -17.08 13.14 35.38
CA THR A 15 -17.05 14.62 35.33
C THR A 15 -16.65 15.05 33.91
N VAL A 16 -17.41 15.96 33.30
CA VAL A 16 -17.11 16.47 31.94
C VAL A 16 -16.72 17.94 32.05
N THR A 17 -15.62 18.32 31.40
CA THR A 17 -15.06 19.68 31.48
C THR A 17 -15.10 20.34 30.11
N LEU A 18 -15.82 21.45 29.98
CA LEU A 18 -15.84 22.22 28.71
C LEU A 18 -14.89 23.42 28.88
N GLU A 19 -13.85 23.51 28.05
CA GLU A 19 -12.78 24.54 28.20
C GLU A 19 -12.62 25.27 26.86
N THR A 20 -12.65 26.60 26.87
CA THR A 20 -12.67 27.40 25.61
C THR A 20 -11.85 28.67 25.74
N GLY A 21 -11.44 29.25 24.60
CA GLY A 21 -10.79 30.56 24.51
C GLY A 21 -9.29 30.47 24.50
N MET A 22 -8.68 29.32 24.86
CA MET A 22 -7.21 29.23 25.07
C MET A 22 -6.51 28.91 23.74
N MET A 23 -7.06 28.00 22.94
CA MET A 23 -6.33 27.54 21.74
C MET A 23 -7.12 27.80 20.45
N ALA A 24 -6.43 27.83 19.31
CA ALA A 24 -7.08 27.99 18.00
C ALA A 24 -7.97 29.22 17.97
N ARG A 25 -7.49 30.34 18.50
CA ARG A 25 -8.33 31.58 18.55
C ARG A 25 -8.67 32.02 17.13
N GLN A 26 -7.78 31.81 16.17
CA GLN A 26 -7.99 32.25 14.76
C GLN A 26 -9.21 31.54 14.15
N ALA A 27 -9.42 30.26 14.46
CA ALA A 27 -10.58 29.51 13.93
C ALA A 27 -11.85 30.08 14.57
N THR A 28 -13.02 29.90 13.95
CA THR A 28 -14.24 30.56 14.47
C THR A 28 -14.53 30.12 15.91
N ALA A 29 -14.38 28.83 16.24
CA ALA A 29 -14.54 28.41 17.65
C ALA A 29 -13.71 27.17 17.97
N ALA A 30 -13.30 27.00 19.23
CA ALA A 30 -12.59 25.78 19.63
C ALA A 30 -12.98 25.41 21.06
N VAL A 31 -13.14 24.11 21.36
CA VAL A 31 -13.61 23.70 22.71
C VAL A 31 -12.91 22.41 23.14
N MET A 32 -11.90 22.49 24.00
CA MET A 32 -11.31 21.26 24.57
C MET A 32 -12.39 20.60 25.43
N VAL A 33 -12.85 19.42 25.05
CA VAL A 33 -13.85 18.67 25.86
C VAL A 33 -13.13 17.49 26.50
N SER A 34 -13.23 17.33 27.81
CA SER A 34 -12.61 16.17 28.50
C SER A 34 -13.62 15.48 29.41
N MET A 35 -13.65 14.15 29.36
CA MET A 35 -14.52 13.32 30.22
C MET A 35 -13.66 12.25 30.90
N ASP A 36 -13.33 12.47 32.18
CA ASP A 36 -12.52 11.57 33.03
C ASP A 36 -11.23 11.10 32.30
N ASP A 37 -10.41 12.06 31.86
CA ASP A 37 -9.04 11.87 31.28
C ASP A 37 -9.06 11.33 29.83
N THR A 38 -10.22 11.10 29.21
CA THR A 38 -10.33 11.06 27.72
C THR A 38 -10.65 12.47 27.24
N ALA A 39 -9.85 13.03 26.34
CA ALA A 39 -9.97 14.45 25.92
C ALA A 39 -9.91 14.56 24.40
N VAL A 40 -10.79 15.35 23.80
CA VAL A 40 -10.77 15.61 22.34
C VAL A 40 -10.85 17.12 22.12
N PHE A 41 -10.06 17.62 21.18
CA PHE A 41 -10.00 19.04 20.81
C PHE A 41 -10.81 19.20 19.53
N VAL A 42 -11.86 20.02 19.57
CA VAL A 42 -12.81 20.15 18.43
C VAL A 42 -12.86 21.61 17.99
N THR A 43 -12.72 21.86 16.69
CA THR A 43 -12.72 23.24 16.14
C THR A 43 -13.54 23.29 14.86
N VAL A 44 -14.28 24.39 14.68
CA VAL A 44 -15.11 24.61 13.47
C VAL A 44 -14.62 25.88 12.77
N VAL A 45 -14.45 25.82 11.46
CA VAL A 45 -14.14 27.01 10.62
C VAL A 45 -15.21 27.08 9.52
N GLY A 46 -15.92 28.21 9.45
CA GLY A 46 -16.96 28.46 8.43
C GLY A 46 -16.62 29.67 7.58
N GLN A 47 -16.83 29.59 6.26
CA GLN A 47 -16.57 30.74 5.35
C GLN A 47 -17.68 31.79 5.55
N LYS A 48 -17.28 33.06 5.59
CA LYS A 48 -18.21 34.19 5.86
C LYS A 48 -19.00 34.57 4.60
N LYS A 49 -18.47 34.28 3.40
CA LYS A 49 -19.15 34.59 2.12
C LYS A 49 -19.46 33.30 1.35
N ALA A 50 -20.69 33.20 0.85
CA ALA A 50 -21.12 32.01 0.10
C ALA A 50 -20.56 32.07 -1.32
N LYS A 51 -19.91 31.00 -1.75
CA LYS A 51 -19.37 30.90 -3.13
C LYS A 51 -20.54 30.89 -4.11
N PRO A 52 -20.58 31.81 -5.09
CA PRO A 52 -21.67 31.82 -6.08
C PRO A 52 -21.67 30.56 -6.98
N GLY A 53 -22.86 30.01 -7.25
CA GLY A 53 -23.03 28.79 -8.05
C GLY A 53 -23.22 27.54 -7.21
N GLN A 54 -22.97 27.60 -5.89
CA GLN A 54 -23.26 26.44 -4.99
C GLN A 54 -24.77 26.25 -4.82
N ASP A 55 -25.20 24.98 -4.78
CA ASP A 55 -26.64 24.65 -4.62
C ASP A 55 -26.81 23.75 -3.40
N PHE A 56 -25.98 22.71 -3.31
CA PHE A 56 -25.99 21.81 -2.12
C PHE A 56 -25.19 22.46 -0.99
N PHE A 57 -25.26 21.82 0.20
CA PHE A 57 -24.58 22.35 1.40
C PHE A 57 -23.27 21.58 1.64
N PRO A 58 -22.07 22.17 1.45
CA PRO A 58 -20.81 21.44 1.63
C PRO A 58 -20.33 21.46 3.09
N LEU A 59 -20.72 20.44 3.85
CA LEU A 59 -20.29 20.25 5.26
C LEU A 59 -19.28 19.10 5.30
N THR A 60 -18.12 19.37 5.89
CA THR A 60 -17.04 18.34 5.98
C THR A 60 -16.69 18.09 7.45
N VAL A 61 -16.74 16.83 7.87
CA VAL A 61 -16.42 16.41 9.27
C VAL A 61 -15.19 15.49 9.22
N ASN A 62 -14.17 15.81 10.01
CA ASN A 62 -12.94 14.98 10.05
C ASN A 62 -12.63 14.58 11.48
N TYR A 63 -12.59 13.28 11.78
CA TYR A 63 -12.26 12.76 13.12
C TYR A 63 -10.91 12.07 13.04
N GLN A 64 -9.99 12.41 13.94
CA GLN A 64 -8.58 11.95 13.90
C GLN A 64 -8.18 11.34 15.25
N GLU A 65 -7.53 10.17 15.20
CA GLU A 65 -7.00 9.48 16.40
C GLU A 65 -5.48 9.50 16.35
N ARG A 66 -4.88 10.57 16.90
CA ARG A 66 -3.41 10.61 17.02
C ARG A 66 -3.03 9.54 18.04
N THR A 67 -2.01 8.72 17.74
CA THR A 67 -1.68 7.59 18.65
C THR A 67 -0.90 8.08 19.87
N TYR A 68 -0.33 9.29 19.86
CA TYR A 68 0.33 9.88 21.06
C TYR A 68 -0.71 10.04 22.19
N ALA A 69 -2.01 10.08 21.86
CA ALA A 69 -3.12 10.11 22.84
C ALA A 69 -3.14 8.84 23.71
N ALA A 70 -2.53 7.75 23.27
CA ALA A 70 -2.59 6.50 24.06
C ALA A 70 -1.20 6.17 24.61
N GLY A 71 -0.21 6.99 24.28
CA GLY A 71 1.15 6.77 24.81
C GLY A 71 2.00 5.81 24.00
N ARG A 72 1.57 5.45 22.79
CA ARG A 72 2.32 4.43 22.00
C ARG A 72 2.82 5.06 20.70
N ILE A 73 4.07 4.79 20.33
CA ILE A 73 4.59 5.27 19.01
C ILE A 73 3.90 4.42 17.93
N PRO A 74 3.69 4.88 16.66
CA PRO A 74 2.88 4.11 15.71
C PRO A 74 3.46 2.77 15.22
N GLY A 75 2.58 1.81 14.96
CA GLY A 75 2.90 0.48 14.39
C GLY A 75 3.31 0.53 12.93
N SER A 76 2.90 1.57 12.19
CA SER A 76 3.19 1.76 10.74
C SER A 76 4.70 1.84 10.50
N PHE A 77 5.17 1.38 9.35
CA PHE A 77 6.62 1.35 8.98
C PHE A 77 7.20 2.77 9.04
N PHE A 78 6.47 3.76 8.53
CA PHE A 78 6.91 5.17 8.44
C PHE A 78 6.82 5.86 9.81
N ARG A 79 6.23 5.22 10.83
CA ARG A 79 6.05 5.77 12.22
C ARG A 79 5.25 7.09 12.19
N ARG A 80 4.25 7.16 11.33
CA ARG A 80 3.37 8.36 11.18
C ARG A 80 1.92 7.91 11.06
N GLU A 81 0.97 8.72 11.55
CA GLU A 81 -0.48 8.43 11.41
C GLU A 81 -0.83 8.59 9.93
N GLY A 82 -1.39 7.55 9.29
CA GLY A 82 -1.72 7.52 7.86
C GLY A 82 -3.11 8.06 7.57
N ARG A 83 -3.64 7.69 6.40
CA ARG A 83 -5.00 8.11 6.00
C ARG A 83 -6.02 7.47 6.95
N PRO A 84 -7.18 8.10 7.26
CA PRO A 84 -8.09 7.54 8.27
C PRO A 84 -8.55 6.12 7.90
N SER A 85 -8.39 5.16 8.81
CA SER A 85 -8.92 3.79 8.64
C SER A 85 -10.44 3.79 8.95
N GLU A 86 -11.11 2.68 8.65
CA GLU A 86 -12.57 2.43 8.80
C GLU A 86 -13.10 2.97 10.13
N GLY A 87 -12.48 2.63 11.26
CA GLY A 87 -12.87 3.05 12.62
C GLY A 87 -12.98 4.57 12.78
N GLU A 88 -12.08 5.34 12.17
CA GLU A 88 -12.14 6.83 12.20
C GLU A 88 -13.30 7.29 11.31
N THR A 89 -13.40 6.75 10.09
CA THR A 89 -14.43 7.22 9.13
C THR A 89 -15.84 7.02 9.71
N LEU A 90 -16.09 5.86 10.32
CA LEU A 90 -17.47 5.58 10.83
C LEU A 90 -17.82 6.60 11.91
N ILE A 91 -16.88 6.94 12.79
CA ILE A 91 -17.16 7.91 13.89
C ILE A 91 -17.51 9.25 13.27
N ALA A 92 -16.83 9.63 12.18
CA ALA A 92 -17.11 10.91 11.52
C ALA A 92 -18.56 10.91 11.02
N ARG A 93 -19.00 9.81 10.44
CA ARG A 93 -20.39 9.74 9.91
C ARG A 93 -21.35 9.91 11.10
N LEU A 94 -21.00 9.32 12.24
CA LEU A 94 -21.89 9.39 13.42
C LEU A 94 -22.03 10.85 13.86
N ILE A 95 -20.95 11.63 13.84
CA ILE A 95 -21.07 13.09 14.16
C ILE A 95 -21.86 13.81 13.06
N ASP A 96 -21.62 13.50 11.78
CA ASP A 96 -22.26 14.23 10.65
C ASP A 96 -23.77 14.01 10.56
N ARG A 97 -24.25 12.77 10.71
CA ARG A 97 -25.68 12.50 10.48
C ARG A 97 -26.57 13.41 11.34
N PRO A 98 -26.41 13.57 12.67
CA PRO A 98 -27.32 14.45 13.43
C PRO A 98 -27.08 15.95 13.26
N ILE A 99 -25.93 16.37 12.73
CA ILE A 99 -25.59 17.82 12.54
C ILE A 99 -26.25 18.33 11.24
N ARG A 100 -26.02 17.64 10.11
CA ARG A 100 -26.49 18.14 8.79
C ARG A 100 -27.93 18.66 8.81
N PRO A 101 -28.98 17.96 9.28
CA PRO A 101 -30.34 18.47 9.14
C PRO A 101 -30.72 19.56 10.15
N LEU A 102 -29.75 20.01 10.94
CA LEU A 102 -29.98 21.09 11.95
C LEU A 102 -29.63 22.47 11.41
N PHE A 103 -28.90 22.57 10.29
CA PHE A 103 -28.57 23.89 9.68
C PHE A 103 -29.77 24.43 8.88
N PRO A 104 -30.18 25.73 9.00
CA PRO A 104 -31.38 26.22 8.32
C PRO A 104 -31.39 26.01 6.80
N GLU A 105 -32.58 25.78 6.26
CA GLU A 105 -32.74 25.47 4.81
C GLU A 105 -32.20 26.61 3.95
N GLY A 106 -31.45 26.25 2.92
CA GLY A 106 -30.90 27.25 1.98
C GLY A 106 -29.49 27.68 2.34
N PHE A 107 -28.97 27.31 3.52
CA PHE A 107 -27.60 27.67 3.96
C PHE A 107 -26.60 26.83 3.14
N VAL A 108 -25.61 27.48 2.52
CA VAL A 108 -24.65 26.78 1.60
C VAL A 108 -23.20 27.21 1.84
N ASN A 109 -22.91 28.10 2.80
CA ASN A 109 -21.51 28.47 3.12
C ASN A 109 -20.73 27.20 3.49
N GLU A 110 -19.44 27.16 3.17
CA GLU A 110 -18.59 26.00 3.53
C GLU A 110 -18.36 25.96 5.04
N VAL A 111 -18.50 24.80 5.65
CA VAL A 111 -18.23 24.59 7.11
C VAL A 111 -17.39 23.32 7.25
N GLN A 112 -16.34 23.37 8.07
CA GLN A 112 -15.51 22.18 8.32
C GLN A 112 -15.30 22.04 9.82
N VAL A 113 -15.69 20.90 10.40
CA VAL A 113 -15.50 20.64 11.85
C VAL A 113 -14.50 19.50 12.00
N ILE A 114 -13.43 19.74 12.75
CA ILE A 114 -12.34 18.74 12.96
C ILE A 114 -12.30 18.38 14.44
N ALA A 115 -12.42 17.09 14.76
CA ALA A 115 -12.29 16.57 16.14
C ALA A 115 -11.03 15.72 16.24
N THR A 116 -10.04 16.12 17.05
CA THR A 116 -8.80 15.34 17.25
C THR A 116 -8.78 14.78 18.67
N VAL A 117 -8.59 13.48 18.80
CA VAL A 117 -8.38 12.84 20.12
C VAL A 117 -6.96 13.17 20.59
N VAL A 118 -6.81 13.73 21.79
CA VAL A 118 -5.48 14.11 22.35
C VAL A 118 -5.17 13.34 23.63
N SER A 119 -6.13 12.67 24.27
CA SER A 119 -5.84 11.65 25.31
C SER A 119 -6.95 10.59 25.39
N VAL A 120 -6.61 9.38 25.80
CA VAL A 120 -7.63 8.34 26.12
C VAL A 120 -7.31 7.69 27.46
N ASN A 121 -8.33 7.68 28.33
CA ASN A 121 -8.52 6.69 29.41
C ASN A 121 -9.09 5.43 28.76
N PRO A 122 -8.37 4.28 28.74
CA PRO A 122 -8.85 3.10 28.03
C PRO A 122 -10.23 2.58 28.46
N GLN A 123 -10.76 3.00 29.61
CA GLN A 123 -12.12 2.64 30.05
C GLN A 123 -13.19 3.48 29.33
N VAL A 124 -12.86 4.67 28.79
CA VAL A 124 -13.89 5.65 28.31
C VAL A 124 -13.59 6.04 26.86
N ASN A 125 -14.43 5.56 25.95
CA ASN A 125 -14.27 5.73 24.48
C ASN A 125 -14.46 7.20 24.10
N PRO A 126 -13.57 7.82 23.28
CA PRO A 126 -13.73 9.20 22.85
C PRO A 126 -14.93 9.54 21.94
N ASP A 127 -15.59 8.53 21.39
CA ASP A 127 -16.79 8.62 20.51
C ASP A 127 -17.83 9.64 21.02
N ILE A 128 -18.41 9.40 22.20
CA ILE A 128 -19.47 10.27 22.78
C ILE A 128 -18.89 11.64 23.08
N VAL A 129 -17.64 11.69 23.55
CA VAL A 129 -16.95 12.95 23.92
C VAL A 129 -16.81 13.85 22.67
N ALA A 130 -16.53 13.26 21.51
CA ALA A 130 -16.39 14.01 20.23
C ALA A 130 -17.74 14.63 19.86
N MET A 131 -18.84 13.88 20.01
CA MET A 131 -20.19 14.33 19.59
C MET A 131 -20.59 15.56 20.43
N ILE A 132 -20.38 15.52 21.75
CA ILE A 132 -20.78 16.68 22.59
C ILE A 132 -19.80 17.82 22.28
N GLY A 133 -18.54 17.54 21.93
CA GLY A 133 -17.56 18.55 21.48
C GLY A 133 -18.00 19.29 20.22
N ALA A 134 -18.41 18.58 19.17
CA ALA A 134 -18.87 19.18 17.89
C ALA A 134 -20.11 20.04 18.15
N SER A 135 -21.02 19.55 19.01
CA SER A 135 -22.25 20.25 19.42
C SER A 135 -21.89 21.57 20.12
N ALA A 136 -20.93 21.53 21.05
CA ALA A 136 -20.42 22.73 21.76
C ALA A 136 -19.79 23.70 20.74
N ALA A 137 -18.83 23.24 19.93
CA ALA A 137 -18.07 24.09 18.97
C ALA A 137 -19.03 24.82 18.02
N LEU A 138 -19.99 24.11 17.41
CA LEU A 138 -21.00 24.72 16.51
C LEU A 138 -21.88 25.71 17.26
N SER A 139 -22.34 25.39 18.47
CA SER A 139 -23.21 26.29 19.28
C SER A 139 -22.47 27.57 19.72
N LEU A 140 -21.16 27.53 19.96
CA LEU A 140 -20.39 28.72 20.36
C LEU A 140 -20.23 29.66 19.15
N SER A 141 -19.84 29.10 18.02
CA SER A 141 -19.64 29.91 16.79
C SER A 141 -20.97 30.52 16.36
N GLY A 142 -20.94 31.73 15.85
CA GLY A 142 -22.19 32.40 15.45
C GLY A 142 -22.81 31.79 14.21
N ILE A 143 -22.23 30.70 13.67
CA ILE A 143 -22.91 30.03 12.52
C ILE A 143 -24.37 29.81 12.89
N PRO A 144 -25.35 30.10 11.99
CA PRO A 144 -26.76 29.80 12.29
C PRO A 144 -26.98 28.28 12.44
N PHE A 145 -27.25 27.83 13.66
CA PHE A 145 -27.42 26.37 13.94
C PHE A 145 -28.63 26.23 14.86
N ASN A 146 -29.47 25.22 14.66
CA ASN A 146 -30.72 25.12 15.45
C ASN A 146 -30.53 24.39 16.78
N GLY A 147 -29.86 25.02 17.76
CA GLY A 147 -29.77 24.43 19.11
C GLY A 147 -28.68 23.39 19.31
N PRO A 148 -28.08 23.22 20.52
CA PRO A 148 -27.12 22.13 20.70
C PRO A 148 -27.81 20.76 20.73
N ILE A 149 -27.02 19.72 20.52
CA ILE A 149 -27.41 18.30 20.71
C ILE A 149 -26.54 17.69 21.82
N GLY A 150 -27.14 16.77 22.58
CA GLY A 150 -26.39 15.88 23.49
C GLY A 150 -25.99 14.61 22.78
N ALA A 151 -25.40 13.68 23.52
CA ALA A 151 -25.21 12.30 23.04
C ALA A 151 -25.14 11.37 24.25
N ALA A 152 -25.64 10.14 24.09
CA ALA A 152 -25.57 9.11 25.15
C ALA A 152 -25.30 7.76 24.52
N ARG A 153 -24.48 6.93 25.17
CA ARG A 153 -24.40 5.48 24.87
C ARG A 153 -25.14 4.76 26.00
N VAL A 154 -26.10 3.90 25.66
CA VAL A 154 -26.94 3.25 26.71
C VAL A 154 -26.77 1.73 26.69
N GLY A 155 -26.19 1.16 27.74
CA GLY A 155 -26.02 -0.30 27.92
C GLY A 155 -27.24 -0.93 28.57
N TYR A 156 -27.28 -2.25 28.64
CA TYR A 156 -28.43 -3.00 29.22
C TYR A 156 -27.89 -4.26 29.89
N ILE A 157 -27.85 -4.25 31.22
CA ILE A 157 -27.16 -5.25 32.08
C ILE A 157 -28.01 -5.51 33.34
N ASN A 158 -28.14 -6.79 33.72
CA ASN A 158 -29.07 -7.27 34.78
C ASN A 158 -30.44 -6.59 34.59
N ASP A 159 -30.91 -6.53 33.35
CA ASP A 159 -32.24 -6.00 32.92
C ASP A 159 -32.41 -4.52 33.29
N GLN A 160 -31.33 -3.78 33.52
CA GLN A 160 -31.40 -2.32 33.80
C GLN A 160 -30.59 -1.55 32.74
N TYR A 161 -31.08 -0.36 32.42
CA TYR A 161 -30.36 0.53 31.47
C TYR A 161 -29.25 1.25 32.22
N VAL A 162 -28.05 1.28 31.66
CA VAL A 162 -26.86 1.91 32.31
C VAL A 162 -26.26 2.95 31.35
N LEU A 163 -26.06 4.17 31.83
CA LEU A 163 -25.65 5.32 30.98
C LEU A 163 -24.13 5.31 30.82
N ASN A 164 -23.64 5.52 29.60
CA ASN A 164 -22.18 5.54 29.23
C ASN A 164 -21.42 4.41 29.91
N PRO A 165 -21.74 3.13 29.64
CA PRO A 165 -20.98 2.01 30.22
C PRO A 165 -19.52 2.06 29.76
N THR A 166 -18.60 1.78 30.67
CA THR A 166 -17.16 1.66 30.38
C THR A 166 -16.93 0.43 29.48
N GLN A 167 -15.76 0.37 28.86
CA GLN A 167 -15.32 -0.77 28.02
C GLN A 167 -15.47 -2.11 28.76
N ASP A 168 -15.28 -2.17 30.09
CA ASP A 168 -15.54 -3.40 30.89
C ASP A 168 -17.05 -3.66 31.00
N GLU A 169 -17.84 -2.73 31.54
CA GLU A 169 -19.27 -2.95 31.85
C GLU A 169 -20.08 -3.22 30.57
N LEU A 170 -19.57 -2.81 29.42
CA LEU A 170 -20.19 -3.07 28.11
C LEU A 170 -20.04 -4.55 27.72
N LYS A 171 -19.03 -5.28 28.20
CA LYS A 171 -18.80 -6.71 27.84
C LYS A 171 -19.99 -7.60 28.21
N GLU A 172 -20.69 -7.29 29.30
CA GLU A 172 -21.88 -8.04 29.77
C GLU A 172 -23.16 -7.59 29.05
N SER A 173 -23.13 -6.48 28.31
CA SER A 173 -24.35 -5.74 27.89
C SER A 173 -25.04 -6.43 26.72
N LYS A 174 -26.36 -6.51 26.74
CA LYS A 174 -27.15 -7.05 25.60
C LYS A 174 -27.51 -5.97 24.58
N LEU A 175 -26.94 -4.76 24.71
CA LEU A 175 -27.28 -3.56 23.90
C LEU A 175 -26.08 -2.61 23.83
N ASP A 176 -25.93 -1.87 22.72
CA ASP A 176 -24.81 -0.89 22.53
C ASP A 176 -25.33 0.46 22.03
N LEU A 177 -26.58 0.82 22.30
CA LEU A 177 -27.35 1.85 21.56
C LEU A 177 -26.82 3.26 21.81
N VAL A 178 -26.53 3.99 20.74
CA VAL A 178 -26.21 5.44 20.74
C VAL A 178 -27.51 6.22 20.49
N VAL A 179 -27.77 7.25 21.27
CA VAL A 179 -28.89 8.19 20.95
C VAL A 179 -28.41 9.63 21.06
N ALA A 180 -28.85 10.46 20.11
CA ALA A 180 -28.48 11.89 20.01
C ALA A 180 -29.75 12.70 19.72
N GLY A 181 -29.93 13.85 20.36
CA GLY A 181 -31.07 14.73 20.12
C GLY A 181 -30.93 16.09 20.78
N THR A 182 -31.91 16.95 20.53
CA THR A 182 -32.08 18.28 21.15
C THR A 182 -32.94 18.09 22.42
N GLU A 183 -33.43 19.16 23.05
CA GLU A 183 -34.50 19.09 24.08
C GLU A 183 -35.83 18.66 23.43
N ALA A 184 -36.05 18.89 22.14
CA ALA A 184 -37.37 18.78 21.48
C ALA A 184 -37.68 17.33 21.07
N ALA A 185 -36.70 16.63 20.50
CA ALA A 185 -36.88 15.29 19.86
C ALA A 185 -35.54 14.57 19.68
N VAL A 186 -35.55 13.25 19.50
CA VAL A 186 -34.36 12.50 19.00
C VAL A 186 -34.11 12.93 17.55
N LEU A 187 -32.84 12.96 17.14
CA LEU A 187 -32.40 13.22 15.75
C LEU A 187 -31.82 11.95 15.13
N MET A 188 -31.18 11.09 15.91
CA MET A 188 -30.46 9.91 15.37
C MET A 188 -30.36 8.82 16.45
N VAL A 189 -30.50 7.57 16.03
CA VAL A 189 -30.33 6.36 16.88
C VAL A 189 -29.51 5.35 16.08
N GLU A 190 -28.62 4.62 16.74
CA GLU A 190 -27.64 3.73 16.07
C GLU A 190 -27.28 2.60 17.04
N SER A 191 -27.43 1.31 16.70
CA SER A 191 -27.38 0.27 17.76
C SER A 191 -27.07 -1.14 17.24
N GLU A 192 -26.53 -1.93 18.17
CA GLU A 192 -26.43 -3.40 18.08
C GLU A 192 -27.14 -3.98 19.31
N ALA A 193 -27.75 -5.16 19.19
CA ALA A 193 -28.55 -5.76 20.28
C ALA A 193 -28.54 -7.30 20.18
N GLN A 194 -28.57 -7.97 21.33
CA GLN A 194 -28.58 -9.45 21.39
C GLN A 194 -30.03 -9.96 21.30
N LEU A 195 -30.71 -9.68 20.19
CA LEU A 195 -32.10 -10.15 19.87
C LEU A 195 -33.12 -9.71 20.96
N LEU A 196 -33.17 -8.41 21.25
CA LEU A 196 -34.14 -7.82 22.22
C LEU A 196 -35.48 -7.57 21.54
N SER A 197 -36.58 -7.60 22.28
CA SER A 197 -37.93 -7.24 21.75
C SER A 197 -37.99 -5.74 21.43
N GLU A 198 -38.93 -5.36 20.55
CA GLU A 198 -39.09 -3.98 20.01
C GLU A 198 -39.21 -2.95 21.15
N ASP A 199 -40.01 -3.25 22.17
CA ASP A 199 -40.29 -2.29 23.28
C ASP A 199 -39.03 -2.06 24.14
N GLN A 200 -38.14 -3.05 24.26
CA GLN A 200 -36.87 -2.89 25.03
C GLN A 200 -35.94 -1.90 24.31
N MET A 201 -35.90 -1.90 22.98
CA MET A 201 -35.13 -0.92 22.18
C MET A 201 -35.74 0.47 22.39
N LEU A 202 -37.04 0.63 22.20
CA LEU A 202 -37.71 1.96 22.35
C LEU A 202 -37.55 2.48 23.79
N GLY A 203 -37.53 1.60 24.77
CA GLY A 203 -37.29 2.04 26.17
C GLY A 203 -35.96 2.75 26.27
N ALA A 204 -34.91 2.18 25.68
CA ALA A 204 -33.56 2.78 25.79
C ALA A 204 -33.54 4.17 25.17
N VAL A 205 -34.17 4.34 24.01
CA VAL A 205 -34.14 5.64 23.31
C VAL A 205 -34.81 6.70 24.20
N VAL A 206 -35.93 6.34 24.83
CA VAL A 206 -36.61 7.30 25.75
C VAL A 206 -35.69 7.61 26.93
N PHE A 207 -35.04 6.60 27.50
CA PHE A 207 -34.17 6.83 28.69
C PHE A 207 -33.01 7.74 28.28
N GLY A 208 -32.43 7.49 27.10
CA GLY A 208 -31.28 8.28 26.65
C GLY A 208 -31.63 9.73 26.47
N HIS A 209 -32.80 10.01 25.88
CA HIS A 209 -33.21 11.40 25.63
C HIS A 209 -33.38 12.12 26.96
N GLU A 210 -33.92 11.44 27.96
CA GLU A 210 -34.12 12.05 29.30
C GLU A 210 -32.78 12.43 29.96
N GLN A 211 -31.75 11.59 29.83
CA GLN A 211 -30.48 11.85 30.54
C GLN A 211 -29.65 12.95 29.86
N GLN A 212 -29.49 12.89 28.54
CA GLN A 212 -28.63 13.87 27.81
C GLN A 212 -29.10 15.31 28.01
N GLN A 213 -30.28 15.56 28.58
CA GLN A 213 -30.77 16.95 28.80
C GLN A 213 -29.78 17.74 29.68
N VAL A 214 -29.02 17.07 30.55
CA VAL A 214 -27.94 17.71 31.36
C VAL A 214 -26.93 18.42 30.44
N VAL A 215 -26.44 17.77 29.40
CA VAL A 215 -25.45 18.36 28.44
C VAL A 215 -26.09 19.57 27.74
N ILE A 216 -27.35 19.51 27.34
CA ILE A 216 -28.08 20.62 26.66
C ILE A 216 -28.07 21.86 27.57
N GLN A 217 -28.41 21.70 28.86
CA GLN A 217 -28.43 22.83 29.83
C GLN A 217 -27.01 23.38 29.99
N ASN A 218 -26.01 22.50 30.04
CA ASN A 218 -24.62 22.94 30.34
C ASN A 218 -24.01 23.69 29.15
N ILE A 219 -24.26 23.30 27.89
CA ILE A 219 -23.81 24.06 26.71
C ILE A 219 -24.58 25.41 26.66
N ASN A 220 -25.90 25.42 26.88
CA ASN A 220 -26.71 26.66 26.76
C ASN A 220 -26.24 27.68 27.80
N GLU A 221 -25.89 27.27 29.02
CA GLU A 221 -25.34 28.16 30.08
C GLU A 221 -23.80 28.22 30.08
N LEU A 222 -23.13 27.97 28.96
CA LEU A 222 -21.70 28.29 28.71
C LEU A 222 -21.61 29.23 27.50
N VAL A 223 -22.46 29.05 26.48
CA VAL A 223 -22.59 29.99 25.33
C VAL A 223 -23.08 31.36 25.83
N LYS A 224 -23.74 31.44 26.98
CA LYS A 224 -24.18 32.74 27.57
C LYS A 224 -22.97 33.65 27.83
N GLU A 225 -21.84 33.12 28.29
CA GLU A 225 -20.67 33.96 28.72
C GLU A 225 -19.44 33.79 27.79
N ALA A 226 -19.47 32.86 26.84
CA ALA A 226 -18.39 32.63 25.86
C ALA A 226 -18.95 32.40 24.45
N GLY A 227 -18.15 32.51 23.41
CA GLY A 227 -18.75 32.27 22.08
C GLY A 227 -19.18 33.54 21.37
N LYS A 228 -18.90 33.62 20.07
CA LYS A 228 -19.32 34.80 19.25
CA LYS A 228 -19.32 34.80 19.25
C LYS A 228 -20.81 35.23 18.97
N PRO A 229 -21.03 36.56 18.87
CA PRO A 229 -22.38 37.07 18.54
C PRO A 229 -22.88 36.42 17.24
N ARG A 230 -24.10 35.87 17.27
CA ARG A 230 -24.68 35.17 16.10
C ARG A 230 -24.56 36.07 14.87
N TRP A 231 -23.86 35.60 13.84
CA TRP A 231 -23.78 36.42 12.61
C TRP A 231 -25.02 36.18 11.73
N ASP A 232 -25.65 37.27 11.31
CA ASP A 232 -26.95 37.23 10.59
C ASP A 232 -26.77 36.63 9.19
N TRP A 233 -27.52 35.57 8.90
CA TRP A 233 -27.54 35.00 7.53
C TRP A 233 -29.02 34.94 7.17
N GLN A 234 -29.41 35.53 6.05
CA GLN A 234 -30.86 35.57 5.74
C GLN A 234 -31.14 34.59 4.59
N PRO A 235 -32.19 33.74 4.68
CA PRO A 235 -32.51 32.85 3.59
C PRO A 235 -32.78 33.73 2.37
N GLU A 236 -32.27 33.34 1.20
CA GLU A 236 -32.41 34.19 -0.01
C GLU A 236 -33.91 34.37 -0.28
N PRO A 237 -34.39 35.59 -0.62
CA PRO A 237 -35.81 35.89 -0.55
C PRO A 237 -36.56 34.94 -1.49
N VAL A 238 -37.72 34.45 -1.06
CA VAL A 238 -38.47 33.44 -1.88
C VAL A 238 -38.82 34.08 -3.22
N ASN A 239 -38.62 33.35 -4.32
CA ASN A 239 -39.01 33.86 -5.65
C ASN A 239 -40.49 33.59 -5.82
N GLU A 240 -41.34 34.36 -5.13
CA GLU A 240 -42.80 34.11 -5.16
C GLU A 240 -43.28 34.29 -6.60
N ALA A 241 -42.79 35.32 -7.30
CA ALA A 241 -43.27 35.61 -8.67
C ALA A 241 -42.95 34.44 -9.61
N LEU A 242 -41.76 33.86 -9.48
CA LEU A 242 -41.40 32.70 -10.33
C LEU A 242 -42.31 31.52 -9.95
N ASN A 243 -42.28 31.08 -8.69
CA ASN A 243 -43.10 29.89 -8.33
C ASN A 243 -44.58 30.18 -8.61
N ALA A 244 -44.97 31.44 -8.79
CA ALA A 244 -46.40 31.85 -8.89
C ALA A 244 -47.06 31.21 -10.13
N ARG A 245 -46.48 31.44 -11.32
CA ARG A 245 -47.13 30.96 -12.56
C ARG A 245 -46.69 29.55 -12.97
N VAL A 246 -45.44 29.16 -12.71
CA VAL A 246 -44.98 27.84 -13.25
C VAL A 246 -45.87 26.73 -12.67
N ALA A 247 -46.24 26.80 -11.38
CA ALA A 247 -47.10 25.79 -10.72
C ALA A 247 -48.45 25.71 -11.44
N ALA A 248 -49.07 26.87 -11.73
CA ALA A 248 -50.38 26.98 -12.42
C ALA A 248 -50.39 26.22 -13.76
N LEU A 249 -49.23 25.88 -14.32
CA LEU A 249 -49.13 25.16 -15.63
C LEU A 249 -48.97 23.65 -15.39
N ALA A 250 -48.29 23.21 -14.32
CA ALA A 250 -47.81 21.81 -14.19
C ALA A 250 -48.58 20.99 -13.14
N GLU A 251 -49.13 21.55 -12.06
CA GLU A 251 -49.73 20.75 -10.94
C GLU A 251 -50.80 19.78 -11.46
N ALA A 252 -51.68 20.22 -12.38
CA ALA A 252 -52.71 19.36 -13.00
C ALA A 252 -52.02 18.27 -13.83
N ARG A 253 -51.16 18.66 -14.77
CA ARG A 253 -50.49 17.72 -15.72
C ARG A 253 -49.67 16.66 -14.96
N LEU A 254 -48.93 17.09 -13.94
CA LEU A 254 -48.09 16.20 -13.11
C LEU A 254 -48.97 15.27 -12.28
N SER A 255 -50.08 15.75 -11.69
CA SER A 255 -50.99 14.87 -10.90
C SER A 255 -51.55 13.74 -11.77
N ASP A 256 -51.91 14.04 -13.04
CA ASP A 256 -52.43 13.01 -13.97
C ASP A 256 -51.26 12.12 -14.43
N ALA A 257 -50.04 12.65 -14.61
CA ALA A 257 -48.85 11.83 -14.95
C ALA A 257 -48.59 10.81 -13.82
N TYR A 258 -48.67 11.23 -12.55
CA TYR A 258 -48.47 10.32 -11.38
C TYR A 258 -49.68 9.40 -11.13
N ARG A 259 -50.76 9.52 -11.92
CA ARG A 259 -51.83 8.48 -11.94
C ARG A 259 -51.43 7.30 -12.84
N ILE A 260 -50.49 7.49 -13.78
CA ILE A 260 -50.06 6.43 -14.74
C ILE A 260 -49.23 5.40 -13.98
N THR A 261 -49.59 4.12 -14.08
CA THR A 261 -48.94 3.01 -13.34
C THR A 261 -47.61 2.63 -13.98
N ASP A 262 -47.55 2.46 -15.32
CA ASP A 262 -46.28 2.10 -16.02
C ASP A 262 -45.22 3.20 -15.81
N LYS A 263 -44.07 2.79 -15.27
CA LYS A 263 -42.84 3.59 -15.08
C LYS A 263 -42.37 4.26 -16.40
N GLN A 264 -42.47 3.58 -17.55
CA GLN A 264 -41.96 4.16 -18.82
C GLN A 264 -42.92 5.23 -19.35
N GLU A 265 -44.22 4.94 -19.46
CA GLU A 265 -45.21 5.97 -19.91
C GLU A 265 -45.21 7.14 -18.92
N ARG A 266 -45.19 6.92 -17.60
CA ARG A 266 -45.16 8.01 -16.60
C ARG A 266 -43.90 8.86 -16.83
N TYR A 267 -42.74 8.20 -16.90
CA TYR A 267 -41.44 8.92 -17.04
C TYR A 267 -41.47 9.82 -18.27
N ALA A 268 -41.81 9.25 -19.42
CA ALA A 268 -41.78 10.04 -20.67
C ALA A 268 -42.76 11.20 -20.57
N GLN A 269 -43.96 10.94 -20.05
CA GLN A 269 -44.98 12.02 -19.98
C GLN A 269 -44.45 13.12 -19.08
N VAL A 270 -43.85 12.74 -17.94
CA VAL A 270 -43.35 13.77 -16.98
C VAL A 270 -42.27 14.59 -17.69
N ASP A 271 -41.35 13.94 -18.39
CA ASP A 271 -40.23 14.69 -19.01
C ASP A 271 -40.83 15.66 -20.03
N VAL A 272 -41.79 15.18 -20.84
CA VAL A 272 -42.36 16.05 -21.91
C VAL A 272 -43.05 17.24 -21.26
N ILE A 273 -43.85 17.03 -20.22
CA ILE A 273 -44.60 18.19 -19.65
C ILE A 273 -43.58 19.16 -19.07
N LYS A 274 -42.55 18.63 -18.41
CA LYS A 274 -41.50 19.47 -17.78
C LYS A 274 -40.83 20.31 -18.86
N SER A 275 -40.32 19.65 -19.90
CA SER A 275 -39.58 20.39 -20.95
C SER A 275 -40.53 21.40 -21.60
N GLU A 276 -41.77 21.00 -21.85
CA GLU A 276 -42.75 21.89 -22.52
C GLU A 276 -42.97 23.14 -21.66
N THR A 277 -43.16 22.97 -20.36
CA THR A 277 -43.42 24.13 -19.46
C THR A 277 -42.17 25.01 -19.46
N ILE A 278 -40.98 24.40 -19.41
CA ILE A 278 -39.75 25.22 -19.35
C ILE A 278 -39.69 26.07 -20.63
N ALA A 279 -39.92 25.42 -21.78
CA ALA A 279 -39.84 26.11 -23.07
C ALA A 279 -40.81 27.30 -23.09
N THR A 280 -42.04 27.11 -22.62
CA THR A 280 -43.04 28.21 -22.72
C THR A 280 -42.58 29.42 -21.90
N LEU A 281 -42.06 29.19 -20.70
CA LEU A 281 -41.57 30.31 -19.84
C LEU A 281 -40.36 30.97 -20.51
N LEU A 282 -39.47 30.16 -21.07
CA LEU A 282 -38.27 30.72 -21.77
C LEU A 282 -38.77 31.52 -22.98
N ALA A 283 -39.80 31.04 -23.65
CA ALA A 283 -40.36 31.79 -24.80
C ALA A 283 -40.98 33.10 -24.31
N GLU A 284 -41.86 33.04 -23.31
CA GLU A 284 -42.59 34.26 -22.88
C GLU A 284 -41.65 35.34 -22.31
N ASP A 285 -40.71 34.98 -21.44
CA ASP A 285 -39.88 36.03 -20.79
C ASP A 285 -38.38 35.74 -20.91
N GLU A 286 -37.96 34.50 -20.65
CA GLU A 286 -36.51 34.15 -20.62
C GLU A 286 -35.82 35.01 -19.56
N THR A 287 -34.66 35.58 -19.88
CA THR A 287 -33.93 36.49 -18.94
C THR A 287 -33.68 35.79 -17.60
N LEU A 288 -33.53 34.47 -17.58
CA LEU A 288 -33.39 33.73 -16.30
C LEU A 288 -32.75 32.35 -16.54
N ASP A 289 -32.12 31.78 -15.51
CA ASP A 289 -31.44 30.46 -15.64
C ASP A 289 -32.47 29.32 -15.73
N GLU A 290 -32.21 28.32 -16.58
CA GLU A 290 -33.09 27.13 -16.67
C GLU A 290 -33.04 26.36 -15.35
N ASN A 291 -31.87 26.32 -14.71
CA ASN A 291 -31.69 25.53 -13.46
C ASN A 291 -32.64 26.04 -12.38
N GLU A 292 -32.86 27.37 -12.32
CA GLU A 292 -33.72 27.94 -11.25
C GLU A 292 -35.13 27.36 -11.37
N LEU A 293 -35.65 27.21 -12.60
CA LEU A 293 -37.00 26.62 -12.79
C LEU A 293 -36.93 25.13 -12.50
N GLY A 294 -35.85 24.45 -12.91
CA GLY A 294 -35.68 23.01 -12.67
C GLY A 294 -35.83 22.68 -11.20
N GLU A 295 -35.25 23.50 -10.32
CA GLU A 295 -35.40 23.29 -8.86
C GLU A 295 -36.88 23.43 -8.48
N ILE A 296 -37.54 24.47 -9.00
CA ILE A 296 -38.96 24.71 -8.63
C ILE A 296 -39.82 23.55 -9.13
N LEU A 297 -39.55 23.10 -10.36
CA LEU A 297 -40.32 21.97 -10.93
C LEU A 297 -40.09 20.72 -10.08
N HIS A 298 -38.84 20.50 -9.65
CA HIS A 298 -38.51 19.27 -8.88
C HIS A 298 -39.32 19.29 -7.59
N ALA A 299 -39.43 20.46 -6.97
CA ALA A 299 -40.20 20.58 -5.71
C ALA A 299 -41.64 20.16 -5.96
N ILE A 300 -42.29 20.73 -6.99
CA ILE A 300 -43.73 20.44 -7.24
C ILE A 300 -43.92 18.92 -7.35
N GLU A 301 -43.03 18.19 -8.04
CA GLU A 301 -43.07 16.71 -8.11
C GLU A 301 -43.10 16.12 -6.68
N LYS A 302 -42.17 16.54 -5.83
CA LYS A 302 -42.05 16.00 -4.46
C LYS A 302 -43.32 16.36 -3.68
N ASN A 303 -43.86 17.56 -3.86
CA ASN A 303 -45.11 18.01 -3.17
C ASN A 303 -46.29 17.14 -3.60
N VAL A 304 -46.50 16.91 -4.89
CA VAL A 304 -47.69 16.14 -5.37
C VAL A 304 -47.56 14.67 -4.93
N VAL A 305 -46.36 14.08 -4.93
CA VAL A 305 -46.18 12.67 -4.46
C VAL A 305 -46.52 12.58 -2.96
N ARG A 306 -45.95 13.47 -2.13
CA ARG A 306 -46.22 13.46 -0.68
C ARG A 306 -47.73 13.48 -0.46
N SER A 307 -48.45 14.34 -1.17
CA SER A 307 -49.90 14.48 -0.93
C SER A 307 -50.58 13.14 -1.22
N ARG A 308 -50.15 12.44 -2.27
CA ARG A 308 -50.85 11.19 -2.64
C ARG A 308 -50.68 10.17 -1.52
N VAL A 309 -49.46 10.01 -1.02
CA VAL A 309 -49.20 8.95 0.01
C VAL A 309 -50.03 9.27 1.27
N LEU A 310 -50.13 10.54 1.64
CA LEU A 310 -50.94 10.94 2.82
C LEU A 310 -52.40 11.02 2.36
N ALA A 311 -52.91 9.95 1.78
CA ALA A 311 -54.32 9.87 1.32
C ALA A 311 -54.56 8.40 0.97
N GLY A 312 -55.75 8.04 0.52
CA GLY A 312 -55.98 6.64 0.10
C GLY A 312 -55.57 6.41 -1.34
N GLU A 313 -54.27 6.43 -1.64
CA GLU A 313 -53.79 6.27 -3.04
C GLU A 313 -52.57 5.35 -3.08
N PRO A 314 -52.37 4.56 -4.14
CA PRO A 314 -51.17 3.73 -4.27
C PRO A 314 -49.95 4.64 -4.52
N ARG A 315 -48.75 4.18 -4.15
CA ARG A 315 -47.56 5.07 -4.27
C ARG A 315 -46.87 4.93 -5.64
N ILE A 316 -45.64 5.44 -5.75
CA ILE A 316 -44.86 5.44 -7.03
C ILE A 316 -44.83 4.02 -7.64
N ASP A 317 -44.72 2.97 -6.83
CA ASP A 317 -44.53 1.59 -7.34
C ASP A 317 -45.87 0.91 -7.65
N GLY A 318 -47.00 1.62 -7.51
CA GLY A 318 -48.36 1.11 -7.81
C GLY A 318 -48.98 0.22 -6.73
N ARG A 319 -48.51 0.35 -5.47
CA ARG A 319 -48.88 -0.57 -4.36
C ARG A 319 -49.11 0.20 -3.05
N GLU A 320 -49.58 -0.51 -2.03
CA GLU A 320 -50.03 -0.02 -0.71
C GLU A 320 -48.84 0.33 0.22
N LYS A 321 -49.16 0.69 1.46
CA LYS A 321 -48.16 1.00 2.53
C LYS A 321 -47.53 -0.31 3.04
N ASP A 322 -48.31 -1.35 3.29
CA ASP A 322 -47.86 -2.63 3.91
C ASP A 322 -47.07 -3.52 2.94
N MET A 323 -47.37 -3.50 1.63
CA MET A 323 -46.89 -4.51 0.66
C MET A 323 -45.39 -4.42 0.36
N ILE A 324 -44.71 -5.57 0.35
CA ILE A 324 -43.24 -5.71 0.07
C ILE A 324 -43.07 -6.14 -1.40
N ARG A 325 -41.92 -5.85 -2.00
CA ARG A 325 -41.55 -6.32 -3.35
C ARG A 325 -41.48 -7.84 -3.41
N GLY A 326 -41.75 -8.42 -4.59
CA GLY A 326 -41.59 -9.87 -4.87
C GLY A 326 -40.16 -10.32 -4.59
N LEU A 327 -39.99 -11.49 -3.96
CA LEU A 327 -38.65 -12.04 -3.61
C LEU A 327 -38.25 -13.16 -4.57
N ASP A 328 -36.98 -13.18 -4.94
CA ASP A 328 -36.32 -14.33 -5.60
C ASP A 328 -35.03 -14.64 -4.81
N VAL A 329 -34.89 -15.89 -4.37
CA VAL A 329 -33.76 -16.33 -3.50
C VAL A 329 -33.16 -17.61 -4.06
N ARG A 330 -31.84 -17.65 -4.18
CA ARG A 330 -31.09 -18.79 -4.77
C ARG A 330 -29.81 -19.01 -3.98
N THR A 331 -29.45 -20.27 -3.73
CA THR A 331 -28.26 -20.63 -2.91
C THR A 331 -27.29 -21.51 -3.72
N GLY A 332 -25.99 -21.40 -3.41
CA GLY A 332 -24.91 -22.15 -4.09
C GLY A 332 -24.77 -21.78 -5.55
N VAL A 333 -25.07 -20.52 -5.90
CA VAL A 333 -25.13 -20.03 -7.32
C VAL A 333 -23.72 -19.99 -7.92
N LEU A 334 -22.68 -19.71 -7.13
CA LEU A 334 -21.26 -19.70 -7.61
C LEU A 334 -20.62 -21.06 -7.35
N PRO A 335 -19.87 -21.61 -8.32
CA PRO A 335 -19.04 -22.80 -8.08
C PRO A 335 -17.73 -22.47 -7.35
N ARG A 336 -17.14 -23.46 -6.68
CA ARG A 336 -15.78 -23.43 -6.06
C ARG A 336 -15.60 -22.20 -5.15
N THR A 337 -16.63 -21.82 -4.40
CA THR A 337 -16.53 -20.88 -3.25
C THR A 337 -17.22 -21.52 -2.04
N HIS A 338 -16.71 -21.25 -0.84
CA HIS A 338 -17.09 -22.00 0.40
C HIS A 338 -18.58 -21.88 0.69
N GLY A 339 -19.20 -20.75 0.33
CA GLY A 339 -20.66 -20.58 0.38
C GLY A 339 -21.10 -19.32 -0.31
N SER A 340 -22.18 -19.37 -1.09
CA SER A 340 -22.65 -18.20 -1.90
C SER A 340 -24.16 -18.22 -2.03
N ALA A 341 -24.76 -17.04 -2.19
CA ALA A 341 -26.22 -16.88 -2.34
C ALA A 341 -26.54 -15.59 -3.08
N LEU A 342 -27.63 -15.60 -3.84
CA LEU A 342 -28.11 -14.42 -4.59
C LEU A 342 -29.50 -14.08 -4.07
N PHE A 343 -29.69 -12.89 -3.54
CA PHE A 343 -30.95 -12.43 -2.92
C PHE A 343 -31.46 -11.22 -3.72
N THR A 344 -32.70 -11.26 -4.17
CA THR A 344 -33.24 -10.30 -5.17
C THR A 344 -34.59 -9.79 -4.69
N ARG A 345 -34.64 -8.54 -4.21
CA ARG A 345 -35.89 -7.94 -3.68
C ARG A 345 -36.30 -6.86 -4.67
N GLY A 346 -37.12 -7.19 -5.65
CA GLY A 346 -37.51 -6.26 -6.73
C GLY A 346 -36.27 -5.83 -7.51
N GLU A 347 -36.18 -4.54 -7.88
CA GLU A 347 -34.97 -3.95 -8.51
C GLU A 347 -33.88 -3.68 -7.45
N THR A 348 -33.43 -4.72 -6.75
CA THR A 348 -32.26 -4.65 -5.83
C THR A 348 -31.71 -6.06 -5.68
N GLN A 349 -30.44 -6.27 -5.98
CA GLN A 349 -29.88 -7.63 -6.17
C GLN A 349 -28.48 -7.72 -5.54
N ALA A 350 -28.38 -8.42 -4.43
CA ALA A 350 -27.10 -8.61 -3.69
C ALA A 350 -26.57 -10.03 -3.93
N LEU A 351 -25.39 -10.15 -4.51
CA LEU A 351 -24.63 -11.43 -4.56
C LEU A 351 -23.73 -11.47 -3.33
N VAL A 352 -23.89 -12.46 -2.46
CA VAL A 352 -23.10 -12.53 -1.20
C VAL A 352 -22.35 -13.86 -1.14
N THR A 353 -21.12 -13.81 -0.61
CA THR A 353 -20.20 -14.96 -0.57
C THR A 353 -19.52 -15.01 0.79
N ALA A 354 -19.43 -16.19 1.40
CA ALA A 354 -18.76 -16.45 2.69
C ALA A 354 -17.54 -17.34 2.44
N THR A 355 -16.40 -17.01 3.03
CA THR A 355 -15.12 -17.74 2.92
C THR A 355 -14.63 -18.09 4.33
N LEU A 356 -14.14 -19.32 4.52
CA LEU A 356 -13.70 -19.83 5.84
C LEU A 356 -12.17 -19.79 5.86
N GLY A 357 -11.59 -19.17 6.88
CA GLY A 357 -10.12 -18.99 7.01
C GLY A 357 -9.60 -19.61 8.29
N THR A 358 -8.32 -19.98 8.27
CA THR A 358 -7.56 -20.50 9.43
C THR A 358 -7.32 -19.37 10.43
N ALA A 359 -7.05 -19.67 11.70
CA ALA A 359 -6.81 -18.70 12.80
C ALA A 359 -5.75 -17.63 12.40
N ARG A 360 -4.78 -17.97 11.55
CA ARG A 360 -3.74 -17.06 11.03
C ARG A 360 -4.35 -15.84 10.31
N ASP A 361 -5.51 -16.01 9.71
CA ASP A 361 -6.23 -15.08 8.81
C ASP A 361 -7.10 -14.11 9.63
N ALA A 362 -7.18 -14.23 10.96
CA ALA A 362 -7.86 -13.26 11.84
C ALA A 362 -7.27 -11.86 11.67
N GLN A 363 -8.08 -10.80 11.80
CA GLN A 363 -7.57 -9.41 11.65
C GLN A 363 -7.12 -8.88 13.02
N VAL A 364 -5.83 -8.95 13.32
CA VAL A 364 -5.26 -8.10 14.42
C VAL A 364 -5.43 -6.64 14.01
N LEU A 365 -5.85 -5.80 14.93
CA LEU A 365 -6.41 -4.45 14.64
C LEU A 365 -6.02 -3.49 15.76
N ASP A 366 -5.14 -2.54 15.43
CA ASP A 366 -4.52 -1.54 16.35
C ASP A 366 -5.44 -0.33 16.49
N GLU A 367 -5.96 -0.03 17.69
CA GLU A 367 -6.72 1.23 17.93
C GLU A 367 -6.48 1.73 19.37
N LEU A 368 -7.05 2.89 19.70
CA LEU A 368 -6.80 3.62 20.97
C LEU A 368 -7.30 2.79 22.16
N MET A 369 -8.39 2.03 22.00
CA MET A 369 -9.04 1.32 23.14
C MET A 369 -8.37 -0.04 23.36
N GLY A 370 -7.05 -0.11 23.22
CA GLY A 370 -6.24 -1.34 23.22
C GLY A 370 -6.28 -2.04 21.86
N GLU A 371 -5.28 -2.87 21.59
CA GLU A 371 -5.27 -3.79 20.41
C GLU A 371 -6.43 -4.79 20.55
N ARG A 372 -7.09 -5.08 19.43
CA ARG A 372 -8.16 -6.11 19.42
C ARG A 372 -7.92 -7.02 18.21
N THR A 373 -8.64 -8.13 18.11
CA THR A 373 -8.50 -9.12 17.02
C THR A 373 -9.90 -9.51 16.57
N ASP A 374 -10.25 -9.27 15.30
CA ASP A 374 -11.60 -9.63 14.78
C ASP A 374 -11.57 -10.94 13.99
N THR A 375 -12.55 -11.82 14.25
CA THR A 375 -12.61 -13.13 13.58
C THR A 375 -13.74 -13.12 12.54
N PHE A 376 -14.62 -12.13 12.59
CA PHE A 376 -15.70 -11.98 11.58
C PHE A 376 -15.45 -10.70 10.81
N LEU A 377 -15.30 -10.82 9.49
CA LEU A 377 -14.97 -9.69 8.58
C LEU A 377 -16.13 -9.50 7.61
N PHE A 378 -16.64 -8.29 7.46
CA PHE A 378 -17.69 -7.96 6.48
C PHE A 378 -17.16 -6.90 5.51
N HIS A 379 -17.26 -7.14 4.22
CA HIS A 379 -16.86 -6.16 3.17
C HIS A 379 -18.03 -5.97 2.20
N TYR A 380 -18.36 -4.72 1.89
CA TYR A 380 -19.50 -4.32 1.06
C TYR A 380 -18.92 -3.50 -0.08
N ASN A 381 -19.15 -3.89 -1.33
CA ASN A 381 -18.68 -3.03 -2.46
C ASN A 381 -19.82 -2.76 -3.44
N PHE A 382 -19.98 -1.45 -3.72
CA PHE A 382 -21.09 -0.92 -4.55
C PHE A 382 -20.51 -0.44 -5.89
N PRO A 383 -20.38 -1.30 -6.93
CA PRO A 383 -19.80 -0.94 -8.22
C PRO A 383 -20.75 -0.06 -9.03
N PRO A 384 -20.21 0.83 -9.88
CA PRO A 384 -20.99 1.90 -10.49
C PRO A 384 -22.01 1.44 -11.53
N TYR A 385 -21.87 0.24 -12.10
CA TYR A 385 -22.86 -0.32 -13.06
C TYR A 385 -24.17 -0.66 -12.34
N SER A 386 -24.16 -0.79 -11.01
CA SER A 386 -25.36 -1.17 -10.21
C SER A 386 -26.47 -0.11 -10.33
N VAL A 387 -26.15 1.18 -10.34
CA VAL A 387 -27.17 2.27 -10.50
C VAL A 387 -27.38 2.58 -11.99
N GLY A 388 -26.63 1.93 -12.89
CA GLY A 388 -26.75 2.14 -14.36
C GLY A 388 -25.97 3.34 -14.85
N GLU A 389 -24.88 3.70 -14.15
CA GLU A 389 -24.04 4.88 -14.48
C GLU A 389 -22.65 4.40 -14.84
N THR A 390 -21.89 5.23 -15.56
CA THR A 390 -20.50 4.93 -16.00
C THR A 390 -19.53 5.78 -15.17
N GLY A 391 -19.47 5.43 -13.89
CA GLY A 391 -18.58 6.03 -12.87
C GLY A 391 -17.15 5.54 -13.03
N MET A 392 -16.43 5.52 -11.90
CA MET A 392 -15.04 4.97 -11.89
C MET A 392 -14.91 4.04 -10.68
N VAL A 393 -14.43 2.82 -10.89
CA VAL A 393 -14.22 1.85 -9.76
C VAL A 393 -12.90 2.22 -9.08
N GLY A 394 -12.86 2.08 -7.75
CA GLY A 394 -11.68 2.34 -6.90
C GLY A 394 -11.97 2.07 -5.43
N SER A 395 -11.21 2.71 -4.54
CA SER A 395 -11.31 2.48 -3.07
C SER A 395 -12.70 2.81 -2.53
N PRO A 396 -13.14 2.22 -1.40
CA PRO A 396 -14.48 2.44 -0.87
C PRO A 396 -14.81 3.86 -0.42
N LYS A 397 -16.02 4.33 -0.73
CA LYS A 397 -16.48 5.66 -0.24
C LYS A 397 -17.00 5.49 1.19
N ARG A 398 -17.34 6.59 1.87
CA ARG A 398 -17.83 6.53 3.28
C ARG A 398 -19.13 5.72 3.34
N ARG A 399 -20.00 5.86 2.33
CA ARG A 399 -21.27 5.09 2.30
C ARG A 399 -20.98 3.58 2.25
N GLU A 400 -19.98 3.16 1.47
CA GLU A 400 -19.64 1.71 1.36
C GLU A 400 -19.22 1.18 2.72
N ILE A 401 -18.48 1.99 3.50
CA ILE A 401 -18.07 1.57 4.88
C ILE A 401 -19.31 1.61 5.77
N GLY A 402 -20.02 2.73 5.79
CA GLY A 402 -21.25 2.88 6.62
C GLY A 402 -22.17 1.68 6.50
N HIS A 403 -22.59 1.35 5.28
CA HIS A 403 -23.49 0.20 4.99
C HIS A 403 -22.83 -1.12 5.38
N GLY A 404 -21.53 -1.28 5.09
CA GLY A 404 -20.76 -2.48 5.49
C GLY A 404 -20.82 -2.71 6.99
N ARG A 405 -20.68 -1.63 7.75
CA ARG A 405 -20.71 -1.66 9.24
C ARG A 405 -22.11 -2.01 9.71
N LEU A 406 -23.16 -1.37 9.19
CA LEU A 406 -24.55 -1.66 9.62
C LEU A 406 -24.89 -3.14 9.35
N ALA A 407 -24.57 -3.67 8.17
CA ALA A 407 -24.84 -5.09 7.86
C ALA A 407 -24.10 -5.98 8.86
N LYS A 408 -22.85 -5.64 9.19
CA LYS A 408 -22.02 -6.42 10.15
C LYS A 408 -22.73 -6.43 11.52
N ARG A 409 -23.26 -5.30 12.00
CA ARG A 409 -24.01 -5.25 13.29
C ARG A 409 -25.20 -6.22 13.23
N GLY A 410 -25.92 -6.23 12.11
CA GLY A 410 -27.13 -7.05 11.90
C GLY A 410 -26.86 -8.55 12.03
N VAL A 411 -25.71 -9.02 11.53
CA VAL A 411 -25.37 -10.47 11.57
C VAL A 411 -24.61 -10.81 12.86
N LEU A 412 -23.76 -9.93 13.40
CA LEU A 412 -22.77 -10.26 14.47
C LEU A 412 -23.45 -10.86 15.70
N ALA A 413 -24.68 -10.45 16.03
CA ALA A 413 -25.44 -10.93 17.20
C ALA A 413 -25.83 -12.40 17.08
N VAL A 414 -25.73 -13.01 15.90
CA VAL A 414 -26.23 -14.39 15.60
C VAL A 414 -25.06 -15.34 15.23
N MET A 415 -23.83 -14.82 15.15
CA MET A 415 -22.67 -15.66 14.74
C MET A 415 -22.29 -16.59 15.89
N PRO A 416 -21.76 -17.82 15.64
CA PRO A 416 -21.48 -18.75 16.73
C PRO A 416 -20.24 -18.38 17.56
N ASP A 417 -20.13 -18.93 18.76
CA ASP A 417 -18.98 -18.62 19.65
C ASP A 417 -17.72 -19.26 19.06
N MET A 418 -16.54 -18.74 19.40
CA MET A 418 -15.28 -19.24 18.80
C MET A 418 -15.11 -20.72 19.14
N ASP A 419 -15.47 -21.13 20.37
CA ASP A 419 -15.23 -22.54 20.75
C ASP A 419 -16.02 -23.48 19.83
N LYS A 420 -17.27 -23.13 19.52
CA LYS A 420 -18.11 -24.00 18.65
C LYS A 420 -17.52 -24.10 17.24
N PHE A 421 -17.06 -22.98 16.65
CA PHE A 421 -16.55 -23.00 15.25
C PHE A 421 -15.14 -22.41 15.25
N PRO A 422 -14.09 -23.16 14.85
CA PRO A 422 -12.71 -22.66 14.94
C PRO A 422 -12.16 -21.94 13.69
N TYR A 423 -13.03 -21.26 12.94
CA TYR A 423 -12.57 -20.61 11.69
C TYR A 423 -13.01 -19.14 11.63
N THR A 424 -12.15 -18.25 11.15
CA THR A 424 -12.50 -16.84 10.92
C THR A 424 -13.28 -16.78 9.63
N VAL A 425 -14.42 -16.08 9.58
CA VAL A 425 -15.25 -16.06 8.34
C VAL A 425 -15.28 -14.64 7.77
N ARG A 426 -14.98 -14.53 6.47
CA ARG A 426 -15.12 -13.25 5.74
C ARG A 426 -16.35 -13.31 4.83
N VAL A 427 -17.27 -12.37 5.02
CA VAL A 427 -18.45 -12.24 4.13
C VAL A 427 -18.23 -11.03 3.21
N VAL A 428 -18.33 -11.24 1.91
CA VAL A 428 -18.21 -10.17 0.89
C VAL A 428 -19.55 -10.05 0.19
N SER A 429 -20.12 -8.86 0.21
CA SER A 429 -21.41 -8.53 -0.46
C SER A 429 -21.15 -7.62 -1.67
N GLU A 430 -21.68 -8.01 -2.82
CA GLU A 430 -21.42 -7.31 -4.09
C GLU A 430 -22.75 -6.86 -4.67
N ILE A 431 -23.12 -5.60 -4.54
CA ILE A 431 -24.46 -5.13 -4.97
C ILE A 431 -24.47 -5.02 -6.51
N THR A 432 -25.26 -5.85 -7.20
CA THR A 432 -25.23 -5.90 -8.69
C THR A 432 -26.24 -4.92 -9.29
N GLU A 433 -27.33 -4.60 -8.58
CA GLU A 433 -28.33 -3.59 -9.01
C GLU A 433 -28.92 -2.96 -7.75
N SER A 434 -29.22 -1.66 -7.78
CA SER A 434 -29.77 -0.94 -6.60
C SER A 434 -30.80 0.11 -7.02
N ASN A 435 -31.97 0.07 -6.38
CA ASN A 435 -33.01 1.12 -6.49
C ASN A 435 -33.64 1.33 -5.10
N GLY A 436 -32.81 1.37 -4.06
CA GLY A 436 -33.27 1.58 -2.66
C GLY A 436 -32.27 1.06 -1.64
N SER A 437 -32.75 0.37 -0.61
CA SER A 437 -31.97 0.02 0.60
C SER A 437 -31.16 -1.27 0.41
N SER A 438 -29.99 -1.17 -0.21
CA SER A 438 -29.12 -2.32 -0.54
C SER A 438 -28.48 -2.93 0.72
N SER A 439 -28.27 -2.17 1.80
CA SER A 439 -27.67 -2.68 3.06
C SER A 439 -28.56 -3.77 3.68
N MET A 440 -29.88 -3.67 3.62
CA MET A 440 -30.76 -4.72 4.22
C MET A 440 -30.83 -5.96 3.31
N ALA A 441 -30.67 -5.81 1.98
CA ALA A 441 -30.52 -6.96 1.06
C ALA A 441 -29.20 -7.68 1.33
N SER A 442 -28.19 -6.96 1.83
CA SER A 442 -26.86 -7.51 2.17
C SER A 442 -26.95 -8.40 3.42
N VAL A 443 -27.73 -8.03 4.43
CA VAL A 443 -27.95 -8.83 5.67
C VAL A 443 -28.63 -10.14 5.28
N CYS A 444 -29.70 -10.08 4.48
CA CYS A 444 -30.45 -11.28 4.05
C CYS A 444 -29.51 -12.24 3.31
N GLY A 445 -28.78 -11.72 2.31
CA GLY A 445 -27.80 -12.47 1.52
C GLY A 445 -26.73 -13.10 2.40
N ALA A 446 -26.21 -12.37 3.39
CA ALA A 446 -25.16 -12.85 4.31
C ALA A 446 -25.69 -14.01 5.14
N SER A 447 -26.92 -13.93 5.63
CA SER A 447 -27.54 -15.02 6.42
C SER A 447 -27.64 -16.29 5.56
N LEU A 448 -28.03 -16.17 4.29
CA LEU A 448 -28.11 -17.33 3.35
C LEU A 448 -26.70 -17.88 3.07
N ALA A 449 -25.72 -17.03 2.75
CA ALA A 449 -24.35 -17.48 2.40
C ALA A 449 -23.72 -18.21 3.61
N LEU A 450 -23.86 -17.65 4.82
CA LEU A 450 -23.35 -18.27 6.07
C LEU A 450 -24.03 -19.62 6.30
N MET A 451 -25.35 -19.71 6.24
CA MET A 451 -26.09 -20.99 6.41
C MET A 451 -25.66 -22.04 5.37
N ASP A 452 -25.36 -21.60 4.16
CA ASP A 452 -24.96 -22.48 3.02
C ASP A 452 -23.54 -23.03 3.25
N ALA A 453 -22.61 -22.22 3.75
CA ALA A 453 -21.20 -22.65 3.96
C ALA A 453 -21.12 -23.63 5.13
N GLY A 454 -22.19 -23.77 5.92
CA GLY A 454 -22.25 -24.68 7.08
C GLY A 454 -21.81 -24.01 8.37
N VAL A 455 -21.85 -22.68 8.45
CA VAL A 455 -21.58 -21.97 9.72
C VAL A 455 -22.80 -22.21 10.61
N PRO A 456 -22.64 -22.76 11.84
CA PRO A 456 -23.79 -23.06 12.70
C PRO A 456 -24.28 -21.80 13.41
N ILE A 457 -24.99 -20.94 12.69
CA ILE A 457 -25.61 -19.69 13.21
C ILE A 457 -26.85 -20.09 14.02
N LYS A 458 -27.30 -19.21 14.91
CA LYS A 458 -28.40 -19.49 15.88
C LYS A 458 -29.75 -19.40 15.18
N ALA A 459 -29.94 -18.47 14.22
CA ALA A 459 -31.21 -18.27 13.47
C ALA A 459 -30.94 -17.52 12.17
N ALA A 460 -31.87 -17.60 11.22
CA ALA A 460 -31.88 -16.70 10.03
C ALA A 460 -32.10 -15.25 10.47
N VAL A 461 -31.51 -14.29 9.76
CA VAL A 461 -31.76 -12.83 9.99
C VAL A 461 -32.17 -12.14 8.69
N ALA A 462 -33.01 -11.12 8.80
CA ALA A 462 -33.61 -10.42 7.65
C ALA A 462 -33.92 -8.96 8.04
N GLY A 463 -33.93 -8.08 7.05
CA GLY A 463 -33.94 -6.62 7.27
C GLY A 463 -34.91 -5.89 6.37
N ILE A 464 -35.35 -4.71 6.80
CA ILE A 464 -36.36 -3.88 6.09
C ILE A 464 -36.02 -2.40 6.29
N ALA A 465 -36.09 -1.59 5.24
CA ALA A 465 -35.90 -0.12 5.34
C ALA A 465 -37.27 0.55 5.27
N MET A 466 -37.74 1.01 6.42
CA MET A 466 -39.04 1.71 6.54
C MET A 466 -38.81 3.20 6.26
N GLY A 467 -39.88 3.91 5.87
CA GLY A 467 -39.96 5.38 5.93
C GLY A 467 -41.26 5.82 6.54
N LEU A 468 -41.29 6.99 7.18
CA LEU A 468 -42.55 7.55 7.72
C LEU A 468 -42.69 8.98 7.19
N VAL A 469 -43.90 9.31 6.72
CA VAL A 469 -44.20 10.69 6.24
C VAL A 469 -45.30 11.27 7.14
N LYS A 470 -45.03 12.38 7.82
CA LYS A 470 -45.99 13.03 8.74
C LYS A 470 -46.18 14.48 8.33
N GLU A 471 -47.47 14.89 8.27
CA GLU A 471 -47.86 16.31 8.04
C GLU A 471 -49.00 16.57 9.03
N GLY A 472 -48.93 17.63 9.84
CA GLY A 472 -49.89 17.91 10.92
C GLY A 472 -50.06 16.71 11.84
N ASP A 473 -51.29 16.20 11.99
CA ASP A 473 -51.63 15.10 12.93
C ASP A 473 -51.72 13.74 12.22
N ASN A 474 -51.54 13.71 10.90
CA ASN A 474 -51.71 12.45 10.13
C ASN A 474 -50.35 11.91 9.68
N TYR A 475 -50.17 10.59 9.80
CA TYR A 475 -48.87 9.97 9.44
C TYR A 475 -49.14 8.67 8.66
N VAL A 476 -48.26 8.32 7.73
CA VAL A 476 -48.40 7.02 7.01
C VAL A 476 -47.02 6.36 7.01
N VAL A 477 -46.91 5.12 7.47
CA VAL A 477 -45.61 4.38 7.54
C VAL A 477 -45.51 3.53 6.28
N LEU A 478 -44.43 3.66 5.52
CA LEU A 478 -44.24 2.87 4.27
C LEU A 478 -43.27 1.72 4.54
N SER A 479 -43.69 0.49 4.26
CA SER A 479 -42.78 -0.69 4.23
C SER A 479 -42.00 -0.72 2.92
N ASP A 480 -40.74 -1.13 2.96
CA ASP A 480 -39.88 -1.35 1.76
C ASP A 480 -39.92 -0.12 0.85
N ILE A 481 -39.38 1.00 1.34
CA ILE A 481 -39.43 2.30 0.63
C ILE A 481 -38.49 2.26 -0.58
N LEU A 482 -38.93 2.82 -1.71
CA LEU A 482 -38.07 2.94 -2.93
C LEU A 482 -36.93 3.94 -2.69
N GLY A 483 -35.84 3.81 -3.43
CA GLY A 483 -34.77 4.83 -3.45
C GLY A 483 -35.29 6.17 -3.94
N ASP A 484 -36.18 6.15 -4.92
CA ASP A 484 -36.84 7.37 -5.48
C ASP A 484 -37.74 8.04 -4.42
N GLU A 485 -38.31 7.27 -3.49
CA GLU A 485 -39.21 7.77 -2.42
C GLU A 485 -38.45 8.30 -1.20
N ASP A 486 -37.12 8.38 -1.21
CA ASP A 486 -36.30 8.82 -0.05
C ASP A 486 -36.73 10.23 0.42
N HIS A 487 -37.02 11.13 -0.52
CA HIS A 487 -37.37 12.55 -0.21
C HIS A 487 -38.69 12.61 0.57
N LEU A 488 -39.57 11.63 0.37
CA LEU A 488 -40.92 11.62 0.97
C LEU A 488 -40.79 11.30 2.46
N GLY A 489 -39.90 10.41 2.88
CA GLY A 489 -39.76 10.08 4.33
C GLY A 489 -39.20 11.24 5.12
N ASP A 490 -39.91 11.71 6.17
CA ASP A 490 -39.33 12.73 7.10
C ASP A 490 -38.35 11.99 8.01
N MET A 491 -38.74 10.81 8.47
CA MET A 491 -37.79 9.88 9.15
C MET A 491 -37.75 8.59 8.34
N ASP A 492 -36.60 7.93 8.34
CA ASP A 492 -36.49 6.56 7.81
C ASP A 492 -35.57 5.75 8.72
N PHE A 493 -35.79 4.45 8.75
CA PHE A 493 -35.12 3.59 9.74
C PHE A 493 -35.01 2.17 9.22
N LYS A 494 -33.97 1.49 9.65
CA LYS A 494 -33.61 0.16 9.13
C LYS A 494 -33.61 -0.78 10.32
N VAL A 495 -34.40 -1.84 10.21
CA VAL A 495 -34.55 -2.83 11.29
C VAL A 495 -34.09 -4.18 10.74
N ALA A 496 -33.14 -4.81 11.41
CA ALA A 496 -32.60 -6.13 11.01
C ALA A 496 -32.65 -7.07 12.21
N GLY A 497 -33.10 -8.31 12.03
CA GLY A 497 -33.13 -9.26 13.17
C GLY A 497 -33.73 -10.61 12.86
N SER A 498 -33.75 -11.45 13.89
CA SER A 498 -34.34 -12.82 13.87
C SER A 498 -35.87 -12.76 13.97
N ARG A 499 -36.52 -13.90 13.77
CA ARG A 499 -37.95 -14.16 14.08
C ARG A 499 -38.30 -13.72 15.52
N ASP A 500 -37.34 -13.66 16.43
CA ASP A 500 -37.58 -13.46 17.88
C ASP A 500 -36.73 -12.34 18.51
N GLY A 501 -36.36 -11.29 17.75
CA GLY A 501 -35.79 -10.05 18.32
C GLY A 501 -34.96 -9.22 17.36
N ILE A 502 -34.88 -7.92 17.60
CA ILE A 502 -34.06 -6.97 16.80
C ILE A 502 -32.57 -7.22 17.06
N SER A 503 -31.77 -7.25 16.01
CA SER A 503 -30.29 -7.37 16.08
C SER A 503 -29.65 -6.00 15.88
N ALA A 504 -30.10 -5.22 14.90
CA ALA A 504 -29.60 -3.85 14.68
C ALA A 504 -30.75 -2.90 14.35
N LEU A 505 -30.71 -1.70 14.91
CA LEU A 505 -31.68 -0.63 14.60
C LEU A 505 -30.90 0.66 14.33
N GLN A 506 -31.26 1.33 13.25
CA GLN A 506 -30.79 2.69 12.94
C GLN A 506 -32.01 3.54 12.56
N MET A 507 -32.08 4.76 13.06
CA MET A 507 -33.12 5.76 12.70
C MET A 507 -32.42 7.10 12.45
N ASP A 508 -32.77 7.78 11.37
CA ASP A 508 -32.34 9.19 11.16
C ASP A 508 -33.58 10.04 10.91
N ILE A 509 -33.73 11.12 11.67
CA ILE A 509 -35.02 11.88 11.81
C ILE A 509 -34.76 13.31 11.30
N LYS A 510 -35.72 13.92 10.61
CA LYS A 510 -35.53 15.33 10.17
C LYS A 510 -36.63 16.24 10.72
N ILE A 511 -37.59 15.73 11.50
CA ILE A 511 -38.75 16.54 11.97
C ILE A 511 -39.12 16.17 13.42
N GLU A 512 -39.39 17.19 14.24
CA GLU A 512 -39.70 17.03 15.69
C GLU A 512 -41.15 16.52 15.90
N GLY A 513 -41.42 15.93 17.05
CA GLY A 513 -42.78 15.52 17.49
C GLY A 513 -43.07 14.05 17.24
N ILE A 514 -42.02 13.26 16.96
CA ILE A 514 -42.17 11.78 16.82
C ILE A 514 -42.20 11.21 18.24
N THR A 515 -43.38 10.91 18.79
CA THR A 515 -43.57 10.40 20.17
C THR A 515 -43.32 8.89 20.22
N LYS A 516 -43.17 8.31 21.42
CA LYS A 516 -43.08 6.82 21.49
C LYS A 516 -44.37 6.21 20.92
N GLU A 517 -45.51 6.88 21.10
CA GLU A 517 -46.82 6.43 20.53
C GLU A 517 -46.73 6.23 19.02
N ILE A 518 -45.94 7.02 18.31
CA ILE A 518 -45.69 6.85 16.85
C ILE A 518 -44.68 5.72 16.65
N MET A 519 -43.55 5.76 17.37
CA MET A 519 -42.44 4.79 17.24
C MET A 519 -42.94 3.34 17.41
N GLN A 520 -43.86 3.12 18.37
CA GLN A 520 -44.44 1.77 18.61
C GLN A 520 -45.14 1.25 17.34
N VAL A 521 -45.97 2.08 16.69
CA VAL A 521 -46.73 1.63 15.48
C VAL A 521 -45.74 1.45 14.33
N ALA A 522 -44.72 2.31 14.23
CA ALA A 522 -43.72 2.27 13.13
C ALA A 522 -42.90 0.97 13.22
N LEU A 523 -42.44 0.56 14.41
CA LEU A 523 -41.71 -0.72 14.58
C LEU A 523 -42.66 -1.91 14.43
N ASN A 524 -43.95 -1.80 14.78
CA ASN A 524 -44.92 -2.91 14.58
C ASN A 524 -45.11 -3.19 13.08
N GLN A 525 -45.13 -2.14 12.26
CA GLN A 525 -45.21 -2.25 10.78
C GLN A 525 -43.94 -2.97 10.28
N ALA A 526 -42.76 -2.66 10.83
CA ALA A 526 -41.49 -3.31 10.42
C ALA A 526 -41.51 -4.79 10.83
N LYS A 527 -42.06 -5.14 11.99
CA LYS A 527 -42.22 -6.55 12.45
C LYS A 527 -43.08 -7.30 11.42
N GLY A 528 -44.16 -6.69 10.94
CA GLY A 528 -45.05 -7.25 9.89
C GLY A 528 -44.31 -7.64 8.62
N ALA A 529 -43.26 -6.91 8.24
CA ALA A 529 -42.51 -7.09 6.98
C ALA A 529 -41.37 -8.10 7.17
N ARG A 530 -40.55 -7.98 8.23
CA ARG A 530 -39.42 -8.93 8.47
C ARG A 530 -39.93 -10.37 8.57
N LEU A 531 -41.09 -10.56 9.22
CA LEU A 531 -41.70 -11.88 9.47
C LEU A 531 -42.17 -12.52 8.16
N HIS A 532 -42.45 -11.70 7.13
CA HIS A 532 -42.81 -12.17 5.77
C HIS A 532 -41.55 -12.65 5.04
N ILE A 533 -40.48 -11.84 5.03
CA ILE A 533 -39.21 -12.13 4.30
C ILE A 533 -38.66 -13.45 4.83
N LEU A 534 -38.57 -13.61 6.16
CA LEU A 534 -38.10 -14.86 6.81
C LEU A 534 -38.98 -16.06 6.41
N GLY A 535 -40.27 -15.84 6.14
CA GLY A 535 -41.20 -16.86 5.63
C GLY A 535 -40.83 -17.40 4.25
N VAL A 536 -40.28 -16.56 3.38
CA VAL A 536 -39.82 -16.96 2.01
C VAL A 536 -38.40 -17.53 2.14
N MET A 537 -37.54 -16.89 2.92
CA MET A 537 -36.10 -17.24 3.01
C MET A 537 -35.93 -18.69 3.53
N GLU A 538 -36.74 -19.09 4.52
CA GLU A 538 -36.65 -20.43 5.15
C GLU A 538 -36.93 -21.53 4.12
N GLN A 539 -37.75 -21.24 3.10
CA GLN A 539 -38.08 -22.26 2.06
C GLN A 539 -36.79 -22.61 1.30
N ALA A 540 -35.89 -21.64 1.08
CA ALA A 540 -34.59 -21.89 0.39
C ALA A 540 -33.66 -22.71 1.29
N ILE A 541 -33.49 -22.29 2.54
CA ILE A 541 -32.68 -23.02 3.57
C ILE A 541 -33.43 -23.05 4.90
N ASN A 542 -33.94 -24.22 5.30
CA ASN A 542 -34.61 -24.40 6.62
C ASN A 542 -33.54 -24.41 7.74
N ALA A 543 -32.38 -25.00 7.49
CA ALA A 543 -31.30 -25.18 8.50
C ALA A 543 -29.92 -25.15 7.84
N PRO A 544 -28.85 -24.75 8.56
CA PRO A 544 -27.48 -24.84 8.05
C PRO A 544 -27.08 -26.23 7.55
N ARG A 545 -26.20 -26.28 6.55
CA ARG A 545 -25.67 -27.55 5.97
C ARG A 545 -24.83 -28.33 7.01
N GLY A 546 -25.00 -29.65 7.04
CA GLY A 546 -24.49 -30.53 8.10
C GLY A 546 -22.98 -30.49 8.17
N ASP A 547 -22.32 -30.50 7.01
CA ASP A 547 -20.84 -30.44 6.88
C ASP A 547 -20.43 -29.26 6.01
N ILE A 548 -19.24 -28.70 6.31
CA ILE A 548 -18.72 -27.55 5.51
C ILE A 548 -18.50 -28.04 4.09
N SER A 549 -18.52 -27.12 3.12
CA SER A 549 -18.41 -27.53 1.70
C SER A 549 -17.00 -28.01 1.39
N GLU A 550 -16.86 -28.84 0.35
CA GLU A 550 -15.52 -29.30 -0.09
C GLU A 550 -14.80 -28.06 -0.64
N PHE A 551 -13.47 -28.05 -0.65
CA PHE A 551 -12.66 -26.88 -1.11
C PHE A 551 -12.49 -25.92 0.06
N ALA A 552 -12.99 -26.28 1.24
CA ALA A 552 -12.91 -25.39 2.43
C ALA A 552 -11.89 -25.93 3.42
N PRO A 553 -11.00 -25.10 3.98
CA PRO A 553 -9.96 -25.61 4.86
C PRO A 553 -10.61 -26.33 6.04
N ARG A 554 -10.10 -27.51 6.37
CA ARG A 554 -10.67 -28.32 7.48
C ARG A 554 -9.54 -28.85 8.34
N ILE A 555 -9.79 -29.01 9.64
CA ILE A 555 -8.75 -29.63 10.51
C ILE A 555 -9.26 -31.04 10.86
N HIS A 556 -8.50 -32.07 10.49
CA HIS A 556 -9.01 -33.44 10.71
C HIS A 556 -8.26 -34.06 11.90
N THR A 557 -8.94 -34.90 12.66
CA THR A 557 -8.34 -35.57 13.86
C THR A 557 -8.91 -36.97 13.99
N ILE A 558 -8.02 -37.94 14.21
CA ILE A 558 -8.35 -39.38 14.40
C ILE A 558 -7.51 -39.94 15.55
N LYS A 559 -8.04 -40.97 16.22
CA LYS A 559 -7.28 -41.75 17.23
C LYS A 559 -6.58 -42.94 16.56
N ILE A 560 -5.29 -43.09 16.84
CA ILE A 560 -4.46 -44.26 16.39
C ILE A 560 -3.72 -44.80 17.61
N ASN A 561 -3.57 -46.13 17.69
CA ASN A 561 -3.22 -46.88 18.93
C ASN A 561 -1.97 -46.30 19.61
N PRO A 562 -1.98 -46.16 20.96
CA PRO A 562 -0.93 -45.45 21.70
C PRO A 562 0.46 -46.09 21.73
N ASP A 563 0.71 -47.18 20.99
CA ASP A 563 2.08 -47.67 20.69
C ASP A 563 2.40 -47.50 19.18
N LYS A 564 1.52 -47.98 18.30
CA LYS A 564 1.81 -48.03 16.83
C LYS A 564 1.92 -46.61 16.26
N ILE A 565 1.38 -45.58 16.90
CA ILE A 565 1.67 -44.13 16.65
C ILE A 565 3.18 -43.86 16.48
N LYS A 566 4.06 -44.56 17.21
CA LYS A 566 5.53 -44.37 17.10
C LYS A 566 5.99 -44.67 15.65
N ASP A 567 5.44 -45.68 15.01
CA ASP A 567 5.82 -46.13 13.65
C ASP A 567 5.42 -45.11 12.58
N VAL A 568 4.39 -44.29 12.80
CA VAL A 568 3.94 -43.23 11.85
C VAL A 568 5.10 -42.24 11.54
N ILE A 569 6.00 -42.02 12.50
CA ILE A 569 6.92 -40.85 12.49
C ILE A 569 8.19 -41.20 11.72
N GLY A 570 8.64 -42.47 11.76
CA GLY A 570 9.96 -42.90 11.30
C GLY A 570 11.09 -42.35 12.17
N LYS A 571 12.33 -42.62 11.80
CA LYS A 571 13.54 -42.07 12.51
C LYS A 571 13.59 -40.54 12.38
N GLY A 572 13.26 -39.83 13.47
CA GLY A 572 13.23 -38.36 13.56
C GLY A 572 12.26 -37.69 12.58
N GLY A 573 12.60 -36.50 12.10
CA GLY A 573 11.74 -35.67 11.21
C GLY A 573 11.78 -36.11 9.75
N SER A 574 12.61 -37.11 9.40
CA SER A 574 12.97 -37.42 7.99
C SER A 574 11.74 -37.89 7.20
N VAL A 575 10.98 -38.84 7.77
CA VAL A 575 9.75 -39.40 7.14
C VAL A 575 8.59 -38.41 7.29
N ILE A 576 8.54 -37.61 8.36
CA ILE A 576 7.54 -36.51 8.53
C ILE A 576 7.70 -35.49 7.38
N ARG A 577 8.93 -35.13 7.01
CA ARG A 577 9.18 -34.19 5.88
C ARG A 577 8.55 -34.78 4.60
N ALA A 578 8.85 -36.05 4.32
CA ALA A 578 8.40 -36.76 3.09
C ALA A 578 6.87 -36.80 3.07
N LEU A 579 6.22 -37.18 4.18
CA LEU A 579 4.74 -37.31 4.26
C LEU A 579 4.06 -35.95 4.08
N THR A 580 4.53 -34.93 4.78
CA THR A 580 4.00 -33.54 4.66
C THR A 580 4.28 -33.06 3.22
N GLU A 581 5.43 -33.38 2.62
CA GLU A 581 5.75 -32.89 1.24
C GLU A 581 4.85 -33.60 0.20
N GLU A 582 4.71 -34.92 0.32
CA GLU A 582 3.90 -35.80 -0.56
C GLU A 582 2.38 -35.50 -0.49
N THR A 583 1.81 -35.25 0.70
CA THR A 583 0.35 -35.07 0.86
C THR A 583 -0.03 -33.59 0.76
N GLY A 584 0.89 -32.65 1.02
CA GLY A 584 0.56 -31.20 1.10
C GLY A 584 -0.30 -30.91 2.32
N THR A 585 -0.04 -31.64 3.42
CA THR A 585 -0.71 -31.42 4.73
C THR A 585 0.32 -31.18 5.84
N THR A 586 -0.04 -30.40 6.85
CA THR A 586 0.88 -30.08 7.98
C THR A 586 0.63 -31.06 9.13
N ILE A 587 0.65 -32.36 8.88
CA ILE A 587 0.47 -33.42 9.93
C ILE A 587 1.57 -33.27 11.00
N GLU A 588 1.18 -33.01 12.25
CA GLU A 588 2.15 -32.83 13.36
C GLU A 588 2.43 -34.14 14.10
N ILE A 589 3.49 -34.16 14.90
CA ILE A 589 3.85 -35.33 15.78
C ILE A 589 3.02 -35.25 17.07
N GLU A 590 2.27 -36.32 17.38
CA GLU A 590 1.42 -36.36 18.60
C GLU A 590 1.62 -37.70 19.32
N ASP A 591 2.22 -37.68 20.51
CA ASP A 591 2.43 -38.92 21.31
C ASP A 591 1.07 -39.52 21.69
N ASP A 592 0.08 -38.67 21.99
CA ASP A 592 -1.25 -39.14 22.43
C ASP A 592 -1.87 -40.03 21.34
N GLY A 593 -1.64 -39.70 20.06
CA GLY A 593 -2.25 -40.46 18.96
C GLY A 593 -3.46 -39.75 18.39
N THR A 594 -3.86 -38.61 18.99
CA THR A 594 -4.95 -37.81 18.40
C THR A 594 -4.33 -37.03 17.22
N VAL A 595 -3.77 -37.76 16.24
CA VAL A 595 -3.03 -37.11 15.11
C VAL A 595 -3.92 -36.04 14.45
N LYS A 596 -3.41 -34.80 14.40
CA LYS A 596 -4.10 -33.66 13.74
C LYS A 596 -3.49 -33.42 12.35
N ILE A 597 -4.34 -33.49 11.32
CA ILE A 597 -3.88 -33.32 9.93
C ILE A 597 -4.50 -32.04 9.36
N ALA A 598 -3.85 -30.89 9.62
CA ALA A 598 -4.36 -29.63 9.04
C ALA A 598 -4.27 -29.73 7.51
N ALA A 599 -5.31 -29.28 6.81
CA ALA A 599 -5.33 -29.40 5.34
C ALA A 599 -5.92 -28.12 4.75
N THR A 600 -5.79 -27.93 3.44
CA THR A 600 -6.46 -26.75 2.81
C THR A 600 -7.76 -27.15 2.10
N ASP A 601 -7.98 -28.46 1.89
CA ASP A 601 -9.24 -28.94 1.27
C ASP A 601 -9.48 -30.39 1.69
N GLY A 602 -10.61 -30.99 1.30
CA GLY A 602 -10.93 -32.36 1.72
C GLY A 602 -10.09 -33.39 0.99
N GLU A 603 -9.75 -33.12 -0.26
CA GLU A 603 -8.94 -34.07 -1.08
C GLU A 603 -7.59 -34.29 -0.37
N LYS A 604 -6.89 -33.22 0.02
CA LYS A 604 -5.57 -33.32 0.71
C LYS A 604 -5.75 -34.00 2.08
N ALA A 605 -6.86 -33.73 2.77
CA ALA A 605 -7.11 -34.41 4.05
C ALA A 605 -7.26 -35.92 3.80
N LYS A 606 -8.16 -36.30 2.88
CA LYS A 606 -8.43 -37.75 2.64
C LYS A 606 -7.16 -38.42 2.10
N HIS A 607 -6.35 -37.73 1.27
CA HIS A 607 -5.05 -38.27 0.78
C HIS A 607 -4.13 -38.56 1.96
N ALA A 608 -4.04 -37.62 2.91
CA ALA A 608 -3.21 -37.77 4.12
C ALA A 608 -3.76 -38.89 5.01
N ILE A 609 -5.08 -39.00 5.18
CA ILE A 609 -5.74 -40.09 5.99
C ILE A 609 -5.38 -41.44 5.36
N ARG A 610 -5.49 -41.59 4.03
CA ARG A 610 -5.20 -42.85 3.31
C ARG A 610 -3.74 -43.27 3.51
N ARG A 611 -2.76 -42.37 3.43
CA ARG A 611 -1.30 -42.71 3.55
C ARG A 611 -0.92 -43.00 5.01
N ILE A 612 -1.44 -42.23 5.97
CA ILE A 612 -1.21 -42.49 7.44
C ILE A 612 -1.88 -43.81 7.81
N GLU A 613 -3.06 -44.12 7.27
CA GLU A 613 -3.71 -45.45 7.39
C GLU A 613 -2.79 -46.53 6.81
N GLU A 614 -2.29 -46.37 5.58
CA GLU A 614 -1.45 -47.40 4.90
C GLU A 614 -0.14 -47.67 5.66
N ILE A 615 0.68 -46.64 5.93
CA ILE A 615 2.08 -46.77 6.43
C ILE A 615 2.12 -47.08 7.94
N THR A 616 1.00 -47.10 8.65
CA THR A 616 0.90 -47.68 10.02
C THR A 616 -0.46 -48.37 10.16
N ALA A 617 -0.50 -49.64 9.78
CA ALA A 617 -1.73 -50.45 9.64
C ALA A 617 -1.59 -51.81 10.34
N GLU A 618 -0.46 -52.07 11.02
CA GLU A 618 -0.01 -53.44 11.38
C GLU A 618 0.40 -53.46 12.87
N ILE A 619 0.04 -54.52 13.58
CA ILE A 619 0.35 -54.63 15.05
C ILE A 619 1.59 -55.49 15.24
N GLU A 620 2.66 -54.91 15.80
CA GLU A 620 3.91 -55.66 16.09
C GLU A 620 3.76 -56.25 17.48
N VAL A 621 3.55 -57.55 17.60
CA VAL A 621 3.49 -58.23 18.93
C VAL A 621 4.68 -59.18 19.06
N GLY A 622 5.72 -59.00 18.22
CA GLY A 622 6.86 -59.93 18.12
C GLY A 622 6.42 -61.38 17.92
N ARG A 623 5.48 -61.60 17.01
CA ARG A 623 4.74 -62.89 16.83
C ARG A 623 5.10 -63.50 15.48
N VAL A 624 4.36 -64.50 15.00
CA VAL A 624 4.60 -65.17 13.69
C VAL A 624 3.70 -64.51 12.63
N TYR A 625 4.23 -64.25 11.45
CA TYR A 625 3.50 -63.74 10.25
C TYR A 625 3.74 -64.67 9.04
N THR A 626 2.68 -64.95 8.27
CA THR A 626 2.73 -65.65 6.96
C THR A 626 3.27 -64.65 5.92
N GLY A 627 4.45 -64.11 6.15
CA GLY A 627 4.96 -62.94 5.42
C GLY A 627 5.49 -63.35 4.05
N LYS A 628 4.95 -62.78 2.99
CA LYS A 628 5.39 -63.11 1.60
C LYS A 628 6.63 -62.26 1.28
N VAL A 629 7.73 -62.89 0.83
CA VAL A 629 8.94 -62.14 0.36
C VAL A 629 8.56 -61.34 -0.90
N THR A 630 8.60 -60.02 -0.79
CA THR A 630 8.20 -59.09 -1.87
C THR A 630 9.41 -58.70 -2.72
N ARG A 631 10.61 -58.71 -2.13
CA ARG A 631 11.88 -58.29 -2.78
C ARG A 631 13.05 -58.90 -2.02
N ILE A 632 13.94 -59.62 -2.71
CA ILE A 632 15.29 -60.01 -2.20
C ILE A 632 16.35 -59.07 -2.81
N VAL A 633 17.36 -58.73 -2.02
CA VAL A 633 18.61 -58.03 -2.46
C VAL A 633 19.78 -58.54 -1.58
N ASP A 634 21.01 -58.24 -1.97
CA ASP A 634 22.24 -58.68 -1.25
C ASP A 634 22.33 -57.95 0.10
N PHE A 635 21.64 -56.82 0.28
CA PHE A 635 21.49 -56.11 1.57
C PHE A 635 20.62 -56.96 2.51
N GLY A 636 19.58 -57.63 1.99
CA GLY A 636 18.53 -58.30 2.78
C GLY A 636 17.27 -58.56 1.99
N ALA A 637 16.20 -59.03 2.65
CA ALA A 637 14.92 -59.36 1.98
C ALA A 637 13.73 -58.67 2.66
N PHE A 638 12.73 -58.29 1.87
CA PHE A 638 11.59 -57.46 2.32
C PHE A 638 10.35 -58.35 2.30
N VAL A 639 9.80 -58.67 3.47
CA VAL A 639 8.60 -59.54 3.64
C VAL A 639 7.37 -58.66 3.90
N ALA A 640 6.21 -59.02 3.33
CA ALA A 640 4.96 -58.26 3.58
C ALA A 640 4.48 -58.57 5.01
N ILE A 641 4.38 -57.55 5.87
CA ILE A 641 3.91 -57.69 7.29
C ILE A 641 2.37 -57.50 7.32
N GLY A 642 1.78 -56.87 6.29
CA GLY A 642 0.37 -56.43 6.30
C GLY A 642 0.21 -54.92 6.45
N GLY A 643 1.31 -54.18 6.53
CA GLY A 643 1.33 -52.71 6.58
C GLY A 643 1.89 -52.07 5.32
N GLY A 644 1.94 -50.74 5.30
CA GLY A 644 2.40 -49.91 4.17
C GLY A 644 3.91 -49.75 4.12
N LYS A 645 4.67 -50.38 5.01
CA LYS A 645 6.15 -50.54 4.89
C LYS A 645 6.51 -52.03 4.96
N GLU A 646 7.41 -52.47 4.09
CA GLU A 646 7.85 -53.90 4.04
C GLU A 646 8.91 -54.13 5.12
N GLY A 647 8.90 -55.34 5.72
CA GLY A 647 9.80 -55.73 6.83
C GLY A 647 11.12 -56.31 6.33
N LEU A 648 12.24 -55.68 6.73
CA LEU A 648 13.60 -56.08 6.27
C LEU A 648 14.20 -57.14 7.20
N VAL A 649 14.66 -58.25 6.63
CA VAL A 649 15.63 -59.18 7.30
C VAL A 649 17.01 -58.87 6.71
N HIS A 650 17.99 -58.57 7.56
CA HIS A 650 19.41 -58.36 7.17
C HIS A 650 19.97 -59.63 6.50
N ILE A 651 20.91 -59.49 5.57
CA ILE A 651 21.45 -60.63 4.76
C ILE A 651 22.06 -61.73 5.66
N SER A 652 22.60 -61.40 6.84
CA SER A 652 23.09 -62.39 7.84
C SER A 652 21.97 -63.28 8.43
N GLN A 653 20.69 -62.89 8.32
CA GLN A 653 19.59 -63.51 9.09
C GLN A 653 18.47 -64.08 8.19
N ILE A 654 18.68 -64.19 6.89
CA ILE A 654 17.63 -64.60 5.91
C ILE A 654 17.09 -66.02 6.20
N ALA A 655 17.91 -66.93 6.73
CA ALA A 655 17.46 -68.23 7.32
C ALA A 655 17.74 -68.29 8.84
N ASP A 656 18.27 -67.20 9.40
CA ASP A 656 18.68 -66.97 10.81
C ASP A 656 19.71 -68.00 11.31
N LYS A 657 20.24 -68.85 10.42
CA LYS A 657 21.32 -69.78 10.84
C LYS A 657 22.57 -68.93 11.12
N ARG A 658 22.81 -67.91 10.28
CA ARG A 658 23.95 -66.96 10.47
C ARG A 658 25.26 -67.64 10.05
N VAL A 659 25.19 -68.86 9.51
CA VAL A 659 26.40 -69.58 9.03
C VAL A 659 26.46 -69.51 7.51
N GLU A 660 25.47 -68.85 6.88
CA GLU A 660 25.42 -68.85 5.39
C GLU A 660 24.62 -67.66 4.85
N LYS A 661 25.29 -66.67 4.27
CA LYS A 661 24.58 -65.54 3.60
C LYS A 661 23.51 -66.08 2.64
N VAL A 662 23.72 -67.25 2.02
CA VAL A 662 22.82 -67.81 0.95
C VAL A 662 22.56 -69.31 1.19
N THR A 663 21.33 -69.76 0.88
CA THR A 663 20.83 -71.15 1.17
C THR A 663 19.63 -71.44 0.23
N ASP A 664 19.84 -71.20 -1.07
CA ASP A 664 18.81 -71.30 -2.16
C ASP A 664 17.66 -70.32 -1.88
N TYR A 665 18.03 -69.08 -1.55
CA TYR A 665 17.07 -68.04 -1.09
C TYR A 665 16.66 -67.13 -2.25
N LEU A 666 16.81 -67.58 -3.50
CA LEU A 666 16.26 -66.89 -4.71
C LEU A 666 14.74 -67.14 -4.80
N GLN A 667 14.02 -66.66 -3.79
CA GLN A 667 12.59 -67.00 -3.51
C GLN A 667 11.79 -65.70 -3.58
N MET A 668 10.74 -65.64 -4.42
CA MET A 668 9.90 -64.42 -4.56
C MET A 668 8.41 -64.79 -4.55
N GLY A 669 7.60 -63.96 -3.88
CA GLY A 669 6.16 -64.23 -3.64
C GLY A 669 5.92 -65.48 -2.78
N GLN A 670 6.92 -65.92 -2.01
CA GLN A 670 6.82 -67.13 -1.16
C GLN A 670 6.43 -66.66 0.23
N GLU A 671 5.25 -67.08 0.73
CA GLU A 671 4.80 -66.78 2.12
C GLU A 671 5.68 -67.62 3.05
N VAL A 672 6.61 -66.97 3.75
CA VAL A 672 7.58 -67.65 4.67
C VAL A 672 7.28 -67.17 6.10
N PRO A 673 7.33 -68.06 7.12
CA PRO A 673 7.05 -67.66 8.51
C PRO A 673 8.11 -66.66 8.97
N VAL A 674 7.69 -65.48 9.41
CA VAL A 674 8.63 -64.43 9.91
C VAL A 674 8.27 -64.24 11.37
N LYS A 675 9.25 -64.31 12.28
CA LYS A 675 9.03 -64.05 13.72
C LYS A 675 9.79 -62.77 14.09
N VAL A 676 9.05 -61.74 14.47
CA VAL A 676 9.64 -60.44 14.87
C VAL A 676 10.31 -60.62 16.23
N LEU A 677 11.44 -59.94 16.46
CA LEU A 677 12.03 -59.74 17.81
C LEU A 677 11.42 -58.46 18.42
N GLU A 678 11.65 -57.34 17.76
CA GLU A 678 11.28 -55.98 18.26
C GLU A 678 11.32 -54.97 17.11
N VAL A 679 11.21 -53.69 17.45
CA VAL A 679 11.49 -52.56 16.53
C VAL A 679 12.56 -51.73 17.22
N ASP A 680 13.53 -51.22 16.47
CA ASP A 680 14.32 -50.03 16.89
C ASP A 680 13.30 -48.97 17.33
N ARG A 681 13.49 -48.30 18.46
CA ARG A 681 12.42 -47.45 19.05
C ARG A 681 12.22 -46.24 18.13
N GLN A 682 11.05 -46.13 17.49
CA GLN A 682 10.77 -45.17 16.39
C GLN A 682 11.71 -45.48 15.19
N GLY A 683 11.77 -46.75 14.81
CA GLY A 683 12.70 -47.27 13.78
C GLY A 683 12.23 -48.56 13.11
N ARG A 684 13.12 -49.20 12.34
CA ARG A 684 12.83 -50.37 11.48
C ARG A 684 12.41 -51.61 12.30
N ILE A 685 11.65 -52.50 11.66
CA ILE A 685 11.17 -53.77 12.26
C ILE A 685 12.30 -54.82 12.29
N ARG A 686 12.72 -55.25 13.49
CA ARG A 686 13.84 -56.22 13.69
C ARG A 686 13.25 -57.62 13.61
N LEU A 687 13.53 -58.39 12.56
CA LEU A 687 12.89 -59.72 12.35
C LEU A 687 13.83 -60.66 11.58
N SER A 688 13.47 -61.94 11.53
CA SER A 688 14.14 -62.97 10.69
C SER A 688 13.15 -64.09 10.31
N ILE A 689 13.50 -64.88 9.28
CA ILE A 689 12.83 -66.15 8.94
C ILE A 689 13.60 -67.27 9.63
N LYS A 690 13.06 -67.81 10.73
CA LYS A 690 13.81 -68.68 11.67
C LYS A 690 13.73 -70.15 11.18
N GLU A 691 14.52 -70.46 10.14
CA GLU A 691 14.77 -71.86 9.68
C GLU A 691 15.59 -72.64 10.74
N ALA A 692 16.34 -71.93 11.58
CA ALA A 692 16.92 -72.42 12.86
C ALA A 692 16.73 -71.35 13.95
N THR A 693 16.92 -71.72 15.22
CA THR A 693 16.84 -70.78 16.38
C THR A 693 17.99 -69.77 16.30
N GLU A 694 17.80 -68.58 16.89
CA GLU A 694 18.74 -67.43 16.74
C GLU A 694 19.94 -67.59 17.70
N GLN A 695 21.15 -67.67 17.14
CA GLN A 695 22.41 -67.93 17.89
C GLN A 695 23.49 -66.98 17.37
N MET B 1 29.17 7.75 -34.05
CA MET B 1 28.04 8.73 -34.14
C MET B 1 28.06 9.69 -32.95
N LEU B 2 27.85 9.17 -31.72
CA LEU B 2 27.72 10.01 -30.49
C LEU B 2 29.05 10.03 -29.74
N ASN B 3 29.48 11.23 -29.31
CA ASN B 3 30.61 11.41 -28.37
C ASN B 3 30.28 12.50 -27.35
N PRO B 4 30.50 12.26 -26.03
CA PRO B 4 30.21 13.28 -25.02
C PRO B 4 31.27 14.40 -24.98
N ILE B 5 30.85 15.59 -24.57
CA ILE B 5 31.77 16.60 -23.99
C ILE B 5 32.08 16.15 -22.56
N VAL B 6 33.35 16.18 -22.16
CA VAL B 6 33.75 15.78 -20.78
C VAL B 6 34.68 16.83 -20.17
N ARG B 7 34.39 17.20 -18.93
CA ARG B 7 35.12 18.24 -18.17
C ARG B 7 35.38 17.76 -16.73
N LYS B 8 36.62 17.48 -16.34
CA LYS B 8 36.92 16.99 -14.96
C LYS B 8 37.87 17.97 -14.27
N PHE B 9 37.50 18.45 -13.08
CA PHE B 9 38.34 19.37 -12.29
C PHE B 9 38.56 18.73 -10.93
N GLN B 10 39.28 19.38 -10.01
CA GLN B 10 39.39 18.76 -8.67
C GLN B 10 38.77 19.66 -7.60
N TYR B 11 37.77 19.16 -6.87
CA TYR B 11 37.13 19.94 -5.78
C TYR B 11 37.54 19.27 -4.48
N GLY B 12 38.36 19.93 -3.68
CA GLY B 12 38.87 19.27 -2.46
C GLY B 12 39.65 18.02 -2.83
N GLN B 13 39.53 16.96 -2.03
CA GLN B 13 40.20 15.67 -2.34
C GLN B 13 39.61 14.99 -3.57
N HIS B 14 38.28 14.99 -3.71
CA HIS B 14 37.62 14.23 -4.80
C HIS B 14 37.79 14.90 -6.18
N THR B 15 37.51 14.15 -7.26
CA THR B 15 37.61 14.70 -8.63
C THR B 15 36.22 14.74 -9.26
N VAL B 16 35.77 15.90 -9.73
CA VAL B 16 34.38 16.04 -10.26
C VAL B 16 34.43 15.97 -11.79
N THR B 17 33.59 15.16 -12.41
CA THR B 17 33.54 14.98 -13.89
C THR B 17 32.16 15.44 -14.39
N LEU B 18 32.13 16.50 -15.18
CA LEU B 18 30.90 16.99 -15.85
C LEU B 18 30.87 16.44 -17.28
N GLU B 19 29.79 15.78 -17.66
CA GLU B 19 29.70 15.02 -18.93
C GLU B 19 28.36 15.33 -19.60
N THR B 20 28.35 15.65 -20.89
CA THR B 20 27.21 16.31 -21.58
C THR B 20 27.05 15.74 -23.01
N GLY B 21 25.86 15.88 -23.58
CA GLY B 21 25.59 15.63 -25.01
C GLY B 21 25.29 14.17 -25.34
N MET B 22 25.64 13.24 -24.45
CA MET B 22 25.55 11.78 -24.67
C MET B 22 24.12 11.27 -24.45
N MET B 23 23.34 11.91 -23.56
CA MET B 23 22.04 11.37 -23.08
C MET B 23 20.93 12.44 -23.13
N ALA B 24 19.69 11.98 -23.33
CA ALA B 24 18.43 12.75 -23.20
C ALA B 24 18.46 14.01 -24.08
N ARG B 25 18.81 13.85 -25.36
CA ARG B 25 19.13 14.96 -26.28
C ARG B 25 17.89 15.82 -26.58
N GLN B 26 16.67 15.36 -26.26
CA GLN B 26 15.41 16.11 -26.55
C GLN B 26 14.98 16.98 -25.36
N ALA B 27 15.57 16.81 -24.17
CA ALA B 27 15.43 17.77 -23.05
C ALA B 27 16.27 19.01 -23.36
N THR B 28 15.86 20.20 -22.88
CA THR B 28 16.54 21.48 -23.21
C THR B 28 18.00 21.46 -22.73
N ALA B 29 18.34 20.76 -21.65
CA ALA B 29 19.74 20.37 -21.35
C ALA B 29 19.77 19.15 -20.42
N ALA B 30 20.87 18.40 -20.44
CA ALA B 30 21.09 17.22 -19.59
C ALA B 30 22.58 17.05 -19.29
N VAL B 31 22.92 16.79 -18.04
CA VAL B 31 24.35 16.71 -17.60
C VAL B 31 24.49 15.54 -16.63
N MET B 32 25.48 14.69 -16.86
CA MET B 32 25.84 13.60 -15.91
C MET B 32 27.00 14.11 -15.07
N VAL B 33 26.81 14.29 -13.78
CA VAL B 33 27.87 14.84 -12.89
C VAL B 33 28.29 13.73 -11.94
N SER B 34 29.58 13.43 -11.91
CA SER B 34 30.12 12.28 -11.14
C SER B 34 31.26 12.74 -10.24
N MET B 35 31.25 12.34 -8.98
CA MET B 35 32.27 12.72 -7.98
C MET B 35 32.66 11.47 -7.19
N ASP B 36 33.86 10.93 -7.44
CA ASP B 36 34.46 9.75 -6.77
C ASP B 36 33.46 8.57 -6.75
N ASP B 37 32.95 8.19 -7.93
CA ASP B 37 32.03 7.05 -8.20
C ASP B 37 30.59 7.33 -7.76
N THR B 38 30.26 8.44 -7.09
CA THR B 38 28.85 8.85 -6.86
C THR B 38 28.40 9.71 -8.04
N ALA B 39 27.35 9.32 -8.75
CA ALA B 39 26.94 9.99 -10.01
C ALA B 39 25.44 10.27 -10.01
N VAL B 40 25.05 11.48 -10.40
CA VAL B 40 23.61 11.82 -10.54
C VAL B 40 23.38 12.43 -11.92
N PHE B 41 22.34 11.98 -12.61
CA PHE B 41 21.97 12.43 -13.96
C PHE B 41 20.89 13.49 -13.81
N VAL B 42 21.11 14.70 -14.31
CA VAL B 42 20.17 15.82 -14.03
C VAL B 42 19.82 16.52 -15.33
N THR B 43 18.54 16.76 -15.55
CA THR B 43 18.00 17.29 -16.82
C THR B 43 17.01 18.41 -16.50
N VAL B 44 16.99 19.45 -17.34
CA VAL B 44 16.01 20.55 -17.26
C VAL B 44 15.20 20.59 -18.55
N VAL B 45 13.87 20.67 -18.45
CA VAL B 45 12.98 20.77 -19.65
C VAL B 45 12.09 22.00 -19.43
N GLY B 46 12.15 22.99 -20.31
CA GLY B 46 11.39 24.24 -20.06
C GLY B 46 10.51 24.65 -21.22
N GLN B 47 9.20 24.74 -20.99
CA GLN B 47 8.25 25.10 -22.08
C GLN B 47 8.59 26.50 -22.58
N LYS B 48 8.62 26.67 -23.90
CA LYS B 48 9.03 27.99 -24.47
C LYS B 48 7.87 28.98 -24.36
N LYS B 49 6.65 28.51 -24.64
CA LYS B 49 5.46 29.41 -24.60
C LYS B 49 4.96 29.54 -23.16
N ALA B 50 4.24 30.62 -22.86
CA ALA B 50 3.72 30.84 -21.50
C ALA B 50 2.21 30.65 -21.49
N LYS B 51 1.67 30.10 -20.41
CA LYS B 51 0.20 29.86 -20.31
C LYS B 51 -0.43 31.21 -19.98
N PRO B 52 -1.46 31.71 -20.71
CA PRO B 52 -1.93 33.08 -20.46
C PRO B 52 -2.90 33.18 -19.26
N GLY B 53 -2.72 32.41 -18.20
CA GLY B 53 -3.46 32.59 -16.93
C GLY B 53 -2.53 32.80 -15.73
N GLN B 54 -1.25 32.49 -15.86
CA GLN B 54 -0.27 32.42 -14.76
C GLN B 54 0.10 33.83 -14.30
N ASP B 55 0.06 34.09 -12.99
CA ASP B 55 0.62 35.30 -12.35
C ASP B 55 1.65 34.90 -11.26
N PHE B 56 2.06 33.63 -11.19
CA PHE B 56 3.24 33.17 -10.42
C PHE B 56 4.11 32.28 -11.34
N PHE B 57 5.32 31.99 -10.87
CA PHE B 57 6.33 31.18 -11.58
C PHE B 57 6.24 29.72 -11.12
N PRO B 58 5.81 28.76 -11.98
CA PRO B 58 5.76 27.36 -11.62
C PRO B 58 7.09 26.64 -11.94
N LEU B 59 7.98 26.56 -10.94
CA LEU B 59 9.23 25.78 -11.01
C LEU B 59 9.05 24.50 -10.20
N THR B 60 9.27 23.34 -10.82
CA THR B 60 9.10 22.02 -10.18
C THR B 60 10.45 21.32 -10.15
N VAL B 61 10.93 20.89 -8.98
CA VAL B 61 12.20 20.11 -8.90
C VAL B 61 11.91 18.78 -8.22
N ASN B 62 12.27 17.68 -8.89
CA ASN B 62 12.15 16.30 -8.38
C ASN B 62 13.56 15.72 -8.23
N TYR B 63 13.86 15.21 -7.05
CA TYR B 63 15.09 14.42 -6.79
C TYR B 63 14.66 12.99 -6.45
N GLN B 64 15.25 12.00 -7.12
CA GLN B 64 14.82 10.59 -6.92
C GLN B 64 16.01 9.65 -6.82
N GLU B 65 15.94 8.70 -5.90
CA GLU B 65 17.05 7.76 -5.61
C GLU B 65 16.68 6.35 -6.08
N ARG B 66 17.06 6.03 -7.31
CA ARG B 66 16.98 4.66 -7.88
C ARG B 66 17.84 3.73 -7.00
N THR B 67 17.24 2.72 -6.38
CA THR B 67 17.97 1.80 -5.46
C THR B 67 18.90 0.87 -6.25
N TYR B 68 18.81 0.79 -7.59
CA TYR B 68 19.83 0.05 -8.39
C TYR B 68 21.21 0.73 -8.23
N ALA B 69 21.25 2.02 -7.86
CA ALA B 69 22.49 2.73 -7.45
C ALA B 69 23.05 2.07 -6.18
N ALA B 70 24.30 1.59 -6.20
CA ALA B 70 24.91 0.87 -5.06
C ALA B 70 24.39 -0.59 -4.94
N GLY B 71 23.83 -1.14 -6.01
CA GLY B 71 23.56 -2.59 -6.09
C GLY B 71 22.77 -3.30 -5.01
N ARG B 72 21.53 -2.91 -4.79
CA ARG B 72 20.61 -3.68 -3.90
C ARG B 72 19.18 -3.70 -4.46
N ILE B 73 18.48 -4.81 -4.24
CA ILE B 73 17.06 -5.04 -4.67
C ILE B 73 16.15 -4.36 -3.66
N PRO B 74 15.10 -3.60 -4.08
CA PRO B 74 14.28 -2.84 -3.13
C PRO B 74 13.56 -3.66 -2.07
N GLY B 75 13.58 -3.20 -0.83
CA GLY B 75 12.91 -3.88 0.29
C GLY B 75 11.40 -3.95 0.15
N SER B 76 10.78 -2.90 -0.40
CA SER B 76 9.29 -2.87 -0.42
C SER B 76 8.75 -4.15 -1.03
N PHE B 77 7.81 -4.80 -0.33
CA PHE B 77 7.28 -6.10 -0.80
C PHE B 77 6.56 -5.94 -2.13
N PHE B 78 5.80 -4.86 -2.30
CA PHE B 78 4.97 -4.77 -3.52
C PHE B 78 5.78 -4.29 -4.72
N ARG B 79 6.09 -5.20 -5.64
CA ARG B 79 6.74 -4.83 -6.92
C ARG B 79 8.20 -4.39 -6.75
N ARG B 80 8.78 -4.52 -5.55
CA ARG B 80 10.21 -4.17 -5.44
C ARG B 80 10.44 -2.82 -6.10
N GLU B 81 9.64 -1.81 -5.78
CA GLU B 81 9.75 -0.45 -6.39
C GLU B 81 9.52 0.61 -5.30
N GLY B 82 9.86 1.87 -5.55
CA GLY B 82 9.75 2.91 -4.50
C GLY B 82 8.99 4.17 -4.91
N ARG B 83 8.50 4.94 -3.93
CA ARG B 83 7.77 6.22 -4.20
C ARG B 83 8.45 7.35 -3.41
N PRO B 84 8.31 8.65 -3.77
CA PRO B 84 9.06 9.72 -3.10
C PRO B 84 8.82 9.80 -1.59
N SER B 85 9.88 10.03 -0.81
CA SER B 85 9.74 10.02 0.68
C SER B 85 10.35 11.29 1.30
N GLU B 86 10.47 11.32 2.63
CA GLU B 86 10.99 12.52 3.38
C GLU B 86 12.43 12.80 2.96
N GLY B 87 13.30 11.79 3.00
CA GLY B 87 14.74 11.88 2.67
C GLY B 87 15.00 12.47 1.29
N GLU B 88 14.17 12.14 0.30
CA GLU B 88 14.27 12.68 -1.08
C GLU B 88 13.68 14.08 -1.13
N THR B 89 12.51 14.30 -0.51
CA THR B 89 11.80 15.59 -0.54
C THR B 89 12.67 16.71 0.04
N LEU B 90 13.42 16.45 1.11
CA LEU B 90 14.31 17.46 1.74
C LEU B 90 15.45 17.85 0.78
N ILE B 91 16.01 16.89 0.04
CA ILE B 91 17.09 17.16 -0.95
C ILE B 91 16.47 17.98 -2.10
N ALA B 92 15.22 17.71 -2.51
CA ALA B 92 14.52 18.52 -3.53
C ALA B 92 14.43 19.99 -3.06
N ARG B 93 14.04 20.23 -1.80
CA ARG B 93 13.95 21.59 -1.20
C ARG B 93 15.33 22.26 -1.21
N LEU B 94 16.39 21.55 -0.87
CA LEU B 94 17.78 22.13 -0.86
C LEU B 94 18.21 22.57 -2.26
N ILE B 95 17.76 21.91 -3.32
CA ILE B 95 18.03 22.35 -4.73
C ILE B 95 17.12 23.54 -5.05
N ASP B 96 15.85 23.52 -4.62
CA ASP B 96 14.81 24.53 -4.97
C ASP B 96 15.18 25.93 -4.42
N ARG B 97 15.45 26.03 -3.12
CA ARG B 97 15.58 27.31 -2.39
C ARG B 97 16.59 28.27 -3.03
N PRO B 98 17.83 27.85 -3.43
CA PRO B 98 18.73 28.79 -4.12
C PRO B 98 18.33 29.15 -5.56
N ILE B 99 17.76 28.22 -6.31
CA ILE B 99 17.40 28.45 -7.75
C ILE B 99 16.29 29.50 -7.91
N ARG B 100 15.26 29.49 -7.07
CA ARG B 100 14.10 30.40 -7.30
C ARG B 100 14.47 31.89 -7.30
N PRO B 101 15.27 32.44 -6.37
CA PRO B 101 15.62 33.85 -6.46
C PRO B 101 16.40 34.23 -7.71
N LEU B 102 17.31 33.37 -8.17
CA LEU B 102 18.19 33.71 -9.32
C LEU B 102 17.40 33.95 -10.61
N PHE B 103 16.33 33.19 -10.86
CA PHE B 103 15.60 33.33 -12.15
C PHE B 103 15.07 34.76 -12.26
N PRO B 104 15.09 35.39 -13.45
CA PRO B 104 14.71 36.80 -13.59
C PRO B 104 13.26 37.10 -13.22
N GLU B 105 12.98 38.34 -12.84
CA GLU B 105 11.59 38.72 -12.43
C GLU B 105 10.67 38.64 -13.64
N GLY B 106 9.48 38.08 -13.46
CA GLY B 106 8.50 37.97 -14.56
C GLY B 106 8.69 36.72 -15.39
N PHE B 107 9.76 35.95 -15.15
CA PHE B 107 9.88 34.66 -15.87
C PHE B 107 8.79 33.77 -15.32
N VAL B 108 7.78 33.47 -16.14
CA VAL B 108 6.61 32.66 -15.68
C VAL B 108 6.45 31.36 -16.49
N ASN B 109 7.30 31.16 -17.50
CA ASN B 109 7.27 29.93 -18.32
C ASN B 109 7.56 28.73 -17.43
N GLU B 110 6.84 27.62 -17.63
CA GLU B 110 7.00 26.44 -16.76
C GLU B 110 8.37 25.80 -16.95
N VAL B 111 9.01 25.35 -15.87
CA VAL B 111 10.34 24.69 -15.88
C VAL B 111 10.30 23.49 -14.94
N GLN B 112 10.85 22.36 -15.38
CA GLN B 112 10.97 21.12 -14.57
C GLN B 112 12.42 20.68 -14.55
N VAL B 113 12.96 20.45 -13.36
CA VAL B 113 14.34 19.88 -13.16
C VAL B 113 14.19 18.50 -12.53
N ILE B 114 14.71 17.46 -13.18
CA ILE B 114 14.66 16.07 -12.63
C ILE B 114 16.09 15.60 -12.39
N ALA B 115 16.43 15.29 -11.14
CA ALA B 115 17.78 14.82 -10.75
C ALA B 115 17.67 13.38 -10.25
N THR B 116 18.32 12.45 -10.93
CA THR B 116 18.24 11.00 -10.60
C THR B 116 19.60 10.53 -10.10
N VAL B 117 19.66 9.92 -8.92
CA VAL B 117 20.91 9.25 -8.46
C VAL B 117 21.04 7.93 -9.22
N VAL B 118 22.17 7.69 -9.90
CA VAL B 118 22.38 6.42 -10.66
C VAL B 118 23.51 5.58 -10.07
N SER B 119 24.40 6.14 -9.24
CA SER B 119 25.40 5.34 -8.49
C SER B 119 25.84 6.05 -7.21
N VAL B 120 26.06 5.32 -6.12
CA VAL B 120 26.53 5.90 -4.84
C VAL B 120 27.74 5.14 -4.32
N ASN B 121 28.81 5.87 -4.05
CA ASN B 121 29.91 5.45 -3.15
C ASN B 121 29.47 5.85 -1.75
N PRO B 122 29.21 4.92 -0.80
CA PRO B 122 28.64 5.28 0.50
C PRO B 122 29.50 6.25 1.34
N GLN B 123 30.74 6.51 0.98
CA GLN B 123 31.57 7.56 1.62
C GLN B 123 31.21 8.96 1.12
N VAL B 124 30.61 9.10 -0.07
CA VAL B 124 30.35 10.46 -0.64
C VAL B 124 28.84 10.70 -0.77
N ASN B 125 28.32 11.72 -0.10
CA ASN B 125 26.86 11.99 -0.11
C ASN B 125 26.42 12.44 -1.49
N PRO B 126 25.28 11.96 -2.03
CA PRO B 126 24.77 12.41 -3.30
C PRO B 126 24.22 13.85 -3.32
N ASP B 127 23.84 14.39 -2.17
CA ASP B 127 23.18 15.73 -2.16
C ASP B 127 24.09 16.84 -2.71
N ILE B 128 25.35 16.90 -2.28
CA ILE B 128 26.22 18.03 -2.72
C ILE B 128 26.41 17.94 -4.23
N VAL B 129 26.59 16.72 -4.75
CA VAL B 129 26.83 16.54 -6.21
C VAL B 129 25.61 17.02 -7.01
N ALA B 130 24.40 16.76 -6.51
CA ALA B 130 23.17 17.17 -7.24
C ALA B 130 23.09 18.69 -7.37
N MET B 131 23.42 19.44 -6.32
CA MET B 131 23.24 20.91 -6.39
C MET B 131 24.19 21.47 -7.45
N ILE B 132 25.36 20.85 -7.64
CA ILE B 132 26.27 21.28 -8.75
C ILE B 132 25.64 20.87 -10.07
N GLY B 133 25.05 19.68 -10.13
CA GLY B 133 24.37 19.17 -11.34
C GLY B 133 23.26 20.09 -11.84
N ALA B 134 22.32 20.47 -10.95
CA ALA B 134 21.19 21.36 -11.33
C ALA B 134 21.73 22.72 -11.76
N SER B 135 22.76 23.23 -11.10
CA SER B 135 23.43 24.50 -11.45
C SER B 135 24.02 24.42 -12.86
N ALA B 136 24.74 23.34 -13.17
CA ALA B 136 25.30 23.07 -14.51
C ALA B 136 24.14 23.01 -15.54
N ALA B 137 23.13 22.15 -15.34
CA ALA B 137 22.01 21.95 -16.28
C ALA B 137 21.31 23.28 -16.61
N LEU B 138 20.96 24.08 -15.60
CA LEU B 138 20.26 25.38 -15.79
C LEU B 138 21.18 26.37 -16.53
N SER B 139 22.45 26.48 -16.15
CA SER B 139 23.40 27.43 -16.77
C SER B 139 23.73 27.03 -18.21
N LEU B 140 23.65 25.74 -18.55
CA LEU B 140 23.99 25.16 -19.89
C LEU B 140 22.81 25.28 -20.84
N SER B 141 21.59 25.26 -20.32
CA SER B 141 20.43 25.51 -21.21
C SER B 141 20.42 27.00 -21.50
N GLY B 142 19.50 27.45 -22.34
CA GLY B 142 19.42 28.90 -22.59
C GLY B 142 18.46 29.56 -21.62
N ILE B 143 17.91 28.79 -20.67
CA ILE B 143 16.86 29.39 -19.79
C ILE B 143 17.46 30.61 -19.12
N PRO B 144 16.80 31.78 -19.17
CA PRO B 144 17.34 32.99 -18.57
C PRO B 144 17.62 32.68 -17.11
N PHE B 145 18.89 32.77 -16.69
CA PHE B 145 19.26 32.41 -15.29
C PHE B 145 20.50 33.23 -14.92
N ASN B 146 20.52 33.82 -13.73
CA ASN B 146 21.64 34.75 -13.39
C ASN B 146 22.86 34.05 -12.80
N GLY B 147 23.61 33.28 -13.61
CA GLY B 147 24.89 32.74 -13.14
C GLY B 147 24.86 31.34 -12.54
N PRO B 148 25.88 30.47 -12.71
CA PRO B 148 25.87 29.18 -12.06
C PRO B 148 26.12 29.30 -10.55
N ILE B 149 25.52 28.42 -9.75
CA ILE B 149 25.72 28.44 -8.27
C ILE B 149 26.48 27.19 -7.82
N GLY B 150 27.63 27.35 -7.18
CA GLY B 150 28.32 26.16 -6.64
C GLY B 150 27.77 25.80 -5.28
N ALA B 151 28.12 24.62 -4.76
CA ALA B 151 27.68 24.22 -3.40
C ALA B 151 28.89 23.71 -2.61
N ALA B 152 28.74 23.49 -1.30
CA ALA B 152 29.89 23.09 -0.46
C ALA B 152 29.44 22.68 0.93
N ARG B 153 29.64 21.42 1.33
CA ARG B 153 29.35 21.00 2.73
C ARG B 153 30.63 21.25 3.53
N VAL B 154 30.52 21.91 4.68
CA VAL B 154 31.71 22.26 5.49
C VAL B 154 31.68 21.59 6.86
N GLY B 155 32.57 20.63 7.12
CA GLY B 155 32.75 19.97 8.43
C GLY B 155 33.71 20.75 9.31
N TYR B 156 33.87 20.31 10.55
CA TYR B 156 34.65 21.00 11.60
C TYR B 156 35.13 19.96 12.61
N ILE B 157 36.44 19.70 12.63
CA ILE B 157 37.08 18.62 13.43
C ILE B 157 38.39 19.17 14.01
N ASN B 158 38.61 18.97 15.31
CA ASN B 158 39.77 19.52 16.09
C ASN B 158 40.05 20.97 15.67
N ASP B 159 38.99 21.78 15.63
CA ASP B 159 39.01 23.24 15.36
C ASP B 159 39.60 23.55 13.98
N GLN B 160 39.53 22.61 13.04
CA GLN B 160 39.87 22.86 11.62
C GLN B 160 38.62 22.61 10.77
N TYR B 161 38.37 23.53 9.86
CA TYR B 161 37.26 23.34 8.90
C TYR B 161 37.76 22.39 7.81
N VAL B 162 36.93 21.47 7.36
CA VAL B 162 37.25 20.47 6.30
C VAL B 162 36.14 20.51 5.25
N LEU B 163 36.52 20.58 3.96
CA LEU B 163 35.51 20.67 2.86
C LEU B 163 34.98 19.28 2.52
N ASN B 164 33.75 19.19 2.02
CA ASN B 164 33.11 17.90 1.65
C ASN B 164 33.57 16.75 2.56
N PRO B 165 33.23 16.67 3.87
CA PRO B 165 33.70 15.56 4.69
C PRO B 165 33.00 14.26 4.26
N THR B 166 33.76 13.17 4.21
CA THR B 166 33.24 11.79 4.02
C THR B 166 32.39 11.41 5.25
N GLN B 167 31.59 10.36 5.14
CA GLN B 167 30.79 9.86 6.30
C GLN B 167 31.71 9.53 7.50
N ASP B 168 32.90 8.97 7.25
CA ASP B 168 33.87 8.59 8.32
C ASP B 168 34.36 9.83 9.06
N GLU B 169 34.62 10.93 8.35
CA GLU B 169 35.10 12.20 8.96
C GLU B 169 33.93 12.85 9.70
N LEU B 170 32.75 12.89 9.08
CA LEU B 170 31.60 13.68 9.60
C LEU B 170 31.17 13.25 11.00
N LYS B 171 31.08 11.95 11.21
CA LYS B 171 30.63 11.42 12.54
C LYS B 171 31.37 12.09 13.71
N GLU B 172 32.64 12.46 13.55
CA GLU B 172 33.43 13.12 14.62
C GLU B 172 33.23 14.65 14.62
N SER B 173 32.60 15.19 13.57
CA SER B 173 32.52 16.66 13.41
C SER B 173 31.53 17.32 14.36
N LYS B 174 31.66 18.63 14.51
CA LYS B 174 30.80 19.42 15.42
C LYS B 174 29.89 20.38 14.65
N LEU B 175 29.88 20.32 13.30
CA LEU B 175 28.93 21.11 12.45
C LEU B 175 28.88 20.49 11.04
N ASP B 176 27.77 20.67 10.30
CA ASP B 176 27.60 20.05 8.95
C ASP B 176 27.05 21.06 7.94
N LEU B 177 27.47 22.32 8.08
CA LEU B 177 26.94 23.47 7.29
C LEU B 177 26.99 23.34 5.78
N VAL B 178 25.82 23.31 5.14
CA VAL B 178 25.73 23.42 3.65
C VAL B 178 25.71 24.91 3.30
N VAL B 179 26.47 25.32 2.29
CA VAL B 179 26.33 26.70 1.77
C VAL B 179 26.30 26.63 0.26
N ALA B 180 25.45 27.45 -0.38
CA ALA B 180 25.38 27.50 -1.85
C ALA B 180 25.45 28.96 -2.28
N GLY B 181 26.34 29.32 -3.20
CA GLY B 181 26.44 30.76 -3.50
C GLY B 181 26.99 31.12 -4.86
N THR B 182 26.49 32.23 -5.43
CA THR B 182 27.01 32.74 -6.72
C THR B 182 28.27 33.55 -6.45
N GLU B 183 28.99 33.98 -7.48
CA GLU B 183 30.28 34.71 -7.28
C GLU B 183 30.11 35.97 -6.44
N ALA B 184 28.92 36.60 -6.43
CA ALA B 184 28.77 37.90 -5.71
C ALA B 184 28.60 37.68 -4.20
N ALA B 185 27.79 36.70 -3.80
CA ALA B 185 27.29 36.55 -2.42
C ALA B 185 26.78 35.11 -2.15
N VAL B 186 26.61 34.75 -0.89
CA VAL B 186 25.89 33.51 -0.48
C VAL B 186 24.41 33.67 -0.88
N LEU B 187 23.71 32.56 -1.07
CA LEU B 187 22.28 32.60 -1.43
C LEU B 187 21.47 31.66 -0.54
N MET B 188 22.13 30.73 0.16
CA MET B 188 21.40 29.80 1.06
C MET B 188 22.39 29.11 2.02
N VAL B 189 21.99 28.93 3.27
CA VAL B 189 22.80 28.26 4.32
C VAL B 189 21.88 27.36 5.13
N GLU B 190 22.29 26.12 5.40
CA GLU B 190 21.47 25.16 6.21
C GLU B 190 22.44 24.34 7.05
N SER B 191 22.25 24.29 8.38
CA SER B 191 23.29 23.63 9.21
C SER B 191 22.84 23.16 10.60
N GLU B 192 23.47 22.10 11.12
CA GLU B 192 23.26 21.68 12.53
C GLU B 192 24.63 21.82 13.21
N ALA B 193 24.66 22.09 14.51
CA ALA B 193 25.95 22.35 15.19
C ALA B 193 25.89 21.88 16.65
N GLN B 194 27.02 21.42 17.19
CA GLN B 194 27.13 20.99 18.61
C GLN B 194 27.41 22.22 19.48
N LEU B 195 26.46 23.17 19.50
CA LEU B 195 26.42 24.37 20.40
C LEU B 195 27.69 25.23 20.23
N LEU B 196 27.95 25.69 19.01
CA LEU B 196 29.13 26.52 18.66
C LEU B 196 28.78 28.00 18.80
N SER B 197 29.75 28.85 19.14
CA SER B 197 29.56 30.32 19.19
C SER B 197 29.30 30.88 17.77
N GLU B 198 28.65 32.04 17.70
CA GLU B 198 28.24 32.65 16.41
C GLU B 198 29.47 32.89 15.51
N ASP B 199 30.64 33.24 16.04
CA ASP B 199 31.82 33.54 15.19
C ASP B 199 32.36 32.25 14.54
N GLN B 200 32.16 31.07 15.14
CA GLN B 200 32.61 29.85 14.44
C GLN B 200 31.68 29.58 13.26
N MET B 201 30.37 29.72 13.44
CA MET B 201 29.39 29.45 12.36
C MET B 201 29.59 30.42 11.19
N LEU B 202 29.81 31.71 11.46
CA LEU B 202 30.05 32.70 10.38
C LEU B 202 31.35 32.36 9.65
N GLY B 203 32.36 31.88 10.38
CA GLY B 203 33.63 31.50 9.73
C GLY B 203 33.40 30.39 8.71
N ALA B 204 32.53 29.43 9.05
CA ALA B 204 32.20 28.35 8.09
C ALA B 204 31.54 28.92 6.84
N VAL B 205 30.60 29.86 6.98
CA VAL B 205 29.92 30.33 5.75
C VAL B 205 30.95 31.01 4.82
N VAL B 206 31.84 31.84 5.36
CA VAL B 206 32.79 32.56 4.47
C VAL B 206 33.75 31.54 3.85
N PHE B 207 34.19 30.54 4.64
CA PHE B 207 35.17 29.54 4.13
C PHE B 207 34.54 28.76 2.98
N GLY B 208 33.29 28.31 3.15
CA GLY B 208 32.66 27.47 2.12
C GLY B 208 32.41 28.31 0.88
N HIS B 209 31.98 29.55 1.09
CA HIS B 209 31.74 30.48 -0.04
C HIS B 209 32.97 30.60 -0.94
N GLU B 210 34.17 30.53 -0.37
CA GLU B 210 35.43 30.73 -1.14
C GLU B 210 35.88 29.42 -1.78
N GLN B 211 35.60 28.26 -1.19
CA GLN B 211 36.06 27.02 -1.89
C GLN B 211 35.19 26.75 -3.13
N GLN B 212 33.94 27.22 -3.12
CA GLN B 212 33.00 26.96 -4.25
C GLN B 212 33.45 27.73 -5.49
N GLN B 213 34.47 28.58 -5.34
CA GLN B 213 34.85 29.40 -6.52
C GLN B 213 35.28 28.48 -7.65
N VAL B 214 35.97 27.38 -7.33
CA VAL B 214 36.47 26.47 -8.40
C VAL B 214 35.27 25.96 -9.20
N VAL B 215 34.20 25.56 -8.53
CA VAL B 215 33.03 24.98 -9.27
C VAL B 215 32.44 26.04 -10.21
N ILE B 216 32.27 27.28 -9.74
CA ILE B 216 31.62 28.31 -10.59
C ILE B 216 32.52 28.56 -11.80
N GLN B 217 33.83 28.67 -11.60
CA GLN B 217 34.72 29.00 -12.74
C GLN B 217 34.65 27.85 -13.74
N ASN B 218 34.67 26.62 -13.25
CA ASN B 218 34.69 25.45 -14.16
C ASN B 218 33.39 25.38 -14.97
N ILE B 219 32.24 25.63 -14.35
CA ILE B 219 30.96 25.47 -15.08
C ILE B 219 30.92 26.48 -16.24
N ASN B 220 31.41 27.70 -16.03
CA ASN B 220 31.44 28.70 -17.13
C ASN B 220 32.28 28.15 -18.29
N GLU B 221 33.49 27.67 -18.02
CA GLU B 221 34.38 27.09 -19.07
C GLU B 221 33.63 26.01 -19.87
N LEU B 222 32.78 25.18 -19.23
CA LEU B 222 31.99 24.15 -19.98
C LEU B 222 30.96 24.87 -20.87
N VAL B 223 30.26 25.88 -20.34
CA VAL B 223 29.19 26.61 -21.08
C VAL B 223 29.80 27.38 -22.26
N LYS B 224 31.10 27.73 -22.20
CA LYS B 224 31.81 28.42 -23.29
C LYS B 224 31.92 27.54 -24.55
N GLU B 225 31.82 26.20 -24.50
CA GLU B 225 31.89 25.38 -25.75
C GLU B 225 30.67 24.48 -25.95
N ALA B 226 29.94 24.08 -24.90
CA ALA B 226 28.88 23.04 -25.00
C ALA B 226 27.47 23.66 -24.87
N GLY B 227 27.37 24.97 -24.61
CA GLY B 227 26.12 25.63 -24.21
C GLY B 227 25.19 25.98 -25.35
N LYS B 228 23.90 26.01 -25.08
CA LYS B 228 22.84 26.43 -26.05
C LYS B 228 22.88 27.95 -26.18
N PRO B 229 22.39 28.55 -27.30
CA PRO B 229 22.27 30.02 -27.37
C PRO B 229 21.11 30.41 -26.44
N ARG B 230 21.29 31.47 -25.64
CA ARG B 230 20.24 31.80 -24.64
C ARG B 230 18.94 32.18 -25.34
N TRP B 231 17.81 31.60 -24.92
CA TRP B 231 16.58 31.93 -25.68
C TRP B 231 16.11 33.33 -25.32
N ASP B 232 15.72 34.11 -26.33
CA ASP B 232 15.34 35.52 -26.08
C ASP B 232 14.13 35.54 -25.15
N TRP B 233 14.18 36.33 -24.09
CA TRP B 233 12.98 36.51 -23.23
C TRP B 233 13.02 37.94 -22.71
N GLN B 234 11.94 38.69 -22.91
CA GLN B 234 11.90 40.10 -22.47
C GLN B 234 10.85 40.23 -21.37
N PRO B 235 11.15 40.92 -20.24
CA PRO B 235 10.14 41.13 -19.22
C PRO B 235 9.00 41.91 -19.88
N GLU B 236 7.75 41.55 -19.59
CA GLU B 236 6.61 42.22 -20.26
C GLU B 236 6.67 43.71 -19.95
N PRO B 237 6.46 44.61 -20.93
CA PRO B 237 6.59 46.04 -20.68
C PRO B 237 5.56 46.50 -19.64
N VAL B 238 5.96 47.41 -18.76
CA VAL B 238 5.04 47.88 -17.68
C VAL B 238 4.60 49.31 -18.02
N ASN B 239 3.29 49.56 -17.99
CA ASN B 239 2.77 50.91 -18.37
C ASN B 239 2.92 51.82 -17.16
N GLU B 240 3.74 52.87 -17.29
CA GLU B 240 3.95 53.82 -16.17
C GLU B 240 2.62 54.51 -15.86
N ALA B 241 1.86 54.86 -16.90
CA ALA B 241 0.58 55.59 -16.70
C ALA B 241 -0.39 54.74 -15.89
N LEU B 242 -0.48 53.44 -16.19
CA LEU B 242 -1.45 52.56 -15.48
C LEU B 242 -1.05 52.55 -14.01
N ASN B 243 0.25 52.40 -13.72
CA ASN B 243 0.73 52.43 -12.33
C ASN B 243 0.48 53.82 -11.74
N ALA B 244 0.74 54.88 -12.51
CA ALA B 244 0.61 56.26 -11.98
C ALA B 244 -0.84 56.55 -11.59
N ARG B 245 -1.80 56.13 -12.40
CA ARG B 245 -3.22 56.49 -12.11
C ARG B 245 -3.63 55.88 -10.76
N VAL B 246 -3.31 54.61 -10.54
CA VAL B 246 -3.63 53.96 -9.23
C VAL B 246 -2.79 54.62 -8.14
N ALA B 247 -1.52 54.86 -8.42
CA ALA B 247 -0.62 55.44 -7.39
C ALA B 247 -1.16 56.79 -6.93
N ALA B 248 -1.61 57.63 -7.87
CA ALA B 248 -2.06 58.99 -7.51
C ALA B 248 -3.20 58.91 -6.50
N LEU B 249 -4.10 57.93 -6.69
CA LEU B 249 -5.30 57.86 -5.81
C LEU B 249 -5.07 56.90 -4.63
N ALA B 250 -3.82 56.56 -4.29
CA ALA B 250 -3.67 55.56 -3.20
C ALA B 250 -2.66 56.02 -2.12
N GLU B 251 -1.42 56.39 -2.49
CA GLU B 251 -0.25 56.39 -1.56
C GLU B 251 -0.52 57.31 -0.35
N ALA B 252 -1.08 58.50 -0.57
CA ALA B 252 -1.38 59.49 0.49
C ALA B 252 -2.41 58.89 1.45
N ARG B 253 -3.53 58.40 0.90
CA ARG B 253 -4.65 57.82 1.70
C ARG B 253 -4.30 56.41 2.21
N LEU B 254 -3.04 55.97 2.05
CA LEU B 254 -2.59 54.67 2.63
C LEU B 254 -1.51 54.95 3.67
N SER B 255 -0.72 56.02 3.47
CA SER B 255 0.36 56.43 4.40
C SER B 255 -0.22 56.75 5.79
N ASP B 256 -1.38 57.41 5.84
CA ASP B 256 -2.12 57.72 7.10
C ASP B 256 -2.73 56.41 7.65
N ALA B 257 -3.25 55.56 6.76
CA ALA B 257 -3.95 54.31 7.19
C ALA B 257 -2.98 53.32 7.81
N TYR B 258 -1.76 53.23 7.29
CA TYR B 258 -0.75 52.34 7.91
C TYR B 258 -0.41 52.87 9.31
N ARG B 259 -0.61 54.17 9.54
CA ARG B 259 -0.39 54.74 10.89
C ARG B 259 -1.37 54.12 11.89
N ILE B 260 -2.60 53.80 11.49
CA ILE B 260 -3.61 53.29 12.47
C ILE B 260 -3.05 52.01 13.13
N THR B 261 -3.01 51.98 14.47
CA THR B 261 -2.41 50.83 15.21
C THR B 261 -3.26 49.54 15.12
N ASP B 262 -4.59 49.64 15.25
CA ASP B 262 -5.41 48.40 15.32
C ASP B 262 -5.28 47.61 14.02
N LYS B 263 -5.03 46.30 14.12
CA LYS B 263 -4.85 45.46 12.90
C LYS B 263 -6.16 45.39 12.12
N GLN B 264 -7.28 45.13 12.81
CA GLN B 264 -8.58 44.97 12.13
C GLN B 264 -9.01 46.31 11.52
N GLU B 265 -8.83 47.41 12.28
CA GLU B 265 -9.31 48.73 11.80
C GLU B 265 -8.54 49.13 10.54
N ARG B 266 -7.22 48.93 10.53
CA ARG B 266 -6.41 49.27 9.33
C ARG B 266 -6.84 48.35 8.19
N TYR B 267 -7.11 47.07 8.50
CA TYR B 267 -7.45 46.11 7.42
C TYR B 267 -8.73 46.58 6.74
N ALA B 268 -9.72 46.99 7.54
CA ALA B 268 -10.98 47.51 6.96
C ALA B 268 -10.67 48.79 6.18
N GLN B 269 -9.81 49.69 6.64
CA GLN B 269 -9.63 50.96 5.85
C GLN B 269 -9.01 50.69 4.47
N VAL B 270 -7.93 49.90 4.42
CA VAL B 270 -7.21 49.68 3.12
C VAL B 270 -8.11 48.96 2.11
N ASP B 271 -8.92 48.01 2.57
CA ASP B 271 -9.81 47.25 1.67
C ASP B 271 -10.80 48.24 1.05
N VAL B 272 -11.33 49.16 1.86
CA VAL B 272 -12.29 50.18 1.35
C VAL B 272 -11.55 51.05 0.31
N ILE B 273 -10.32 51.47 0.60
CA ILE B 273 -9.65 52.35 -0.40
C ILE B 273 -9.51 51.57 -1.72
N LYS B 274 -9.09 50.30 -1.61
CA LYS B 274 -8.86 49.46 -2.82
C LYS B 274 -10.12 49.45 -3.68
N SER B 275 -11.28 49.16 -3.07
CA SER B 275 -12.54 49.07 -3.85
C SER B 275 -12.83 50.42 -4.49
N GLU B 276 -12.56 51.51 -3.77
CA GLU B 276 -12.84 52.88 -4.30
C GLU B 276 -12.01 53.13 -5.56
N THR B 277 -10.72 52.74 -5.54
CA THR B 277 -9.86 52.91 -6.74
C THR B 277 -10.38 52.05 -7.89
N ILE B 278 -10.86 50.84 -7.59
CA ILE B 278 -11.45 49.97 -8.64
C ILE B 278 -12.66 50.69 -9.23
N ALA B 279 -13.47 51.32 -8.37
CA ALA B 279 -14.65 52.09 -8.86
C ALA B 279 -14.16 53.27 -9.71
N THR B 280 -13.08 53.92 -9.30
CA THR B 280 -12.57 55.12 -10.03
C THR B 280 -12.16 54.71 -11.45
N LEU B 281 -11.65 53.49 -11.63
CA LEU B 281 -11.17 53.06 -12.97
C LEU B 281 -12.36 53.15 -13.93
N LEU B 282 -13.56 52.78 -13.50
CA LEU B 282 -14.78 52.96 -14.33
C LEU B 282 -14.64 52.25 -15.68
N ALA B 283 -14.90 52.97 -16.77
CA ALA B 283 -14.90 52.35 -18.11
C ALA B 283 -13.54 51.77 -18.47
N GLU B 284 -13.51 50.55 -19.01
CA GLU B 284 -12.26 49.88 -19.46
C GLU B 284 -11.48 49.35 -18.25
N ASP B 285 -12.01 49.55 -17.04
CA ASP B 285 -11.36 49.00 -15.81
C ASP B 285 -9.89 49.38 -15.85
N GLU B 286 -9.00 48.41 -15.62
CA GLU B 286 -7.54 48.68 -15.80
C GLU B 286 -7.10 47.73 -16.91
N THR B 287 -7.07 48.20 -18.16
CA THR B 287 -6.78 47.30 -19.31
C THR B 287 -7.83 46.18 -19.29
N LEU B 288 -9.04 46.49 -18.82
CA LEU B 288 -10.14 45.49 -18.73
C LEU B 288 -9.74 44.33 -17.81
N ASP B 289 -8.85 44.57 -16.84
CA ASP B 289 -8.47 43.51 -15.88
C ASP B 289 -8.50 44.03 -14.45
N GLU B 290 -9.35 43.45 -13.59
CA GLU B 290 -9.35 43.83 -12.15
C GLU B 290 -8.02 43.38 -11.54
N ASN B 291 -7.52 42.22 -11.98
CA ASN B 291 -6.28 41.66 -11.40
C ASN B 291 -5.11 42.63 -11.61
N GLU B 292 -5.05 43.25 -12.79
CA GLU B 292 -3.91 44.16 -13.08
C GLU B 292 -3.94 45.31 -12.08
N LEU B 293 -5.14 45.86 -11.81
CA LEU B 293 -5.27 46.95 -10.83
C LEU B 293 -4.87 46.44 -9.43
N GLY B 294 -5.28 45.22 -9.10
CA GLY B 294 -4.96 44.64 -7.77
C GLY B 294 -3.46 44.49 -7.59
N GLU B 295 -2.76 44.09 -8.66
CA GLU B 295 -1.30 43.91 -8.58
C GLU B 295 -0.66 45.26 -8.26
N ILE B 296 -1.12 46.32 -8.92
CA ILE B 296 -0.54 47.67 -8.68
C ILE B 296 -0.84 48.01 -7.22
N LEU B 297 -2.05 47.72 -6.75
CA LEU B 297 -2.42 48.10 -5.36
C LEU B 297 -1.51 47.40 -4.35
N HIS B 298 -1.25 46.10 -4.56
CA HIS B 298 -0.43 45.35 -3.59
C HIS B 298 0.97 45.96 -3.60
N ALA B 299 1.47 46.30 -4.79
CA ALA B 299 2.83 46.85 -4.90
C ALA B 299 2.90 48.17 -4.13
N ILE B 300 1.88 49.02 -4.26
CA ILE B 300 1.92 50.35 -3.58
C ILE B 300 1.99 50.07 -2.08
N GLU B 301 1.23 49.09 -1.61
CA GLU B 301 1.23 48.72 -0.17
C GLU B 301 2.63 48.25 0.24
N LYS B 302 3.25 47.37 -0.55
CA LYS B 302 4.56 46.81 -0.14
C LYS B 302 5.55 47.96 -0.02
N ASN B 303 5.54 48.88 -0.98
CA ASN B 303 6.53 49.98 -0.96
C ASN B 303 6.31 50.82 0.30
N VAL B 304 5.05 51.14 0.65
CA VAL B 304 4.85 52.06 1.80
C VAL B 304 5.35 51.40 3.08
N VAL B 305 5.04 50.13 3.31
CA VAL B 305 5.46 49.50 4.59
C VAL B 305 6.99 49.41 4.64
N ARG B 306 7.61 49.02 3.51
CA ARG B 306 9.09 48.88 3.48
C ARG B 306 9.71 50.23 3.78
N SER B 307 9.39 51.24 2.97
CA SER B 307 9.97 52.60 3.18
C SER B 307 9.76 53.01 4.64
N ARG B 308 8.55 52.80 5.20
CA ARG B 308 8.20 53.18 6.59
C ARG B 308 9.12 52.47 7.59
N VAL B 309 9.36 51.17 7.42
CA VAL B 309 10.10 50.35 8.42
C VAL B 309 11.57 50.79 8.47
N LEU B 310 12.19 51.12 7.33
CA LEU B 310 13.64 51.46 7.34
C LEU B 310 13.85 52.95 7.59
N ALA B 311 12.86 53.83 7.42
CA ALA B 311 13.00 55.27 7.75
C ALA B 311 12.40 55.56 9.13
N GLY B 312 11.40 54.81 9.59
CA GLY B 312 10.59 55.10 10.78
C GLY B 312 10.52 53.91 11.71
N GLU B 313 10.33 54.17 13.00
CA GLU B 313 10.32 53.14 14.07
C GLU B 313 9.13 52.17 13.96
N PRO B 314 7.85 52.59 13.79
CA PRO B 314 6.73 51.64 13.89
C PRO B 314 6.63 50.57 12.81
N ARG B 315 6.29 49.34 13.23
CA ARG B 315 6.01 48.21 12.29
C ARG B 315 4.50 48.09 12.07
N ILE B 316 4.08 47.14 11.23
CA ILE B 316 2.63 46.89 10.90
C ILE B 316 1.77 46.80 12.18
N ASP B 317 2.34 46.32 13.29
CA ASP B 317 1.64 46.08 14.57
C ASP B 317 2.07 47.11 15.64
N GLY B 318 2.91 48.11 15.30
CA GLY B 318 3.39 49.13 16.23
C GLY B 318 4.63 48.72 17.05
N ARG B 319 5.24 47.55 16.81
CA ARG B 319 6.47 47.14 17.53
C ARG B 319 7.72 47.80 16.94
N GLU B 320 8.77 47.85 17.76
CA GLU B 320 10.13 48.30 17.37
C GLU B 320 10.90 47.17 16.66
N LYS B 321 12.17 47.40 16.34
CA LYS B 321 13.09 46.41 15.70
C LYS B 321 13.40 45.24 16.65
N ASP B 322 13.43 45.44 17.96
CA ASP B 322 14.01 44.47 18.94
C ASP B 322 12.94 43.93 19.91
N MET B 323 11.65 43.99 19.57
CA MET B 323 10.56 43.57 20.52
C MET B 323 9.96 42.24 20.07
N ILE B 324 10.36 41.15 20.72
CA ILE B 324 9.71 39.80 20.57
C ILE B 324 8.28 39.89 21.12
N ARG B 325 7.32 39.22 20.47
CA ARG B 325 5.89 39.23 20.88
C ARG B 325 5.70 38.65 22.28
N GLY B 326 4.63 39.06 22.96
CA GLY B 326 4.24 38.62 24.32
C GLY B 326 4.18 37.11 24.47
N LEU B 327 4.78 36.58 25.53
CA LEU B 327 5.02 35.12 25.70
C LEU B 327 4.06 34.59 26.77
N ASP B 328 3.41 33.46 26.48
CA ASP B 328 2.42 32.83 27.38
C ASP B 328 2.68 31.31 27.30
N VAL B 329 3.28 30.74 28.34
CA VAL B 329 3.80 29.34 28.32
C VAL B 329 3.17 28.52 29.45
N ARG B 330 2.64 27.35 29.11
CA ARG B 330 1.75 26.55 30.00
C ARG B 330 2.07 25.06 29.81
N THR B 331 2.72 24.46 30.79
CA THR B 331 3.17 23.03 30.76
C THR B 331 2.05 22.10 31.24
N GLY B 332 2.09 20.83 30.82
CA GLY B 332 1.29 19.73 31.36
C GLY B 332 -0.19 19.88 31.07
N VAL B 333 -0.54 20.54 29.96
CA VAL B 333 -1.93 20.95 29.62
C VAL B 333 -2.79 19.72 29.29
N LEU B 334 -2.20 18.66 28.72
CA LEU B 334 -2.93 17.40 28.41
C LEU B 334 -2.81 16.40 29.55
N PRO B 335 -3.90 15.70 29.93
CA PRO B 335 -3.80 14.54 30.81
C PRO B 335 -3.34 13.27 30.06
N ARG B 336 -2.79 12.30 30.79
CA ARG B 336 -2.57 10.88 30.37
C ARG B 336 -1.80 10.80 29.04
N THR B 337 -0.81 11.67 28.84
CA THR B 337 0.25 11.53 27.81
C THR B 337 1.57 11.89 28.47
N HIS B 338 2.69 11.29 28.03
CA HIS B 338 3.95 11.23 28.80
C HIS B 338 4.51 12.62 29.06
N GLY B 339 4.30 13.58 28.17
CA GLY B 339 4.68 14.99 28.40
C GLY B 339 4.07 15.93 27.38
N SER B 340 3.60 17.11 27.80
CA SER B 340 2.96 18.06 26.88
C SER B 340 3.22 19.51 27.33
N ALA B 341 3.22 20.44 26.38
CA ALA B 341 3.40 21.87 26.67
C ALA B 341 2.71 22.70 25.59
N LEU B 342 2.11 23.82 25.98
CA LEU B 342 1.53 24.78 25.01
C LEU B 342 2.39 26.04 25.06
N PHE B 343 3.05 26.37 23.94
CA PHE B 343 3.89 27.59 23.86
C PHE B 343 3.19 28.59 22.94
N THR B 344 2.82 29.76 23.45
CA THR B 344 2.13 30.80 22.67
C THR B 344 3.01 32.05 22.57
N ARG B 345 3.54 32.36 21.39
CA ARG B 345 4.35 33.59 21.19
C ARG B 345 3.46 34.58 20.44
N GLY B 346 2.84 35.53 21.14
CA GLY B 346 1.80 36.38 20.51
C GLY B 346 0.70 35.50 19.96
N GLU B 347 0.40 35.57 18.65
CA GLU B 347 -0.64 34.73 18.01
C GLU B 347 -0.15 33.31 17.65
N THR B 348 1.09 33.13 17.21
CA THR B 348 1.59 31.78 16.83
C THR B 348 1.50 30.92 18.09
N GLN B 349 0.83 29.78 17.99
CA GLN B 349 0.57 28.89 19.15
C GLN B 349 0.91 27.46 18.73
N ALA B 350 1.66 26.71 19.52
CA ALA B 350 2.05 25.32 19.20
C ALA B 350 1.73 24.41 20.39
N LEU B 351 0.93 23.38 20.19
CA LEU B 351 0.71 22.32 21.22
C LEU B 351 1.70 21.21 20.92
N VAL B 352 2.65 20.93 21.81
CA VAL B 352 3.73 19.95 21.55
C VAL B 352 3.67 18.85 22.61
N THR B 353 3.91 17.61 22.19
CA THR B 353 3.81 16.42 23.05
C THR B 353 5.00 15.48 22.81
N ALA B 354 5.49 14.87 23.87
CA ALA B 354 6.59 13.88 23.81
C ALA B 354 6.07 12.53 24.31
N THR B 355 6.39 11.44 23.61
CA THR B 355 6.03 10.06 24.03
C THR B 355 7.29 9.20 24.05
N LEU B 356 7.41 8.32 25.05
CA LEU B 356 8.57 7.38 25.18
C LEU B 356 8.16 6.00 24.71
N GLY B 357 9.10 5.22 24.17
CA GLY B 357 8.88 3.80 23.83
C GLY B 357 10.13 2.95 23.96
N THR B 358 9.97 1.63 23.90
CA THR B 358 11.09 0.65 23.97
C THR B 358 11.91 0.75 22.68
N ALA B 359 13.21 0.46 22.76
CA ALA B 359 14.17 0.56 21.62
C ALA B 359 13.65 -0.19 20.37
N ARG B 360 12.86 -1.26 20.59
CA ARG B 360 12.19 -2.09 19.55
C ARG B 360 11.41 -1.22 18.55
N ASP B 361 10.83 -0.09 18.99
CA ASP B 361 9.88 0.69 18.15
C ASP B 361 10.59 1.79 17.36
N ALA B 362 11.92 1.89 17.44
CA ALA B 362 12.76 2.73 16.53
C ALA B 362 12.50 2.33 15.05
N GLN B 363 12.59 3.29 14.13
CA GLN B 363 12.39 3.04 12.68
C GLN B 363 13.72 2.66 12.01
N VAL B 364 13.64 1.85 10.95
CA VAL B 364 14.83 1.40 10.18
C VAL B 364 14.82 2.09 8.82
N LEU B 365 15.70 3.07 8.63
CA LEU B 365 15.77 3.87 7.37
C LEU B 365 16.73 3.19 6.41
N ASP B 366 16.19 2.69 5.29
CA ASP B 366 16.95 2.05 4.19
C ASP B 366 17.39 3.16 3.22
N GLU B 367 18.40 3.92 3.64
CA GLU B 367 18.91 5.02 2.78
C GLU B 367 19.88 4.39 1.77
N LEU B 368 20.12 5.07 0.65
CA LEU B 368 21.08 4.56 -0.36
C LEU B 368 22.45 4.48 0.31
N MET B 369 22.78 5.45 1.16
CA MET B 369 24.11 5.49 1.81
C MET B 369 24.34 4.24 2.66
N GLY B 370 23.31 3.78 3.38
CA GLY B 370 23.43 2.58 4.22
C GLY B 370 22.28 2.50 5.22
N GLU B 371 21.93 1.30 5.70
CA GLU B 371 20.73 1.25 6.58
C GLU B 371 21.11 1.78 7.95
N ARG B 372 20.24 2.59 8.57
CA ARG B 372 20.49 3.12 9.93
C ARG B 372 19.20 3.12 10.74
N THR B 373 19.34 3.08 12.07
CA THR B 373 18.21 3.09 13.02
C THR B 373 18.35 4.35 13.88
N ASP B 374 17.38 5.26 13.79
CA ASP B 374 17.35 6.49 14.63
C ASP B 374 16.29 6.33 15.73
N THR B 375 16.60 6.85 16.91
CA THR B 375 15.79 6.68 18.14
C THR B 375 14.97 7.94 18.44
N PHE B 376 15.19 9.02 17.70
CA PHE B 376 14.51 10.32 17.94
C PHE B 376 13.71 10.71 16.69
N LEU B 377 12.40 10.89 16.85
CA LEU B 377 11.44 11.14 15.75
C LEU B 377 10.77 12.49 16.01
N PHE B 378 10.70 13.36 15.01
CA PHE B 378 9.97 14.64 15.09
C PHE B 378 8.90 14.66 13.99
N HIS B 379 7.65 14.98 14.35
CA HIS B 379 6.53 15.09 13.38
C HIS B 379 5.81 16.43 13.58
N TYR B 380 5.55 17.13 12.49
CA TYR B 380 5.07 18.53 12.49
C TYR B 380 3.74 18.54 11.74
N ASN B 381 2.66 18.89 12.41
CA ASN B 381 1.30 18.80 11.84
C ASN B 381 0.73 20.21 11.71
N PHE B 382 0.34 20.59 10.49
CA PHE B 382 -0.09 21.98 10.16
C PHE B 382 -1.52 21.95 9.66
N PRO B 383 -2.53 21.86 10.55
CA PRO B 383 -3.92 21.77 10.12
C PRO B 383 -4.44 23.10 9.60
N PRO B 384 -5.40 23.10 8.64
CA PRO B 384 -5.80 24.31 7.93
C PRO B 384 -6.56 25.33 8.81
N TYR B 385 -7.17 24.90 9.92
CA TYR B 385 -7.88 25.81 10.85
C TYR B 385 -6.88 26.72 11.57
N SER B 386 -5.60 26.35 11.65
CA SER B 386 -4.54 27.21 12.25
C SER B 386 -4.41 28.53 11.47
N VAL B 387 -4.72 28.55 10.18
CA VAL B 387 -4.64 29.76 9.31
C VAL B 387 -6.01 30.48 9.30
N GLY B 388 -7.07 29.83 9.76
CA GLY B 388 -8.46 30.32 9.69
C GLY B 388 -9.14 29.96 8.37
N GLU B 389 -8.64 28.96 7.66
CA GLU B 389 -9.12 28.55 6.32
C GLU B 389 -9.70 27.14 6.39
N THR B 390 -10.39 26.68 5.34
CA THR B 390 -10.84 25.28 5.18
C THR B 390 -9.99 24.58 4.12
N GLY B 391 -9.68 23.30 4.33
CA GLY B 391 -8.94 22.49 3.35
C GLY B 391 -8.76 21.05 3.80
N MET B 392 -8.13 20.27 2.91
CA MET B 392 -7.84 18.85 3.25
C MET B 392 -6.82 18.84 4.39
N VAL B 393 -6.66 17.68 5.02
CA VAL B 393 -5.77 17.55 6.23
C VAL B 393 -4.80 16.37 6.09
N GLY B 394 -5.19 15.30 5.38
CA GLY B 394 -4.58 13.95 5.38
C GLY B 394 -3.07 13.84 5.17
N SER B 395 -2.54 14.30 4.01
CA SER B 395 -1.13 14.05 3.60
C SER B 395 -0.24 15.26 3.86
N PRO B 396 0.96 15.10 4.46
CA PRO B 396 1.87 16.25 4.65
C PRO B 396 2.45 16.80 3.33
N LYS B 397 2.49 18.13 3.20
CA LYS B 397 3.13 18.84 2.06
C LYS B 397 4.63 19.00 2.32
N ARG B 398 5.36 19.49 1.32
CA ARG B 398 6.84 19.67 1.32
C ARG B 398 7.27 20.56 2.49
N ARG B 399 6.52 21.64 2.77
CA ARG B 399 6.83 22.63 3.84
C ARG B 399 6.72 21.96 5.23
N GLU B 400 5.72 21.10 5.46
CA GLU B 400 5.57 20.37 6.77
C GLU B 400 6.81 19.50 7.00
N ILE B 401 7.33 18.84 5.97
CA ILE B 401 8.56 17.99 6.08
C ILE B 401 9.78 18.91 6.28
N GLY B 402 9.87 20.02 5.53
CA GLY B 402 10.93 21.03 5.71
C GLY B 402 11.01 21.55 7.13
N HIS B 403 9.89 22.05 7.67
CA HIS B 403 9.81 22.61 9.03
C HIS B 403 10.06 21.53 10.08
N GLY B 404 9.52 20.31 9.88
CA GLY B 404 9.76 19.18 10.79
C GLY B 404 11.25 18.88 10.92
N ARG B 405 11.96 18.92 9.79
CA ARG B 405 13.42 18.66 9.73
C ARG B 405 14.18 19.78 10.46
N LEU B 406 13.85 21.05 10.19
CA LEU B 406 14.55 22.19 10.83
C LEU B 406 14.34 22.12 12.36
N ALA B 407 13.12 21.88 12.83
CA ALA B 407 12.82 21.76 14.27
C ALA B 407 13.66 20.62 14.87
N LYS B 408 13.78 19.49 14.16
CA LYS B 408 14.59 18.33 14.63
C LYS B 408 16.05 18.75 14.81
N ARG B 409 16.62 19.52 13.87
CA ARG B 409 18.01 20.03 13.99
C ARG B 409 18.15 20.85 15.29
N GLY B 410 17.14 21.67 15.64
CA GLY B 410 17.15 22.50 16.87
C GLY B 410 17.31 21.70 18.15
N VAL B 411 16.66 20.55 18.30
CA VAL B 411 16.65 19.78 19.57
C VAL B 411 17.68 18.64 19.53
N LEU B 412 18.03 18.11 18.36
CA LEU B 412 18.94 16.94 18.22
C LEU B 412 20.30 17.19 18.90
N ALA B 413 20.77 18.44 18.98
CA ALA B 413 22.03 18.84 19.63
C ALA B 413 22.01 18.59 21.15
N VAL B 414 20.84 18.47 21.78
CA VAL B 414 20.75 18.52 23.28
C VAL B 414 20.10 17.25 23.85
N MET B 415 19.78 16.27 23.02
CA MET B 415 19.25 14.95 23.47
C MET B 415 20.32 14.18 24.23
N PRO B 416 19.93 13.40 25.27
CA PRO B 416 20.86 12.51 25.95
C PRO B 416 21.24 11.33 25.04
N ASP B 417 22.44 10.79 25.25
CA ASP B 417 22.94 9.64 24.44
C ASP B 417 22.20 8.38 24.88
N MET B 418 22.03 7.41 23.98
CA MET B 418 21.22 6.19 24.25
C MET B 418 21.87 5.34 25.35
N ASP B 419 23.18 5.48 25.56
CA ASP B 419 23.94 4.73 26.60
C ASP B 419 23.78 5.38 28.00
N LYS B 420 22.90 6.36 28.18
CA LYS B 420 22.38 6.75 29.52
C LYS B 420 20.91 7.18 29.42
N PHE B 421 20.21 6.83 28.34
CA PHE B 421 18.73 6.98 28.23
C PHE B 421 18.18 5.98 27.22
N PRO B 422 17.80 4.74 27.67
CA PRO B 422 17.56 3.62 26.74
C PRO B 422 16.22 3.60 26.01
N TYR B 423 15.57 4.75 25.82
CA TYR B 423 14.23 4.89 25.19
C TYR B 423 14.31 5.52 23.80
N THR B 424 13.39 5.14 22.91
CA THR B 424 13.07 5.94 21.71
C THR B 424 12.07 7.02 22.11
N VAL B 425 12.22 8.22 21.56
CA VAL B 425 11.39 9.39 21.94
C VAL B 425 10.81 9.98 20.67
N ARG B 426 9.50 10.18 20.64
CA ARG B 426 8.80 10.80 19.48
C ARG B 426 8.22 12.12 19.96
N VAL B 427 8.51 13.21 19.26
CA VAL B 427 7.89 14.53 19.53
C VAL B 427 6.90 14.84 18.41
N VAL B 428 5.65 15.12 18.75
CA VAL B 428 4.63 15.57 17.76
C VAL B 428 4.24 17.00 18.11
N SER B 429 4.41 17.92 17.16
CA SER B 429 3.95 19.33 17.35
C SER B 429 2.75 19.63 16.45
N GLU B 430 1.68 20.14 17.06
CA GLU B 430 0.44 20.54 16.37
C GLU B 430 0.35 22.07 16.37
N ILE B 431 0.55 22.68 15.20
CA ILE B 431 0.52 24.16 15.10
C ILE B 431 -0.94 24.59 15.13
N THR B 432 -1.43 25.11 16.25
CA THR B 432 -2.89 25.43 16.43
C THR B 432 -3.20 26.85 15.97
N GLU B 433 -2.21 27.74 15.87
CA GLU B 433 -2.35 29.05 15.17
C GLU B 433 -1.01 29.38 14.50
N SER B 434 -1.05 30.03 13.34
CA SER B 434 0.17 30.34 12.56
C SER B 434 0.05 31.68 11.86
N ASN B 435 0.20 32.78 12.61
CA ASN B 435 0.40 34.12 11.98
C ASN B 435 1.89 34.25 11.63
N GLY B 436 2.77 33.97 12.59
CA GLY B 436 4.22 34.23 12.44
C GLY B 436 5.01 33.01 12.01
N SER B 437 6.24 32.93 12.47
CA SER B 437 7.22 31.85 12.15
C SER B 437 6.94 30.64 13.04
N SER B 438 6.15 29.68 12.55
CA SER B 438 5.63 28.55 13.34
C SER B 438 6.74 27.55 13.72
N SER B 439 7.70 27.29 12.84
CA SER B 439 8.71 26.21 13.03
C SER B 439 9.57 26.49 14.28
N MET B 440 9.96 27.73 14.50
CA MET B 440 10.79 28.10 15.68
C MET B 440 9.96 28.17 16.96
N ALA B 441 8.64 28.38 16.91
CA ALA B 441 7.75 28.18 18.08
C ALA B 441 7.70 26.68 18.44
N SER B 442 7.83 25.81 17.45
CA SER B 442 7.79 24.33 17.63
C SER B 442 9.04 23.84 18.38
N VAL B 443 10.22 24.45 18.15
CA VAL B 443 11.48 24.09 18.87
C VAL B 443 11.32 24.39 20.36
N CYS B 444 10.84 25.58 20.71
CA CYS B 444 10.63 25.93 22.14
C CYS B 444 9.68 24.90 22.75
N GLY B 445 8.49 24.75 22.18
CA GLY B 445 7.49 23.77 22.66
C GLY B 445 8.09 22.39 22.88
N ALA B 446 8.91 21.91 21.94
CA ALA B 446 9.56 20.59 22.02
C ALA B 446 10.52 20.54 23.20
N SER B 447 11.25 21.64 23.44
CA SER B 447 12.23 21.69 24.56
C SER B 447 11.52 21.77 25.92
N LEU B 448 10.26 22.19 25.96
CA LEU B 448 9.50 22.16 27.25
C LEU B 448 8.85 20.79 27.40
N ALA B 449 8.32 20.23 26.32
CA ALA B 449 7.63 18.91 26.36
C ALA B 449 8.63 17.82 26.75
N LEU B 450 9.84 17.82 26.16
CA LEU B 450 10.90 16.82 26.46
C LEU B 450 11.31 16.93 27.93
N MET B 451 11.63 18.12 28.43
CA MET B 451 12.15 18.19 29.83
C MET B 451 10.99 18.12 30.83
N ASP B 452 9.73 18.12 30.39
CA ASP B 452 8.55 17.85 31.25
C ASP B 452 8.32 16.34 31.36
N ALA B 453 8.44 15.58 30.26
CA ALA B 453 8.30 14.10 30.28
C ALA B 453 9.46 13.48 31.09
N GLY B 454 10.52 14.24 31.36
CA GLY B 454 11.60 13.87 32.28
C GLY B 454 12.82 13.30 31.60
N VAL B 455 12.97 13.47 30.28
CA VAL B 455 14.24 13.06 29.60
C VAL B 455 15.30 14.11 29.99
N PRO B 456 16.50 13.68 30.42
CA PRO B 456 17.53 14.60 30.89
C PRO B 456 18.26 15.26 29.71
N ILE B 457 17.63 16.29 29.14
CA ILE B 457 18.27 17.09 28.05
C ILE B 457 19.45 17.89 28.62
N LYS B 458 20.48 18.12 27.79
CA LYS B 458 21.77 18.72 28.24
C LYS B 458 21.60 20.21 28.62
N ALA B 459 20.68 20.92 27.97
CA ALA B 459 20.24 22.29 28.33
C ALA B 459 18.90 22.61 27.65
N ALA B 460 18.17 23.60 28.15
CA ALA B 460 16.96 24.11 27.47
C ALA B 460 17.37 24.82 26.16
N VAL B 461 16.56 24.66 25.10
CA VAL B 461 16.83 25.31 23.78
C VAL B 461 15.63 26.15 23.36
N ALA B 462 15.83 27.08 22.42
CA ALA B 462 14.73 27.98 21.98
C ALA B 462 15.12 28.59 20.62
N GLY B 463 14.16 29.15 19.89
CA GLY B 463 14.46 29.63 18.53
C GLY B 463 13.68 30.86 18.13
N ILE B 464 14.22 31.63 17.18
CA ILE B 464 13.58 32.88 16.68
C ILE B 464 13.83 33.03 15.18
N ALA B 465 12.85 33.58 14.45
CA ALA B 465 12.99 34.00 13.04
C ALA B 465 13.21 35.50 12.94
N MET B 466 14.12 35.93 12.06
CA MET B 466 14.53 37.35 11.93
C MET B 466 14.62 37.77 10.46
N GLY B 467 14.50 39.07 10.20
CA GLY B 467 14.52 39.63 8.83
C GLY B 467 15.48 40.79 8.74
N LEU B 468 16.11 40.94 7.58
CA LEU B 468 16.95 42.12 7.24
C LEU B 468 16.27 42.85 6.08
N VAL B 469 16.14 44.16 6.22
CA VAL B 469 15.67 45.07 5.13
C VAL B 469 16.88 45.90 4.73
N LYS B 470 17.21 45.96 3.45
CA LYS B 470 18.47 46.60 3.00
C LYS B 470 18.22 47.45 1.76
N GLU B 471 18.82 48.65 1.75
CA GLU B 471 18.82 49.63 0.64
C GLU B 471 20.26 50.10 0.33
N GLY B 472 20.38 51.11 -0.53
CA GLY B 472 21.61 51.51 -1.24
C GLY B 472 22.83 51.69 -0.35
N ASP B 473 22.64 52.10 0.91
CA ASP B 473 23.76 52.22 1.88
C ASP B 473 23.34 51.95 3.34
N ASN B 474 22.11 51.50 3.58
CA ASN B 474 21.59 51.34 4.98
C ASN B 474 20.65 50.14 5.06
N TYR B 475 20.46 49.62 6.27
CA TYR B 475 19.69 48.38 6.53
C TYR B 475 19.16 48.42 7.96
N VAL B 476 18.01 47.81 8.20
CA VAL B 476 17.46 47.62 9.57
C VAL B 476 17.25 46.13 9.80
N VAL B 477 17.62 45.63 10.98
CA VAL B 477 17.41 44.19 11.30
C VAL B 477 16.18 44.07 12.20
N LEU B 478 15.20 43.28 11.78
CA LEU B 478 13.91 43.16 12.53
C LEU B 478 13.90 41.81 13.25
N SER B 479 13.33 41.77 14.45
CA SER B 479 13.26 40.50 15.24
C SER B 479 11.82 39.99 15.25
N ASP B 480 11.63 38.68 15.22
CA ASP B 480 10.28 38.08 15.24
C ASP B 480 9.43 38.65 14.11
N ILE B 481 9.90 38.53 12.87
CA ILE B 481 9.12 39.03 11.70
C ILE B 481 7.80 38.26 11.65
N LEU B 482 6.70 38.96 11.37
CA LEU B 482 5.38 38.29 11.22
C LEU B 482 5.25 37.78 9.79
N GLY B 483 4.23 36.95 9.52
CA GLY B 483 3.97 36.42 8.18
C GLY B 483 3.76 37.53 7.17
N ASP B 484 3.06 38.60 7.55
CA ASP B 484 2.77 39.76 6.67
C ASP B 484 4.07 40.51 6.32
N GLU B 485 5.02 40.57 7.25
CA GLU B 485 6.26 41.40 7.08
C GLU B 485 7.35 40.65 6.30
N ASP B 486 7.13 39.39 5.91
CA ASP B 486 8.17 38.61 5.19
C ASP B 486 8.40 39.27 3.82
N HIS B 487 7.37 39.88 3.20
CA HIS B 487 7.50 40.47 1.85
C HIS B 487 8.54 41.59 1.87
N LEU B 488 8.62 42.35 2.97
CA LEU B 488 9.57 43.49 3.03
C LEU B 488 11.00 42.99 3.20
N GLY B 489 11.21 41.90 3.92
CA GLY B 489 12.55 41.32 4.17
C GLY B 489 13.28 40.89 2.90
N ASP B 490 14.51 41.36 2.72
CA ASP B 490 15.37 40.95 1.58
C ASP B 490 16.15 39.69 1.99
N MET B 491 16.49 39.60 3.27
CA MET B 491 17.11 38.40 3.87
C MET B 491 16.22 37.96 5.02
N ASP B 492 16.06 36.65 5.24
CA ASP B 492 15.48 36.16 6.52
C ASP B 492 16.22 34.90 6.95
N PHE B 493 16.28 34.69 8.26
CA PHE B 493 17.09 33.60 8.86
C PHE B 493 16.46 33.17 10.18
N LYS B 494 16.70 31.90 10.54
CA LYS B 494 16.15 31.34 11.78
C LYS B 494 17.30 30.77 12.62
N VAL B 495 17.31 30.99 13.93
CA VAL B 495 18.40 30.56 14.83
C VAL B 495 17.77 29.81 16.00
N ALA B 496 18.30 28.63 16.32
CA ALA B 496 17.89 27.86 17.53
C ALA B 496 19.12 27.53 18.36
N GLY B 497 19.06 27.73 19.69
CA GLY B 497 20.25 27.55 20.55
C GLY B 497 19.92 27.48 22.03
N SER B 498 20.94 27.23 22.85
CA SER B 498 20.76 27.19 24.32
C SER B 498 21.18 28.53 24.88
N ARG B 499 21.54 28.57 26.16
CA ARG B 499 22.05 29.84 26.74
C ARG B 499 23.33 30.20 25.99
N ASP B 500 24.17 29.20 25.71
CA ASP B 500 25.40 29.46 24.92
C ASP B 500 25.50 28.51 23.72
N GLY B 501 25.65 29.05 22.51
CA GLY B 501 25.90 28.17 21.35
C GLY B 501 24.73 27.94 20.42
N ILE B 502 24.91 28.18 19.12
CA ILE B 502 23.88 27.88 18.10
C ILE B 502 23.81 26.36 17.91
N SER B 503 22.60 25.82 17.82
CA SER B 503 22.33 24.37 17.60
C SER B 503 21.91 24.13 16.15
N ALA B 504 21.12 25.03 15.55
CA ALA B 504 20.76 24.99 14.13
C ALA B 504 20.63 26.42 13.60
N LEU B 505 20.97 26.63 12.34
CA LEU B 505 20.90 27.94 11.67
C LEU B 505 20.49 27.74 10.22
N GLN B 506 19.62 28.62 9.72
CA GLN B 506 19.16 28.60 8.32
C GLN B 506 19.06 30.03 7.83
N MET B 507 19.48 30.30 6.59
CA MET B 507 19.38 31.64 5.96
C MET B 507 18.96 31.47 4.50
N ASP B 508 18.01 32.28 4.03
CA ASP B 508 17.78 32.50 2.58
C ASP B 508 18.02 33.99 2.26
N ILE B 509 18.80 34.26 1.24
CA ILE B 509 19.15 35.64 0.80
C ILE B 509 18.47 35.93 -0.55
N LYS B 510 17.85 37.10 -0.71
CA LYS B 510 17.12 37.47 -1.96
C LYS B 510 17.84 38.62 -2.68
N ILE B 511 18.90 39.22 -2.12
CA ILE B 511 19.60 40.36 -2.76
C ILE B 511 21.11 40.27 -2.56
N GLU B 512 21.88 40.75 -3.54
CA GLU B 512 23.36 40.83 -3.52
C GLU B 512 23.83 41.99 -2.61
N GLY B 513 25.08 41.91 -2.13
CA GLY B 513 25.78 43.01 -1.44
C GLY B 513 25.71 42.90 0.08
N ILE B 514 24.93 41.96 0.63
CA ILE B 514 25.05 41.57 2.07
C ILE B 514 26.40 40.84 2.27
N THR B 515 26.96 40.94 3.48
CA THR B 515 28.40 40.63 3.77
C THR B 515 28.56 40.17 5.22
N LYS B 516 29.72 39.56 5.52
CA LYS B 516 30.17 39.16 6.88
C LYS B 516 29.94 40.30 7.89
N GLU B 517 30.17 41.55 7.49
CA GLU B 517 30.06 42.72 8.42
C GLU B 517 28.59 42.95 8.81
N ILE B 518 27.64 42.60 7.96
CA ILE B 518 26.18 42.71 8.28
C ILE B 518 25.78 41.50 9.12
N MET B 519 26.10 40.29 8.66
CA MET B 519 25.72 39.02 9.36
C MET B 519 26.25 39.00 10.79
N GLN B 520 27.42 39.61 11.03
CA GLN B 520 28.03 39.82 12.37
C GLN B 520 27.06 40.52 13.31
N VAL B 521 26.37 41.59 12.89
CA VAL B 521 25.41 42.31 13.78
C VAL B 521 24.11 41.52 13.83
N ALA B 522 23.65 40.95 12.71
CA ALA B 522 22.36 40.23 12.61
C ALA B 522 22.32 39.04 13.57
N LEU B 523 23.37 38.22 13.64
CA LEU B 523 23.40 37.07 14.59
C LEU B 523 23.60 37.55 16.04
N ASN B 524 24.24 38.70 16.26
CA ASN B 524 24.43 39.27 17.62
C ASN B 524 23.05 39.72 18.14
N GLN B 525 22.22 40.34 17.30
CA GLN B 525 20.84 40.73 17.68
C GLN B 525 20.01 39.45 17.97
N ALA B 526 20.23 38.37 17.22
CA ALA B 526 19.58 37.05 17.48
C ALA B 526 20.01 36.49 18.85
N LYS B 527 21.28 36.60 19.22
CA LYS B 527 21.79 36.15 20.54
C LYS B 527 21.10 36.96 21.64
N GLY B 528 20.84 38.26 21.44
CA GLY B 528 20.06 39.11 22.36
C GLY B 528 18.64 38.59 22.54
N ALA B 529 17.89 38.46 21.44
CA ALA B 529 16.43 38.15 21.44
C ALA B 529 16.18 36.73 21.95
N ARG B 530 16.93 35.73 21.49
CA ARG B 530 16.87 34.33 21.98
C ARG B 530 17.05 34.28 23.50
N LEU B 531 17.98 35.06 24.04
CA LEU B 531 18.34 35.04 25.47
C LEU B 531 17.21 35.62 26.31
N HIS B 532 16.21 36.28 25.70
CA HIS B 532 15.03 36.73 26.47
C HIS B 532 14.01 35.60 26.53
N ILE B 533 13.76 34.92 25.40
CA ILE B 533 12.78 33.80 25.36
C ILE B 533 13.23 32.74 26.36
N LEU B 534 14.53 32.53 26.51
CA LEU B 534 15.00 31.43 27.40
C LEU B 534 14.55 31.74 28.82
N GLY B 535 14.61 32.99 29.25
CA GLY B 535 14.25 33.31 30.64
C GLY B 535 12.80 32.99 30.97
N VAL B 536 11.87 33.38 30.09
CA VAL B 536 10.42 33.09 30.31
C VAL B 536 10.21 31.57 30.29
N MET B 537 10.86 30.89 29.36
CA MET B 537 10.73 29.42 29.24
C MET B 537 11.27 28.78 30.53
N GLU B 538 12.36 29.33 31.07
CA GLU B 538 13.01 28.75 32.27
C GLU B 538 12.04 28.75 33.45
N GLN B 539 11.26 29.82 33.61
CA GLN B 539 10.39 29.90 34.81
C GLN B 539 9.42 28.72 34.84
N ALA B 540 8.80 28.36 33.71
CA ALA B 540 7.80 27.27 33.70
C ALA B 540 8.40 25.93 34.10
N ILE B 541 9.56 25.57 33.55
CA ILE B 541 10.28 24.31 33.91
C ILE B 541 11.76 24.67 33.98
N ASN B 542 12.36 24.67 35.17
CA ASN B 542 13.76 25.14 35.31
C ASN B 542 14.73 24.05 34.82
N ALA B 543 14.45 22.78 35.10
CA ALA B 543 15.34 21.63 34.80
C ALA B 543 14.52 20.38 34.52
N PRO B 544 15.05 19.39 33.75
CA PRO B 544 14.37 18.09 33.61
C PRO B 544 14.16 17.40 34.98
N ARG B 545 13.00 16.76 35.14
CA ARG B 545 12.61 16.18 36.46
C ARG B 545 12.56 14.66 36.41
N GLY B 546 11.78 14.03 37.31
CA GLY B 546 11.62 12.55 37.30
C GLY B 546 10.79 12.04 36.13
N ASP B 547 10.78 10.71 35.93
CA ASP B 547 10.01 10.10 34.80
C ASP B 547 8.50 10.19 35.06
N ILE B 548 7.69 9.91 34.03
CA ILE B 548 6.20 10.04 34.17
C ILE B 548 5.75 9.07 35.25
N SER B 549 4.77 9.47 36.06
CA SER B 549 4.40 8.63 37.24
C SER B 549 3.89 7.24 36.89
N GLU B 550 2.99 7.12 35.91
CA GLU B 550 2.41 5.78 35.67
C GLU B 550 2.43 5.40 34.20
N PHE B 551 1.99 6.30 33.33
CA PHE B 551 1.84 5.94 31.89
C PHE B 551 3.19 5.56 31.28
N ALA B 552 4.28 6.19 31.70
CA ALA B 552 5.59 5.94 31.06
C ALA B 552 6.01 4.46 31.18
N PRO B 553 6.56 3.85 30.12
CA PRO B 553 7.06 2.49 30.20
C PRO B 553 8.35 2.47 31.04
N ARG B 554 8.50 1.48 31.92
CA ARG B 554 9.76 1.34 32.71
C ARG B 554 10.43 0.06 32.22
N ILE B 555 11.76 -0.01 32.21
CA ILE B 555 12.44 -1.21 31.62
C ILE B 555 13.14 -2.04 32.69
N HIS B 556 12.94 -3.38 32.70
CA HIS B 556 13.71 -4.23 33.63
C HIS B 556 14.54 -5.22 32.81
N THR B 557 15.76 -5.52 33.24
CA THR B 557 16.75 -6.29 32.44
C THR B 557 17.32 -7.45 33.27
N ILE B 558 16.42 -8.37 33.62
CA ILE B 558 16.74 -9.63 34.37
C ILE B 558 17.65 -10.51 33.49
N LYS B 559 18.66 -11.13 34.12
CA LYS B 559 19.69 -11.92 33.39
C LYS B 559 19.36 -13.40 33.55
N ILE B 560 19.25 -14.14 32.43
CA ILE B 560 18.86 -15.58 32.38
C ILE B 560 19.92 -16.32 31.56
N ASN B 561 20.16 -17.61 31.82
CA ASN B 561 21.13 -18.42 31.01
C ASN B 561 20.59 -18.49 29.57
N PRO B 562 21.34 -17.95 28.56
CA PRO B 562 20.77 -17.65 27.25
C PRO B 562 20.30 -18.85 26.42
N ASP B 563 20.80 -20.05 26.69
CA ASP B 563 20.32 -21.30 26.03
C ASP B 563 18.87 -21.58 26.43
N LYS B 564 18.51 -21.37 27.69
CA LYS B 564 17.11 -21.47 28.19
C LYS B 564 16.26 -20.36 27.57
N ILE B 565 16.80 -19.14 27.38
CA ILE B 565 16.06 -18.03 26.68
C ILE B 565 15.77 -18.46 25.23
N LYS B 566 16.75 -19.03 24.54
CA LYS B 566 16.62 -19.50 23.14
C LYS B 566 15.50 -20.54 23.05
N ASP B 567 15.40 -21.47 24.01
CA ASP B 567 14.30 -22.49 24.06
C ASP B 567 12.94 -21.82 24.35
N VAL B 568 12.94 -20.75 25.15
CA VAL B 568 11.72 -19.94 25.42
C VAL B 568 11.28 -19.25 24.13
N ILE B 569 12.19 -18.92 23.20
CA ILE B 569 11.78 -18.42 21.84
C ILE B 569 10.98 -19.52 21.12
N GLY B 570 11.23 -20.79 21.42
CA GLY B 570 10.46 -21.92 20.84
C GLY B 570 10.73 -22.09 19.35
N LYS B 571 9.71 -22.46 18.55
CA LYS B 571 9.86 -22.61 17.08
C LYS B 571 9.94 -21.20 16.44
N GLY B 572 11.00 -20.46 16.74
CA GLY B 572 11.33 -19.15 16.14
C GLY B 572 10.37 -18.04 16.55
N GLY B 573 9.66 -18.15 17.68
CA GLY B 573 8.71 -17.15 18.19
C GLY B 573 7.25 -17.55 17.98
N SER B 574 6.70 -18.36 18.88
CA SER B 574 5.30 -18.86 18.82
C SER B 574 4.65 -18.92 20.21
N VAL B 575 5.39 -19.25 21.27
CA VAL B 575 4.85 -19.28 22.67
C VAL B 575 4.88 -17.86 23.24
N ILE B 576 5.94 -17.08 22.99
CA ILE B 576 6.17 -15.73 23.59
C ILE B 576 4.99 -14.80 23.26
N ARG B 577 4.32 -14.97 22.13
CA ARG B 577 3.08 -14.23 21.75
C ARG B 577 2.06 -14.23 22.91
N ALA B 578 1.75 -15.43 23.42
CA ALA B 578 0.84 -15.61 24.59
C ALA B 578 1.37 -14.86 25.81
N LEU B 579 2.67 -14.93 26.09
CA LEU B 579 3.31 -14.37 27.31
C LEU B 579 3.20 -12.83 27.28
N THR B 580 3.56 -12.19 26.16
CA THR B 580 3.44 -10.70 26.06
C THR B 580 1.94 -10.33 26.13
N GLU B 581 1.04 -11.12 25.55
CA GLU B 581 -0.41 -10.79 25.46
C GLU B 581 -1.09 -10.98 26.83
N GLU B 582 -0.73 -12.01 27.62
CA GLU B 582 -1.41 -12.24 28.93
C GLU B 582 -0.96 -11.20 29.96
N THR B 583 0.31 -10.81 29.93
CA THR B 583 0.81 -9.65 30.75
C THR B 583 0.18 -8.35 30.22
N GLY B 584 -0.05 -8.25 28.92
CA GLY B 584 -0.53 -7.04 28.24
C GLY B 584 0.53 -5.97 28.18
N THR B 585 1.81 -6.32 28.33
CA THR B 585 2.95 -5.38 28.31
C THR B 585 4.03 -5.86 27.34
N THR B 586 4.88 -4.95 26.88
CA THR B 586 5.91 -5.20 25.81
C THR B 586 7.16 -5.91 26.36
N ILE B 587 7.02 -7.16 26.82
CA ILE B 587 8.19 -7.97 27.28
C ILE B 587 8.95 -8.40 26.02
N GLU B 588 10.27 -8.20 25.98
CA GLU B 588 11.07 -8.44 24.74
C GLU B 588 11.52 -9.92 24.62
N ILE B 589 11.88 -10.30 23.40
CA ILE B 589 12.36 -11.66 23.04
C ILE B 589 13.89 -11.71 22.96
N GLU B 590 14.62 -10.71 23.45
CA GLU B 590 16.08 -10.62 23.22
C GLU B 590 16.76 -11.82 23.87
N ASP B 591 17.62 -12.52 23.11
CA ASP B 591 18.27 -13.80 23.48
C ASP B 591 19.74 -13.56 23.89
N ASP B 592 20.12 -12.32 24.24
CA ASP B 592 21.53 -11.94 24.53
C ASP B 592 21.91 -12.28 25.99
N GLY B 593 20.99 -12.84 26.77
CA GLY B 593 21.17 -13.07 28.21
C GLY B 593 20.60 -11.95 29.06
N THR B 594 20.09 -10.85 28.47
CA THR B 594 19.37 -9.77 29.19
C THR B 594 17.93 -9.74 28.68
N VAL B 595 16.98 -10.33 29.41
CA VAL B 595 15.54 -10.34 29.00
C VAL B 595 14.97 -8.96 29.31
N LYS B 596 14.41 -8.27 28.31
CA LYS B 596 13.74 -6.97 28.52
C LYS B 596 12.29 -7.22 28.99
N ILE B 597 12.08 -7.02 30.28
CA ILE B 597 10.73 -7.04 30.92
C ILE B 597 10.23 -5.59 31.03
N ALA B 598 9.79 -5.04 29.92
CA ALA B 598 9.24 -3.66 29.88
C ALA B 598 7.73 -3.71 30.18
N ALA B 599 7.27 -2.90 31.14
CA ALA B 599 5.87 -2.86 31.63
C ALA B 599 5.50 -1.48 32.18
N THR B 600 4.21 -1.16 32.27
CA THR B 600 3.71 0.18 32.69
C THR B 600 3.50 0.24 34.21
N ASP B 601 3.72 -0.84 34.96
CA ASP B 601 3.84 -0.81 36.45
C ASP B 601 4.70 -1.98 36.96
N GLY B 602 5.03 -1.95 38.25
CA GLY B 602 5.87 -2.97 38.92
C GLY B 602 5.17 -4.32 39.03
N GLU B 603 3.82 -4.32 39.11
CA GLU B 603 3.03 -5.58 39.26
C GLU B 603 3.18 -6.40 37.97
N LYS B 604 2.96 -5.79 36.80
CA LYS B 604 3.08 -6.51 35.50
C LYS B 604 4.53 -6.91 35.25
N ALA B 605 5.51 -6.13 35.69
CA ALA B 605 6.96 -6.48 35.62
C ALA B 605 7.20 -7.75 36.45
N LYS B 606 6.75 -7.80 37.72
CA LYS B 606 6.94 -8.96 38.61
C LYS B 606 6.14 -10.17 38.10
N HIS B 607 4.93 -9.97 37.54
CA HIS B 607 4.11 -11.05 36.94
C HIS B 607 4.89 -11.68 35.78
N ALA B 608 5.48 -10.86 34.91
CA ALA B 608 6.29 -11.31 33.76
C ALA B 608 7.55 -12.05 34.25
N ILE B 609 8.23 -11.55 35.29
CA ILE B 609 9.45 -12.20 35.86
C ILE B 609 9.06 -13.58 36.41
N ARG B 610 7.97 -13.66 37.18
CA ARG B 610 7.43 -14.95 37.69
C ARG B 610 7.05 -15.87 36.52
N ARG B 611 6.45 -15.34 35.44
CA ARG B 611 6.03 -16.12 34.25
C ARG B 611 7.24 -16.72 33.51
N ILE B 612 8.33 -15.96 33.31
CA ILE B 612 9.56 -16.50 32.67
C ILE B 612 10.21 -17.50 33.64
N GLU B 613 10.20 -17.24 34.96
CA GLU B 613 10.74 -18.19 35.98
C GLU B 613 9.99 -19.52 35.97
N GLU B 614 8.66 -19.53 35.86
CA GLU B 614 7.83 -20.76 35.76
C GLU B 614 8.31 -21.69 34.64
N ILE B 615 8.59 -21.14 33.46
CA ILE B 615 8.93 -21.92 32.22
C ILE B 615 10.44 -22.20 32.18
N THR B 616 11.32 -21.39 32.82
CA THR B 616 12.79 -21.55 32.64
C THR B 616 13.39 -22.46 33.73
N ALA B 617 12.85 -22.43 34.95
CA ALA B 617 13.44 -23.11 36.12
C ALA B 617 13.22 -24.63 36.07
N GLU B 618 14.14 -25.39 36.69
CA GLU B 618 14.01 -26.87 36.89
C GLU B 618 14.36 -27.15 38.35
N ILE B 619 13.52 -27.89 39.09
CA ILE B 619 13.76 -28.11 40.55
C ILE B 619 15.03 -28.95 40.72
N GLU B 620 15.98 -28.46 41.51
CA GLU B 620 17.36 -29.01 41.63
C GLU B 620 17.41 -30.32 42.42
N VAL B 621 16.44 -30.60 43.31
CA VAL B 621 16.37 -31.88 44.09
C VAL B 621 14.94 -32.44 44.06
N GLY B 622 13.96 -31.63 44.43
CA GLY B 622 12.52 -32.00 44.41
C GLY B 622 12.17 -33.22 45.24
N ARG B 623 11.25 -34.06 44.74
CA ARG B 623 10.75 -35.27 45.44
C ARG B 623 10.91 -36.50 44.52
N VAL B 624 10.34 -37.65 44.91
CA VAL B 624 10.37 -38.88 44.08
C VAL B 624 9.15 -38.81 43.14
N TYR B 625 9.23 -38.01 42.08
CA TYR B 625 8.11 -37.82 41.10
C TYR B 625 7.60 -39.14 40.49
N THR B 626 6.27 -39.30 40.44
CA THR B 626 5.71 -40.48 39.71
C THR B 626 5.56 -40.01 38.25
N GLY B 627 6.67 -39.79 37.55
CA GLY B 627 6.60 -39.21 36.19
C GLY B 627 5.84 -40.05 35.19
N LYS B 628 5.02 -39.40 34.34
CA LYS B 628 4.19 -40.12 33.34
C LYS B 628 4.76 -39.92 31.94
N VAL B 629 4.77 -40.96 31.12
CA VAL B 629 5.37 -40.88 29.75
C VAL B 629 4.70 -39.77 28.93
N THR B 630 5.47 -38.76 28.51
CA THR B 630 4.95 -37.67 27.63
C THR B 630 5.34 -37.85 26.16
N ARG B 631 6.53 -38.36 25.84
CA ARG B 631 7.04 -38.31 24.42
C ARG B 631 7.99 -39.45 24.06
N ILE B 632 8.16 -39.63 22.74
CA ILE B 632 9.11 -40.62 22.13
C ILE B 632 10.33 -39.84 21.60
N VAL B 633 11.53 -40.37 21.83
CA VAL B 633 12.75 -39.78 21.19
C VAL B 633 13.32 -40.95 20.37
N ASP B 634 14.53 -40.85 19.86
CA ASP B 634 15.09 -42.06 19.19
C ASP B 634 15.70 -42.91 20.29
N PHE B 635 15.04 -44.01 20.68
CA PHE B 635 15.51 -44.82 21.83
C PHE B 635 15.62 -43.91 23.05
N GLY B 636 14.66 -42.99 23.22
CA GLY B 636 14.68 -42.04 24.36
C GLY B 636 13.27 -41.63 24.75
N ALA B 637 13.12 -40.55 25.54
CA ALA B 637 11.78 -40.17 26.04
C ALA B 637 11.80 -38.81 26.75
N PHE B 638 10.63 -38.25 27.03
CA PHE B 638 10.49 -37.09 27.95
C PHE B 638 9.44 -37.38 29.02
N VAL B 639 9.86 -37.22 30.29
CA VAL B 639 9.08 -37.51 31.51
C VAL B 639 8.74 -36.18 32.19
N ALA B 640 7.47 -35.97 32.57
CA ALA B 640 7.05 -34.78 33.34
C ALA B 640 7.61 -34.90 34.77
N ILE B 641 8.40 -33.92 35.18
CA ILE B 641 9.02 -33.80 36.54
C ILE B 641 8.99 -32.34 37.01
N GLY B 642 9.43 -32.07 38.24
CA GLY B 642 9.39 -30.72 38.86
C GLY B 642 10.10 -29.66 38.04
N GLY B 643 9.38 -28.59 37.67
CA GLY B 643 9.90 -27.46 36.87
C GLY B 643 9.33 -27.41 35.47
N GLY B 644 9.85 -26.48 34.65
CA GLY B 644 9.30 -26.14 33.33
C GLY B 644 9.74 -27.08 32.21
N LYS B 645 10.66 -28.01 32.49
CA LYS B 645 11.25 -28.90 31.45
C LYS B 645 11.20 -30.36 31.90
N GLU B 646 10.87 -31.25 30.96
CA GLU B 646 10.85 -32.72 31.16
C GLU B 646 12.27 -33.29 31.17
N GLY B 647 12.46 -34.43 31.86
CA GLY B 647 13.71 -35.21 31.87
C GLY B 647 13.65 -36.42 30.95
N LEU B 648 14.80 -37.04 30.65
CA LEU B 648 14.89 -38.23 29.77
C LEU B 648 15.38 -39.46 30.54
N VAL B 649 14.65 -40.57 30.47
CA VAL B 649 15.16 -41.91 30.89
C VAL B 649 15.63 -42.65 29.63
N HIS B 650 16.94 -42.78 29.40
CA HIS B 650 17.49 -43.76 28.43
C HIS B 650 17.15 -45.17 28.91
N ILE B 651 16.84 -46.09 28.00
CA ILE B 651 16.17 -47.39 28.33
C ILE B 651 17.04 -48.21 29.29
N SER B 652 18.36 -48.21 29.09
CA SER B 652 19.33 -48.96 29.93
C SER B 652 19.51 -48.33 31.32
N GLN B 653 19.04 -47.10 31.59
CA GLN B 653 19.51 -46.30 32.77
C GLN B 653 18.55 -46.40 33.98
N ILE B 654 18.76 -47.41 34.83
CA ILE B 654 18.15 -47.45 36.20
C ILE B 654 19.21 -47.67 37.29
N ALA B 655 20.36 -48.27 36.94
CA ALA B 655 21.46 -48.46 37.91
C ALA B 655 22.80 -48.45 37.15
N ASP B 656 22.82 -47.84 35.95
CA ASP B 656 24.04 -47.79 35.09
C ASP B 656 24.21 -49.15 34.41
N LYS B 657 23.25 -50.05 34.62
CA LYS B 657 23.29 -51.40 34.00
C LYS B 657 21.84 -51.92 33.93
N ARG B 658 21.57 -52.90 33.08
CA ARG B 658 20.20 -53.49 33.01
C ARG B 658 20.06 -54.59 34.06
N VAL B 659 20.05 -54.23 35.36
CA VAL B 659 19.80 -55.24 36.43
C VAL B 659 18.39 -55.78 36.22
N GLU B 660 17.44 -54.90 35.91
CA GLU B 660 16.05 -55.33 35.60
C GLU B 660 15.72 -54.72 34.24
N LYS B 661 15.57 -55.55 33.20
CA LYS B 661 15.38 -54.99 31.82
C LYS B 661 14.13 -54.09 31.82
N VAL B 662 14.25 -52.87 31.29
CA VAL B 662 13.43 -51.68 31.69
C VAL B 662 12.30 -51.48 30.66
N THR B 663 12.01 -52.48 29.83
CA THR B 663 11.02 -52.45 28.73
C THR B 663 9.62 -52.03 29.23
N ASP B 664 9.27 -52.31 30.50
CA ASP B 664 7.88 -52.19 31.00
C ASP B 664 7.51 -50.71 31.19
N TYR B 665 8.44 -49.82 31.54
CA TYR B 665 8.15 -48.36 31.64
C TYR B 665 7.95 -47.76 30.25
N LEU B 666 8.20 -48.47 29.14
CA LEU B 666 8.25 -47.85 27.79
C LEU B 666 6.82 -47.78 27.22
N GLN B 667 5.89 -47.23 27.99
CA GLN B 667 4.48 -47.04 27.59
C GLN B 667 3.79 -46.05 28.56
N MET B 668 2.73 -45.40 28.08
CA MET B 668 1.94 -44.41 28.86
C MET B 668 1.03 -45.13 29.90
N GLY B 669 0.76 -44.45 31.01
CA GLY B 669 -0.06 -44.97 32.11
C GLY B 669 0.72 -45.87 33.05
N GLN B 670 2.03 -46.09 32.85
CA GLN B 670 2.89 -46.78 33.86
C GLN B 670 3.25 -45.82 35.01
N GLU B 671 3.72 -44.61 34.70
CA GLU B 671 3.89 -43.49 35.66
C GLU B 671 4.81 -43.86 36.85
N VAL B 672 5.77 -44.77 36.64
CA VAL B 672 6.62 -45.37 37.72
C VAL B 672 7.49 -44.28 38.36
N PRO B 673 7.74 -44.32 39.69
CA PRO B 673 8.58 -43.34 40.37
C PRO B 673 9.99 -43.16 39.76
N VAL B 674 10.34 -41.89 39.55
CA VAL B 674 11.69 -41.40 39.15
C VAL B 674 12.20 -40.38 40.18
N LYS B 675 13.48 -40.02 40.12
CA LYS B 675 14.08 -38.95 40.97
C LYS B 675 15.09 -38.13 40.16
N VAL B 676 15.29 -36.88 40.54
CA VAL B 676 16.11 -35.90 39.76
C VAL B 676 17.57 -36.38 39.70
N LEU B 677 18.18 -36.21 38.52
CA LEU B 677 19.54 -36.73 38.18
C LEU B 677 20.22 -35.72 37.24
N GLU B 678 21.52 -35.87 36.92
CA GLU B 678 22.36 -34.73 36.46
C GLU B 678 21.96 -34.16 35.08
N VAL B 679 22.31 -32.90 34.88
CA VAL B 679 22.22 -32.18 33.57
C VAL B 679 23.51 -32.43 32.79
N ASP B 680 23.38 -32.96 31.56
CA ASP B 680 24.56 -33.27 30.72
C ASP B 680 24.76 -32.17 29.66
N ARG B 681 25.95 -32.12 29.04
CA ARG B 681 26.26 -31.10 28.00
C ARG B 681 25.36 -31.27 26.78
N GLN B 682 25.02 -32.51 26.41
CA GLN B 682 24.23 -32.78 25.18
C GLN B 682 22.87 -32.07 25.25
N GLY B 683 22.28 -31.97 26.44
CA GLY B 683 20.93 -31.38 26.59
C GLY B 683 19.90 -32.46 26.82
N ARG B 684 20.23 -33.72 26.52
CA ARG B 684 19.32 -34.83 26.88
C ARG B 684 19.67 -35.11 28.34
N ILE B 685 19.00 -34.44 29.29
CA ILE B 685 19.43 -34.54 30.72
C ILE B 685 19.26 -36.01 31.16
N ARG B 686 19.98 -36.41 32.21
CA ARG B 686 19.90 -37.79 32.76
C ARG B 686 18.69 -37.91 33.69
N LEU B 687 17.92 -38.99 33.56
CA LEU B 687 16.90 -39.38 34.56
C LEU B 687 16.86 -40.90 34.74
N SER B 688 16.52 -41.36 35.94
CA SER B 688 16.48 -42.82 36.23
C SER B 688 15.23 -43.13 37.06
N ILE B 689 14.58 -44.27 36.77
CA ILE B 689 13.35 -44.66 37.53
C ILE B 689 13.78 -45.39 38.80
N LYS B 690 14.35 -44.65 39.77
CA LYS B 690 14.81 -45.27 41.04
C LYS B 690 14.12 -44.59 42.22
N GLU B 691 13.53 -45.37 43.13
CA GLU B 691 12.89 -44.79 44.35
C GLU B 691 13.99 -44.14 45.21
N ALA B 692 15.16 -44.79 45.30
CA ALA B 692 16.29 -44.27 46.12
C ALA B 692 16.56 -42.80 45.78
N THR B 693 16.81 -41.98 46.80
CA THR B 693 17.05 -40.52 46.58
C THR B 693 18.24 -40.33 45.61
N GLU B 694 18.04 -39.54 44.56
CA GLU B 694 19.07 -39.19 43.54
C GLU B 694 19.29 -37.68 43.64
N GLN B 695 20.55 -37.23 43.56
CA GLN B 695 20.96 -35.81 43.71
C GLN B 695 21.60 -35.34 42.39
N MET C 1 -40.51 -15.48 -11.72
CA MET C 1 -40.02 -14.14 -11.36
C MET C 1 -38.81 -13.80 -12.24
N LEU C 2 -37.69 -14.48 -12.03
CA LEU C 2 -36.47 -14.23 -12.85
C LEU C 2 -36.07 -15.54 -13.54
N ASN C 3 -35.83 -15.48 -14.85
CA ASN C 3 -35.42 -16.69 -15.60
C ASN C 3 -34.06 -16.48 -16.28
N PRO C 4 -33.02 -17.33 -16.05
CA PRO C 4 -31.75 -17.17 -16.77
C PRO C 4 -31.81 -17.83 -18.15
N ILE C 5 -31.05 -17.30 -19.12
CA ILE C 5 -30.97 -17.97 -20.46
C ILE C 5 -29.57 -18.58 -20.54
N VAL C 6 -29.45 -19.89 -20.80
CA VAL C 6 -28.11 -20.54 -20.73
C VAL C 6 -27.76 -21.21 -22.06
N ARG C 7 -26.54 -20.98 -22.57
CA ARG C 7 -26.07 -21.67 -23.80
C ARG C 7 -24.78 -22.40 -23.43
N LYS C 8 -24.67 -23.68 -23.77
CA LYS C 8 -23.47 -24.48 -23.38
C LYS C 8 -22.80 -25.02 -24.65
N PHE C 9 -21.50 -24.72 -24.83
CA PHE C 9 -20.79 -25.17 -26.05
C PHE C 9 -19.48 -25.83 -25.60
N GLN C 10 -18.86 -26.62 -26.49
CA GLN C 10 -17.63 -27.34 -26.08
C GLN C 10 -16.43 -26.66 -26.75
N TYR C 11 -15.53 -26.09 -25.97
CA TYR C 11 -14.30 -25.48 -26.52
C TYR C 11 -13.14 -26.34 -26.06
N GLY C 12 -12.39 -26.94 -26.99
CA GLY C 12 -11.33 -27.87 -26.55
C GLY C 12 -11.94 -28.99 -25.73
N GLN C 13 -11.40 -29.25 -24.54
CA GLN C 13 -11.94 -30.32 -23.66
C GLN C 13 -12.79 -29.71 -22.54
N HIS C 14 -13.02 -28.39 -22.56
CA HIS C 14 -13.74 -27.75 -21.42
C HIS C 14 -15.13 -27.25 -21.83
N THR C 15 -16.19 -27.73 -21.19
CA THR C 15 -17.56 -27.21 -21.44
C THR C 15 -17.62 -25.75 -20.99
N VAL C 16 -18.09 -24.86 -21.85
CA VAL C 16 -18.16 -23.40 -21.51
C VAL C 16 -19.63 -23.00 -21.55
N THR C 17 -20.07 -22.16 -20.61
CA THR C 17 -21.50 -21.81 -20.49
C THR C 17 -21.67 -20.29 -20.42
N LEU C 18 -22.65 -19.75 -21.15
CA LEU C 18 -22.92 -18.30 -21.06
C LEU C 18 -24.28 -18.15 -20.36
N GLU C 19 -24.34 -17.39 -19.26
CA GLU C 19 -25.61 -17.18 -18.53
C GLU C 19 -25.95 -15.69 -18.60
N THR C 20 -27.18 -15.35 -18.97
CA THR C 20 -27.58 -13.94 -19.20
C THR C 20 -28.96 -13.63 -18.61
N GLY C 21 -29.26 -12.35 -18.37
CA GLY C 21 -30.57 -11.84 -17.90
C GLY C 21 -30.87 -12.10 -16.43
N MET C 22 -29.96 -12.77 -15.73
CA MET C 22 -30.17 -13.31 -14.35
C MET C 22 -29.78 -12.25 -13.32
N MET C 23 -28.76 -11.42 -13.61
CA MET C 23 -28.12 -10.48 -12.66
C MET C 23 -27.96 -9.09 -13.30
N ALA C 24 -27.84 -8.05 -12.46
CA ALA C 24 -27.39 -6.68 -12.80
C ALA C 24 -28.27 -6.07 -13.91
N ARG C 25 -29.59 -6.17 -13.75
CA ARG C 25 -30.57 -5.86 -14.81
C ARG C 25 -30.58 -4.37 -15.19
N GLN C 26 -29.97 -3.49 -14.39
CA GLN C 26 -29.96 -2.02 -14.66
C GLN C 26 -28.71 -1.60 -15.47
N ALA C 27 -27.70 -2.46 -15.58
CA ALA C 27 -26.56 -2.27 -16.52
C ALA C 27 -27.04 -2.60 -17.94
N THR C 28 -26.39 -2.00 -18.95
CA THR C 28 -26.84 -2.07 -20.38
C THR C 28 -26.85 -3.53 -20.85
N ALA C 29 -25.84 -4.32 -20.47
CA ALA C 29 -25.84 -5.79 -20.62
C ALA C 29 -24.87 -6.43 -19.63
N ALA C 30 -25.12 -7.68 -19.24
CA ALA C 30 -24.33 -8.41 -18.23
C ALA C 30 -24.40 -9.91 -18.52
N VAL C 31 -23.27 -10.60 -18.41
CA VAL C 31 -23.18 -12.06 -18.69
C VAL C 31 -22.26 -12.71 -17.67
N MET C 32 -22.67 -13.85 -17.12
CA MET C 32 -21.72 -14.71 -16.36
C MET C 32 -21.22 -15.79 -17.30
N VAL C 33 -19.92 -15.79 -17.61
CA VAL C 33 -19.33 -16.83 -18.47
C VAL C 33 -18.48 -17.74 -17.58
N SER C 34 -18.74 -19.04 -17.69
CA SER C 34 -18.09 -20.08 -16.86
C SER C 34 -17.49 -21.14 -17.78
N MET C 35 -16.24 -21.50 -17.52
CA MET C 35 -15.52 -22.52 -18.32
C MET C 35 -14.82 -23.47 -17.35
N ASP C 36 -15.38 -24.67 -17.17
CA ASP C 36 -14.81 -25.76 -16.33
C ASP C 36 -14.46 -25.23 -14.92
N ASP C 37 -15.45 -24.65 -14.23
CA ASP C 37 -15.43 -24.20 -12.81
C ASP C 37 -14.66 -22.88 -12.62
N THR C 38 -14.05 -22.27 -13.64
CA THR C 38 -13.60 -20.86 -13.55
C THR C 38 -14.72 -19.98 -14.11
N ALA C 39 -15.20 -19.00 -13.35
CA ALA C 39 -16.30 -18.11 -13.81
C ALA C 39 -15.92 -16.64 -13.63
N VAL C 40 -16.25 -15.82 -14.63
CA VAL C 40 -16.05 -14.35 -14.55
C VAL C 40 -17.36 -13.66 -14.94
N PHE C 41 -17.70 -12.62 -14.20
CA PHE C 41 -18.95 -11.86 -14.41
C PHE C 41 -18.56 -10.58 -15.15
N VAL C 42 -19.10 -10.37 -16.35
CA VAL C 42 -18.68 -9.23 -17.22
C VAL C 42 -19.90 -8.39 -17.57
N THR C 43 -19.79 -7.08 -17.39
CA THR C 43 -20.92 -6.15 -17.63
C THR C 43 -20.44 -4.91 -18.37
N VAL C 44 -21.23 -4.42 -19.31
CA VAL C 44 -20.93 -3.16 -20.05
C VAL C 44 -22.03 -2.14 -19.76
N VAL C 45 -21.65 -0.92 -19.44
CA VAL C 45 -22.60 0.22 -19.31
C VAL C 45 -22.13 1.33 -20.25
N GLY C 46 -22.96 1.67 -21.24
CA GLY C 46 -22.68 2.67 -22.27
C GLY C 46 -23.59 3.87 -22.15
N GLN C 47 -23.05 5.08 -22.27
CA GLN C 47 -23.83 6.33 -22.22
C GLN C 47 -24.74 6.44 -23.46
N LYS C 48 -25.94 6.97 -23.26
CA LYS C 48 -26.95 7.12 -24.35
C LYS C 48 -26.67 8.37 -25.20
N LYS C 49 -25.95 9.35 -24.68
CA LYS C 49 -25.74 10.68 -25.32
C LYS C 49 -24.25 10.96 -25.45
N ALA C 50 -23.84 11.66 -26.51
CA ALA C 50 -22.43 12.07 -26.74
C ALA C 50 -22.12 13.27 -25.84
N LYS C 51 -21.12 13.18 -24.97
CA LYS C 51 -20.66 14.32 -24.14
C LYS C 51 -20.06 15.35 -25.10
N PRO C 52 -20.55 16.61 -25.10
CA PRO C 52 -20.19 17.58 -26.14
C PRO C 52 -18.70 17.94 -26.13
N GLY C 53 -18.11 18.09 -27.33
CA GLY C 53 -16.71 18.52 -27.51
C GLY C 53 -15.70 17.39 -27.32
N GLN C 54 -16.15 16.14 -27.12
CA GLN C 54 -15.25 14.95 -27.09
C GLN C 54 -14.71 14.64 -28.48
N ASP C 55 -13.38 14.52 -28.60
CA ASP C 55 -12.68 14.29 -29.90
C ASP C 55 -11.84 13.00 -29.83
N PHE C 56 -11.84 12.27 -28.71
CA PHE C 56 -11.19 10.94 -28.59
C PHE C 56 -12.21 10.01 -27.91
N PHE C 57 -12.36 8.79 -28.43
CA PHE C 57 -13.31 7.77 -27.91
C PHE C 57 -12.86 7.32 -26.52
N PRO C 58 -13.62 7.63 -25.44
CA PRO C 58 -13.24 7.23 -24.08
C PRO C 58 -13.81 5.84 -23.74
N LEU C 59 -12.99 4.80 -23.92
CA LEU C 59 -13.31 3.41 -23.54
C LEU C 59 -12.52 3.05 -22.29
N THR C 60 -13.20 2.57 -21.26
CA THR C 60 -12.58 2.08 -20.00
C THR C 60 -12.79 0.57 -19.89
N VAL C 61 -11.71 -0.17 -19.67
CA VAL C 61 -11.79 -1.62 -19.33
C VAL C 61 -11.18 -1.82 -17.94
N ASN C 62 -11.94 -2.39 -17.02
CA ASN C 62 -11.48 -2.71 -15.65
C ASN C 62 -11.56 -4.21 -15.45
N TYR C 63 -10.46 -4.86 -15.09
CA TYR C 63 -10.43 -6.31 -14.76
C TYR C 63 -9.98 -6.44 -13.31
N GLN C 64 -10.72 -7.18 -12.49
CA GLN C 64 -10.39 -7.29 -11.04
C GLN C 64 -10.59 -8.72 -10.54
N GLU C 65 -9.67 -9.17 -9.70
CA GLU C 65 -9.62 -10.54 -9.16
C GLU C 65 -9.95 -10.50 -7.66
N ARG C 66 -11.22 -10.71 -7.31
CA ARG C 66 -11.68 -10.87 -5.91
C ARG C 66 -11.04 -12.14 -5.34
N THR C 67 -10.39 -12.06 -4.18
CA THR C 67 -9.66 -13.21 -3.59
C THR C 67 -10.62 -14.31 -3.12
N TYR C 68 -11.90 -13.97 -2.84
CA TYR C 68 -12.90 -14.97 -2.43
C TYR C 68 -13.13 -15.97 -3.57
N ALA C 69 -12.77 -15.62 -4.81
CA ALA C 69 -12.81 -16.53 -5.98
C ALA C 69 -11.88 -17.74 -5.80
N ALA C 70 -10.77 -17.63 -5.05
CA ALA C 70 -9.88 -18.78 -4.77
C ALA C 70 -10.30 -19.52 -3.49
N GLY C 71 -11.16 -18.92 -2.65
CA GLY C 71 -11.45 -19.38 -1.28
C GLY C 71 -10.28 -19.12 -0.33
N ARG C 72 -9.87 -17.85 -0.26
CA ARG C 72 -8.77 -17.43 0.64
C ARG C 72 -9.00 -15.99 1.13
N ILE C 73 -8.71 -15.71 2.40
CA ILE C 73 -8.79 -14.33 2.97
C ILE C 73 -7.52 -13.60 2.54
N PRO C 74 -7.60 -12.31 2.10
CA PRO C 74 -6.42 -11.55 1.67
C PRO C 74 -5.32 -11.35 2.71
N GLY C 75 -4.07 -11.36 2.24
CA GLY C 75 -2.86 -11.26 3.08
C GLY C 75 -2.64 -9.88 3.68
N SER C 76 -3.25 -8.84 3.09
CA SER C 76 -3.08 -7.41 3.49
C SER C 76 -3.53 -7.22 4.95
N PHE C 77 -2.90 -6.28 5.64
CA PHE C 77 -3.20 -5.91 7.05
C PHE C 77 -4.68 -5.53 7.20
N PHE C 78 -5.23 -4.80 6.22
CA PHE C 78 -6.67 -4.45 6.15
C PHE C 78 -7.54 -5.69 5.87
N ARG C 79 -6.98 -6.79 5.38
CA ARG C 79 -7.67 -8.02 4.91
C ARG C 79 -8.62 -7.70 3.74
N ARG C 80 -8.42 -6.58 3.05
CA ARG C 80 -9.27 -6.22 1.88
C ARG C 80 -8.43 -6.11 0.60
N GLU C 81 -9.05 -6.40 -0.55
CA GLU C 81 -8.38 -6.29 -1.88
C GLU C 81 -8.00 -4.82 -2.09
N GLY C 82 -6.74 -4.55 -2.47
CA GLY C 82 -6.20 -3.20 -2.67
C GLY C 82 -6.42 -2.69 -4.09
N ARG C 83 -5.61 -1.71 -4.51
CA ARG C 83 -5.63 -1.16 -5.89
C ARG C 83 -5.22 -2.25 -6.87
N PRO C 84 -5.67 -2.21 -8.15
CA PRO C 84 -5.36 -3.26 -9.13
C PRO C 84 -3.87 -3.57 -9.25
N SER C 85 -3.53 -4.85 -9.18
CA SER C 85 -2.15 -5.37 -9.30
C SER C 85 -1.59 -5.13 -10.71
N GLU C 86 -0.26 -5.22 -10.85
CA GLU C 86 0.44 -5.20 -12.17
C GLU C 86 -0.20 -6.23 -13.12
N GLY C 87 -0.33 -7.48 -12.68
CA GLY C 87 -0.92 -8.60 -13.43
C GLY C 87 -2.33 -8.30 -13.93
N GLU C 88 -3.18 -7.73 -13.08
CA GLU C 88 -4.58 -7.37 -13.43
C GLU C 88 -4.58 -6.26 -14.49
N THR C 89 -3.74 -5.24 -14.32
CA THR C 89 -3.67 -4.14 -15.31
C THR C 89 -3.32 -4.73 -16.67
N LEU C 90 -2.36 -5.66 -16.72
CA LEU C 90 -1.92 -6.26 -18.01
C LEU C 90 -3.07 -7.01 -18.67
N ILE C 91 -3.86 -7.76 -17.89
CA ILE C 91 -5.00 -8.55 -18.46
C ILE C 91 -6.00 -7.56 -19.07
N ALA C 92 -6.20 -6.42 -18.41
CA ALA C 92 -7.15 -5.41 -18.92
C ALA C 92 -6.66 -4.91 -20.28
N ARG C 93 -5.35 -4.72 -20.44
CA ARG C 93 -4.80 -4.27 -21.73
C ARG C 93 -5.10 -5.35 -22.79
N LEU C 94 -4.96 -6.63 -22.43
CA LEU C 94 -5.20 -7.72 -23.40
C LEU C 94 -6.64 -7.65 -23.89
N ILE C 95 -7.61 -7.40 -23.01
CA ILE C 95 -9.03 -7.24 -23.44
C ILE C 95 -9.20 -5.96 -24.28
N ASP C 96 -8.54 -4.87 -23.91
CA ASP C 96 -8.76 -3.56 -24.59
C ASP C 96 -8.23 -3.55 -26.02
N ARG C 97 -7.07 -4.13 -26.29
CA ARG C 97 -6.47 -4.00 -27.65
C ARG C 97 -7.34 -4.60 -28.76
N PRO C 98 -7.97 -5.79 -28.63
CA PRO C 98 -8.85 -6.29 -29.69
C PRO C 98 -10.22 -5.62 -29.77
N ILE C 99 -10.62 -4.86 -28.75
CA ILE C 99 -11.98 -4.26 -28.69
C ILE C 99 -11.95 -2.84 -29.28
N ARG C 100 -11.02 -2.00 -28.86
CA ARG C 100 -11.00 -0.54 -29.17
C ARG C 100 -11.12 -0.24 -30.67
N PRO C 101 -10.34 -0.89 -31.59
CA PRO C 101 -10.46 -0.57 -33.01
C PRO C 101 -11.72 -1.10 -33.71
N LEU C 102 -12.53 -1.91 -33.02
CA LEU C 102 -13.70 -2.62 -33.63
C LEU C 102 -14.98 -1.78 -33.53
N PHE C 103 -15.04 -0.71 -32.73
CA PHE C 103 -16.19 0.23 -32.71
C PHE C 103 -16.16 1.08 -34.00
N PRO C 104 -17.31 1.47 -34.59
CA PRO C 104 -17.33 2.35 -35.75
C PRO C 104 -16.63 3.71 -35.57
N GLU C 105 -15.98 4.20 -36.62
CA GLU C 105 -15.39 5.56 -36.71
C GLU C 105 -16.41 6.63 -36.29
N GLY C 106 -15.96 7.58 -35.47
CA GLY C 106 -16.74 8.74 -35.00
C GLY C 106 -17.66 8.41 -33.83
N PHE C 107 -17.73 7.15 -33.40
CA PHE C 107 -18.40 6.77 -32.13
C PHE C 107 -17.55 7.29 -30.97
N VAL C 108 -18.15 8.09 -30.08
CA VAL C 108 -17.40 8.80 -29.00
C VAL C 108 -18.20 8.82 -27.69
N ASN C 109 -19.35 8.15 -27.63
CA ASN C 109 -20.13 7.94 -26.37
C ASN C 109 -19.26 7.18 -25.36
N GLU C 110 -19.33 7.55 -24.08
CA GLU C 110 -18.58 6.88 -22.98
C GLU C 110 -19.04 5.42 -22.87
N VAL C 111 -18.09 4.49 -22.74
CA VAL C 111 -18.38 3.03 -22.56
C VAL C 111 -17.44 2.49 -21.49
N GLN C 112 -17.98 1.71 -20.55
CA GLN C 112 -17.15 1.07 -19.49
C GLN C 112 -17.50 -0.42 -19.45
N VAL C 113 -16.50 -1.29 -19.57
CA VAL C 113 -16.70 -2.76 -19.44
C VAL C 113 -15.90 -3.24 -18.22
N ILE C 114 -16.58 -3.89 -17.29
CA ILE C 114 -15.98 -4.37 -16.02
C ILE C 114 -16.05 -5.90 -16.00
N ALA C 115 -14.91 -6.56 -15.81
CA ALA C 115 -14.81 -8.03 -15.68
C ALA C 115 -14.36 -8.35 -14.26
N THR C 116 -15.18 -9.08 -13.51
CA THR C 116 -14.82 -9.53 -12.14
C THR C 116 -14.63 -11.04 -12.15
N VAL C 117 -13.48 -11.53 -11.69
CA VAL C 117 -13.29 -12.99 -11.49
C VAL C 117 -14.04 -13.39 -10.22
N VAL C 118 -14.96 -14.35 -10.29
CA VAL C 118 -15.90 -14.68 -9.19
C VAL C 118 -15.63 -16.11 -8.67
N SER C 119 -15.07 -17.01 -9.48
CA SER C 119 -14.55 -18.30 -8.98
C SER C 119 -13.40 -18.83 -9.86
N VAL C 120 -12.40 -19.45 -9.26
CA VAL C 120 -11.21 -19.95 -10.02
C VAL C 120 -10.95 -21.42 -9.72
N ASN C 121 -10.94 -22.21 -10.79
CA ASN C 121 -10.32 -23.55 -10.82
C ASN C 121 -8.85 -23.31 -11.10
N PRO C 122 -7.91 -23.62 -10.18
CA PRO C 122 -6.49 -23.29 -10.37
C PRO C 122 -5.91 -23.77 -11.72
N GLN C 123 -6.45 -24.87 -12.26
CA GLN C 123 -5.97 -25.42 -13.55
C GLN C 123 -6.41 -24.55 -14.74
N VAL C 124 -7.54 -23.85 -14.68
CA VAL C 124 -8.04 -23.08 -15.86
C VAL C 124 -7.83 -21.58 -15.65
N ASN C 125 -7.04 -20.96 -16.55
CA ASN C 125 -6.69 -19.52 -16.42
C ASN C 125 -7.90 -18.60 -16.69
N PRO C 126 -8.20 -17.60 -15.82
CA PRO C 126 -9.35 -16.72 -16.03
C PRO C 126 -9.34 -15.73 -17.21
N ASP C 127 -8.18 -15.43 -17.80
CA ASP C 127 -8.11 -14.40 -18.88
C ASP C 127 -8.83 -14.83 -20.16
N ILE C 128 -8.62 -16.06 -20.64
CA ILE C 128 -9.22 -16.46 -21.94
C ILE C 128 -10.74 -16.57 -21.81
N VAL C 129 -11.26 -16.75 -20.58
CA VAL C 129 -12.73 -16.76 -20.35
C VAL C 129 -13.21 -15.30 -20.23
N ALA C 130 -12.40 -14.38 -19.69
CA ALA C 130 -12.76 -12.96 -19.60
C ALA C 130 -12.90 -12.34 -21.00
N MET C 131 -12.02 -12.69 -21.95
CA MET C 131 -12.10 -12.13 -23.33
C MET C 131 -13.41 -12.57 -24.00
N ILE C 132 -13.80 -13.84 -23.88
CA ILE C 132 -15.10 -14.30 -24.44
C ILE C 132 -16.21 -13.51 -23.75
N GLY C 133 -16.10 -13.30 -22.44
CA GLY C 133 -17.10 -12.54 -21.64
C GLY C 133 -17.30 -11.12 -22.16
N ALA C 134 -16.23 -10.36 -22.38
CA ALA C 134 -16.33 -8.97 -22.90
C ALA C 134 -16.97 -8.98 -24.30
N SER C 135 -16.60 -9.95 -25.12
CA SER C 135 -17.15 -10.15 -26.49
C SER C 135 -18.66 -10.41 -26.41
N ALA C 136 -19.08 -11.31 -25.52
CA ALA C 136 -20.51 -11.61 -25.26
C ALA C 136 -21.23 -10.33 -24.80
N ALA C 137 -20.76 -9.67 -23.74
CA ALA C 137 -21.40 -8.46 -23.15
C ALA C 137 -21.61 -7.39 -24.23
N LEU C 138 -20.57 -7.05 -25.01
CA LEU C 138 -20.64 -6.01 -26.06
C LEU C 138 -21.61 -6.43 -27.17
N SER C 139 -21.57 -7.68 -27.63
CA SER C 139 -22.43 -8.15 -28.74
C SER C 139 -23.89 -8.25 -28.29
N LEU C 140 -24.16 -8.50 -27.00
CA LEU C 140 -25.54 -8.58 -26.43
C LEU C 140 -26.15 -7.18 -26.22
N SER C 141 -25.33 -6.19 -25.84
CA SER C 141 -25.76 -4.78 -25.71
C SER C 141 -26.22 -4.24 -27.06
N GLY C 142 -26.97 -3.14 -27.05
CA GLY C 142 -27.37 -2.43 -28.27
C GLY C 142 -26.23 -1.67 -28.92
N ILE C 143 -25.04 -1.59 -28.30
CA ILE C 143 -23.94 -0.64 -28.69
C ILE C 143 -23.50 -0.99 -30.12
N PRO C 144 -23.29 -0.01 -31.02
CA PRO C 144 -22.74 -0.29 -32.35
C PRO C 144 -21.35 -0.92 -32.27
N PHE C 145 -21.24 -2.18 -32.69
CA PHE C 145 -20.02 -3.01 -32.49
C PHE C 145 -19.93 -4.03 -33.63
N ASN C 146 -18.78 -4.09 -34.31
CA ASN C 146 -18.65 -4.78 -35.63
C ASN C 146 -18.38 -6.28 -35.41
N GLY C 147 -19.34 -6.98 -34.80
CA GLY C 147 -19.35 -8.44 -34.67
C GLY C 147 -18.53 -8.92 -33.48
N PRO C 148 -18.82 -10.13 -32.96
CA PRO C 148 -18.11 -10.66 -31.80
C PRO C 148 -16.68 -11.11 -32.15
N ILE C 149 -15.88 -11.25 -31.12
CA ILE C 149 -14.50 -11.84 -31.19
C ILE C 149 -14.46 -13.08 -30.30
N GLY C 150 -13.64 -14.06 -30.68
CA GLY C 150 -13.26 -15.17 -29.79
C GLY C 150 -11.98 -14.82 -29.04
N ALA C 151 -11.29 -15.88 -28.64
CA ALA C 151 -9.97 -15.76 -27.99
C ALA C 151 -9.49 -17.20 -27.78
N ALA C 152 -8.20 -17.47 -27.92
CA ALA C 152 -7.70 -18.86 -27.81
C ALA C 152 -6.24 -18.84 -27.41
N ARG C 153 -5.86 -19.59 -26.38
CA ARG C 153 -4.44 -19.68 -26.01
C ARG C 153 -3.90 -20.98 -26.61
N VAL C 154 -2.85 -20.91 -27.43
CA VAL C 154 -2.35 -22.14 -28.10
C VAL C 154 -0.98 -22.48 -27.54
N GLY C 155 -0.74 -23.76 -27.20
CA GLY C 155 0.56 -24.19 -26.66
C GLY C 155 1.29 -25.07 -27.65
N TYR C 156 2.48 -25.58 -27.31
CA TYR C 156 3.27 -26.37 -28.28
C TYR C 156 3.96 -27.59 -27.63
N ILE C 157 3.12 -28.44 -27.06
CA ILE C 157 3.58 -29.71 -26.42
C ILE C 157 4.01 -30.69 -27.50
N ASN C 158 5.20 -31.29 -27.35
CA ASN C 158 5.68 -32.45 -28.14
C ASN C 158 5.39 -32.24 -29.64
N ASP C 159 5.74 -31.05 -30.15
CA ASP C 159 5.66 -30.68 -31.59
C ASP C 159 4.21 -30.72 -32.11
N GLN C 160 3.23 -30.62 -31.22
CA GLN C 160 1.78 -30.58 -31.56
C GLN C 160 1.20 -29.31 -30.95
N TYR C 161 0.27 -28.66 -31.65
CA TYR C 161 -0.51 -27.54 -31.07
C TYR C 161 -1.57 -28.12 -30.13
N VAL C 162 -1.73 -27.51 -28.95
CA VAL C 162 -2.76 -27.96 -27.96
C VAL C 162 -3.58 -26.74 -27.51
N LEU C 163 -4.86 -26.66 -27.90
CA LEU C 163 -5.71 -25.47 -27.58
C LEU C 163 -5.99 -25.37 -26.09
N ASN C 164 -5.99 -24.14 -25.55
CA ASN C 164 -6.33 -23.89 -24.11
C ASN C 164 -5.54 -24.79 -23.15
N PRO C 165 -4.20 -24.86 -23.16
CA PRO C 165 -3.49 -25.78 -22.28
C PRO C 165 -3.75 -25.49 -20.79
N THR C 166 -3.87 -26.54 -19.96
CA THR C 166 -4.09 -26.38 -18.50
C THR C 166 -2.74 -26.07 -17.83
N GLN C 167 -2.74 -25.46 -16.64
CA GLN C 167 -1.55 -24.77 -16.08
C GLN C 167 -0.35 -25.72 -16.00
N ASP C 168 -0.55 -27.00 -15.67
CA ASP C 168 0.59 -27.96 -15.49
C ASP C 168 1.28 -28.19 -16.84
N GLU C 169 0.52 -28.28 -17.93
CA GLU C 169 1.07 -28.56 -19.30
C GLU C 169 2.02 -27.44 -19.73
N LEU C 170 1.73 -26.21 -19.31
CA LEU C 170 2.62 -25.07 -19.65
C LEU C 170 4.03 -25.25 -19.06
N LYS C 171 4.21 -26.11 -18.04
CA LYS C 171 5.59 -26.38 -17.53
C LYS C 171 6.49 -26.89 -18.67
N GLU C 172 5.99 -27.77 -19.53
CA GLU C 172 6.83 -28.45 -20.56
C GLU C 172 6.44 -27.95 -21.94
N SER C 173 5.69 -26.85 -22.05
CA SER C 173 5.39 -26.19 -23.35
C SER C 173 6.56 -25.28 -23.75
N LYS C 174 6.76 -25.10 -25.06
CA LYS C 174 7.81 -24.21 -25.61
C LYS C 174 7.18 -22.93 -26.18
N LEU C 175 5.86 -22.74 -26.07
CA LEU C 175 5.15 -21.57 -26.65
C LEU C 175 3.90 -21.28 -25.84
N ASP C 176 3.55 -20.00 -25.63
CA ASP C 176 2.29 -19.59 -24.94
C ASP C 176 1.70 -18.40 -25.70
N LEU C 177 0.82 -18.61 -26.68
CA LEU C 177 0.34 -17.52 -27.56
C LEU C 177 -1.16 -17.28 -27.36
N VAL C 178 -1.61 -16.02 -27.37
CA VAL C 178 -3.06 -15.68 -27.16
C VAL C 178 -3.59 -15.01 -28.43
N VAL C 179 -4.29 -15.75 -29.29
CA VAL C 179 -4.89 -15.16 -30.52
C VAL C 179 -6.27 -14.62 -30.12
N ALA C 180 -6.62 -13.42 -30.59
CA ALA C 180 -8.02 -12.95 -30.58
C ALA C 180 -8.41 -12.49 -31.98
N GLY C 181 -9.55 -12.98 -32.49
CA GLY C 181 -9.99 -12.65 -33.86
C GLY C 181 -11.49 -12.60 -34.02
N THR C 182 -11.98 -11.96 -35.09
CA THR C 182 -13.38 -12.14 -35.57
C THR C 182 -13.34 -13.18 -36.69
N GLU C 183 -14.48 -13.45 -37.33
CA GLU C 183 -14.60 -14.51 -38.37
C GLU C 183 -13.80 -14.15 -39.62
N ALA C 184 -13.61 -12.86 -39.91
CA ALA C 184 -12.98 -12.35 -41.15
C ALA C 184 -11.44 -12.38 -41.06
N ALA C 185 -10.87 -11.98 -39.92
CA ALA C 185 -9.41 -11.79 -39.75
C ALA C 185 -9.00 -11.81 -38.28
N VAL C 186 -7.72 -12.08 -38.02
CA VAL C 186 -7.05 -11.91 -36.69
C VAL C 186 -7.11 -10.43 -36.32
N LEU C 187 -7.23 -10.11 -35.04
CA LEU C 187 -7.19 -8.68 -34.58
C LEU C 187 -5.95 -8.44 -33.71
N MET C 188 -5.52 -9.42 -32.92
CA MET C 188 -4.26 -9.28 -32.17
C MET C 188 -3.66 -10.63 -31.82
N VAL C 189 -2.36 -10.62 -31.61
CA VAL C 189 -1.54 -11.80 -31.19
C VAL C 189 -0.55 -11.30 -30.14
N GLU C 190 -0.35 -12.09 -29.09
CA GLU C 190 0.66 -11.85 -28.03
C GLU C 190 1.29 -13.20 -27.65
N SER C 191 2.60 -13.26 -27.39
CA SER C 191 3.28 -14.56 -27.17
C SER C 191 4.63 -14.46 -26.45
N GLU C 192 5.01 -15.56 -25.83
CA GLU C 192 6.41 -15.87 -25.44
C GLU C 192 6.73 -17.26 -25.97
N ALA C 193 7.98 -17.51 -26.35
CA ALA C 193 8.37 -18.74 -27.07
C ALA C 193 9.84 -19.08 -26.79
N GLN C 194 10.17 -20.36 -26.70
CA GLN C 194 11.56 -20.80 -26.39
C GLN C 194 12.34 -20.93 -27.71
N LEU C 195 12.45 -19.81 -28.45
CA LEU C 195 13.21 -19.65 -29.71
C LEU C 195 12.69 -20.63 -30.78
N LEU C 196 11.40 -20.57 -31.11
CA LEU C 196 10.77 -21.28 -32.26
C LEU C 196 11.13 -20.62 -33.60
N SER C 197 11.14 -21.38 -34.71
CA SER C 197 11.33 -20.79 -36.06
C SER C 197 10.02 -20.09 -36.48
N GLU C 198 10.16 -19.14 -37.40
CA GLU C 198 9.13 -18.14 -37.81
C GLU C 198 7.84 -18.86 -38.25
N ASP C 199 7.99 -19.89 -39.10
CA ASP C 199 6.81 -20.59 -39.71
C ASP C 199 6.03 -21.36 -38.64
N GLN C 200 6.65 -21.80 -37.55
CA GLN C 200 5.95 -22.51 -36.44
C GLN C 200 5.04 -21.52 -35.72
N MET C 201 5.50 -20.28 -35.47
CA MET C 201 4.68 -19.20 -34.84
C MET C 201 3.49 -18.86 -35.75
N LEU C 202 3.73 -18.61 -37.03
CA LEU C 202 2.64 -18.25 -37.99
C LEU C 202 1.65 -19.43 -38.11
N GLY C 203 2.15 -20.67 -38.06
CA GLY C 203 1.28 -21.87 -38.04
C GLY C 203 0.37 -21.88 -36.83
N ALA C 204 0.88 -21.56 -35.64
CA ALA C 204 0.11 -21.49 -34.39
C ALA C 204 -1.01 -20.43 -34.50
N VAL C 205 -0.73 -19.25 -35.05
CA VAL C 205 -1.73 -18.16 -35.22
C VAL C 205 -2.84 -18.61 -36.17
N VAL C 206 -2.50 -19.20 -37.32
CA VAL C 206 -3.49 -19.71 -38.32
C VAL C 206 -4.31 -20.86 -37.72
N PHE C 207 -3.73 -21.64 -36.78
CA PHE C 207 -4.44 -22.73 -36.06
C PHE C 207 -5.48 -22.14 -35.09
N GLY C 208 -5.02 -21.27 -34.19
CA GLY C 208 -5.84 -20.62 -33.16
C GLY C 208 -7.01 -19.84 -33.75
N HIS C 209 -6.82 -19.23 -34.92
CA HIS C 209 -7.88 -18.44 -35.61
C HIS C 209 -8.99 -19.38 -36.11
N GLU C 210 -8.70 -20.64 -36.40
CA GLU C 210 -9.75 -21.61 -36.83
C GLU C 210 -10.48 -22.21 -35.63
N GLN C 211 -9.80 -22.42 -34.50
CA GLN C 211 -10.46 -23.08 -33.35
C GLN C 211 -11.42 -22.11 -32.65
N GLN C 212 -11.37 -20.82 -33.02
CA GLN C 212 -12.23 -19.81 -32.33
C GLN C 212 -13.60 -19.77 -33.00
N GLN C 213 -13.77 -20.41 -34.15
CA GLN C 213 -15.05 -20.36 -34.89
C GLN C 213 -16.20 -20.89 -34.02
N VAL C 214 -15.92 -21.81 -33.10
CA VAL C 214 -16.93 -22.37 -32.17
C VAL C 214 -17.52 -21.21 -31.34
N VAL C 215 -16.67 -20.39 -30.72
CA VAL C 215 -17.15 -19.25 -29.87
C VAL C 215 -17.94 -18.28 -30.74
N ILE C 216 -17.43 -17.92 -31.92
CA ILE C 216 -18.08 -16.91 -32.79
C ILE C 216 -19.50 -17.40 -33.11
N GLN C 217 -19.65 -18.67 -33.48
CA GLN C 217 -20.97 -19.26 -33.83
C GLN C 217 -21.87 -19.22 -32.59
N ASN C 218 -21.32 -19.52 -31.42
CA ASN C 218 -22.14 -19.67 -30.20
C ASN C 218 -22.64 -18.31 -29.69
N ILE C 219 -21.81 -17.26 -29.72
CA ILE C 219 -22.24 -15.89 -29.31
C ILE C 219 -23.27 -15.37 -30.32
N ASN C 220 -23.07 -15.60 -31.63
CA ASN C 220 -24.07 -15.21 -32.64
C ASN C 220 -25.41 -15.91 -32.37
N GLU C 221 -25.39 -17.20 -31.99
CA GLU C 221 -26.62 -17.97 -31.62
C GLU C 221 -27.29 -17.32 -30.40
N LEU C 222 -26.55 -16.96 -29.35
CA LEU C 222 -27.14 -16.38 -28.11
C LEU C 222 -27.78 -15.02 -28.42
N VAL C 223 -27.13 -14.19 -29.25
CA VAL C 223 -27.62 -12.81 -29.52
C VAL C 223 -28.89 -12.87 -30.38
N LYS C 224 -29.14 -13.97 -31.09
CA LYS C 224 -30.38 -14.15 -31.91
C LYS C 224 -31.65 -14.00 -31.04
N GLU C 225 -31.66 -14.49 -29.79
CA GLU C 225 -32.91 -14.44 -28.97
C GLU C 225 -32.74 -13.56 -27.72
N ALA C 226 -31.57 -13.48 -27.10
CA ALA C 226 -31.41 -12.85 -25.75
C ALA C 226 -30.85 -11.43 -25.84
N GLY C 227 -30.53 -10.95 -27.04
CA GLY C 227 -29.92 -9.62 -27.27
C GLY C 227 -30.93 -8.49 -27.29
N LYS C 228 -30.49 -7.29 -26.88
CA LYS C 228 -31.30 -6.05 -26.93
C LYS C 228 -31.36 -5.55 -28.37
N PRO C 229 -32.40 -4.77 -28.75
CA PRO C 229 -32.41 -4.12 -30.07
C PRO C 229 -31.27 -3.10 -30.20
N ARG C 230 -30.63 -3.06 -31.37
CA ARG C 230 -29.44 -2.18 -31.60
C ARG C 230 -29.94 -0.74 -31.61
N TRP C 231 -29.60 0.07 -30.62
CA TRP C 231 -30.05 1.50 -30.62
C TRP C 231 -29.36 2.25 -31.77
N ASP C 232 -30.15 2.92 -32.60
CA ASP C 232 -29.67 3.49 -33.90
C ASP C 232 -28.75 4.68 -33.63
N TRP C 233 -27.52 4.60 -34.15
CA TRP C 233 -26.56 5.72 -34.05
C TRP C 233 -25.98 5.90 -35.45
N GLN C 234 -25.99 7.12 -35.97
CA GLN C 234 -25.48 7.36 -37.35
C GLN C 234 -24.29 8.30 -37.27
N PRO C 235 -23.19 8.04 -37.99
CA PRO C 235 -22.00 8.89 -37.89
C PRO C 235 -22.34 10.32 -38.33
N GLU C 236 -21.76 11.31 -37.66
CA GLU C 236 -22.10 12.73 -37.98
C GLU C 236 -21.72 12.98 -39.43
N PRO C 237 -22.56 13.67 -40.23
CA PRO C 237 -22.29 13.83 -41.66
C PRO C 237 -20.97 14.59 -41.91
N VAL C 238 -20.15 14.07 -42.84
CA VAL C 238 -18.88 14.75 -43.19
C VAL C 238 -19.21 15.99 -44.02
N ASN C 239 -18.46 17.08 -43.84
CA ASN C 239 -18.69 18.28 -44.69
C ASN C 239 -17.79 18.17 -45.91
N GLU C 240 -18.36 17.73 -47.04
CA GLU C 240 -17.57 17.58 -48.29
C GLU C 240 -17.07 18.96 -48.72
N ALA C 241 -17.92 19.98 -48.62
CA ALA C 241 -17.53 21.33 -49.09
C ALA C 241 -16.34 21.85 -48.28
N LEU C 242 -16.38 21.67 -46.96
CA LEU C 242 -15.29 22.21 -46.11
C LEU C 242 -14.00 21.49 -46.48
N ASN C 243 -14.07 20.17 -46.68
CA ASN C 243 -12.85 19.39 -47.00
C ASN C 243 -12.29 19.85 -48.35
N ALA C 244 -13.16 20.06 -49.34
CA ALA C 244 -12.70 20.58 -50.65
C ALA C 244 -12.14 21.99 -50.49
N ARG C 245 -12.80 22.82 -49.68
CA ARG C 245 -12.37 24.24 -49.54
C ARG C 245 -10.97 24.30 -48.93
N VAL C 246 -10.69 23.48 -47.92
CA VAL C 246 -9.36 23.58 -47.23
C VAL C 246 -8.32 22.87 -48.11
N ALA C 247 -8.75 21.88 -48.89
CA ALA C 247 -7.79 21.12 -49.72
C ALA C 247 -7.13 21.99 -50.80
N ALA C 248 -7.92 22.72 -51.58
CA ALA C 248 -7.32 23.50 -52.68
C ALA C 248 -6.22 24.38 -52.10
N LEU C 249 -6.48 25.01 -50.96
CA LEU C 249 -5.51 25.94 -50.34
C LEU C 249 -4.22 25.24 -49.87
N ALA C 250 -4.32 24.06 -49.24
CA ALA C 250 -3.10 23.49 -48.62
C ALA C 250 -2.60 22.15 -49.21
N GLU C 251 -3.40 21.43 -49.98
CA GLU C 251 -2.92 20.07 -50.40
C GLU C 251 -1.63 20.17 -51.21
N ALA C 252 -1.58 21.06 -52.19
CA ALA C 252 -0.37 21.12 -53.04
C ALA C 252 0.82 21.58 -52.19
N ARG C 253 0.61 22.59 -51.35
CA ARG C 253 1.71 23.14 -50.53
C ARG C 253 2.21 22.14 -49.48
N LEU C 254 1.29 21.42 -48.84
CA LEU C 254 1.71 20.39 -47.85
C LEU C 254 2.51 19.30 -48.57
N SER C 255 2.07 18.92 -49.77
CA SER C 255 2.80 17.87 -50.54
C SER C 255 4.21 18.39 -50.85
N ASP C 256 4.32 19.67 -51.18
CA ASP C 256 5.64 20.26 -51.50
C ASP C 256 6.53 20.19 -50.26
N ALA C 257 5.97 20.47 -49.08
CA ALA C 257 6.78 20.47 -47.85
C ALA C 257 7.35 19.08 -47.58
N TYR C 258 6.54 18.04 -47.76
CA TYR C 258 7.04 16.65 -47.57
C TYR C 258 8.10 16.31 -48.62
N ARG C 259 7.94 16.83 -49.84
CA ARG C 259 8.97 16.61 -50.90
C ARG C 259 10.29 17.21 -50.41
N ILE C 260 10.25 18.36 -49.75
CA ILE C 260 11.50 18.93 -49.17
C ILE C 260 12.01 17.91 -48.14
N THR C 261 13.31 17.62 -48.13
CA THR C 261 13.80 16.53 -47.24
C THR C 261 14.70 17.04 -46.10
N ASP C 262 14.15 17.14 -44.90
CA ASP C 262 14.98 17.48 -43.70
C ASP C 262 14.29 17.01 -42.41
N LYS C 263 15.03 16.92 -41.32
CA LYS C 263 14.49 16.65 -39.96
C LYS C 263 13.50 17.73 -39.51
N GLN C 264 13.68 19.01 -39.88
CA GLN C 264 12.97 20.16 -39.27
C GLN C 264 12.59 21.25 -40.31
N GLU C 265 13.27 21.38 -41.45
CA GLU C 265 12.85 22.37 -42.49
C GLU C 265 11.46 22.01 -43.02
N ARG C 266 11.16 20.73 -43.28
CA ARG C 266 9.80 20.29 -43.69
C ARG C 266 8.78 20.70 -42.62
N TYR C 267 9.12 20.53 -41.34
CA TYR C 267 8.28 20.90 -40.17
C TYR C 267 7.89 22.39 -40.25
N ALA C 268 8.89 23.27 -40.32
CA ALA C 268 8.70 24.75 -40.42
C ALA C 268 7.84 25.09 -41.65
N GLN C 269 8.09 24.47 -42.80
CA GLN C 269 7.35 24.75 -44.06
C GLN C 269 5.86 24.37 -43.87
N VAL C 270 5.58 23.19 -43.33
CA VAL C 270 4.18 22.75 -42.98
C VAL C 270 3.52 23.78 -42.06
N ASP C 271 4.24 24.28 -41.06
CA ASP C 271 3.71 25.23 -40.05
C ASP C 271 3.27 26.54 -40.72
N VAL C 272 4.06 27.06 -41.67
CA VAL C 272 3.69 28.35 -42.34
C VAL C 272 2.47 28.07 -43.22
N ILE C 273 2.37 26.92 -43.90
CA ILE C 273 1.16 26.57 -44.70
C ILE C 273 -0.06 26.43 -43.76
N LYS C 274 0.07 25.67 -42.67
CA LYS C 274 -1.03 25.46 -41.68
C LYS C 274 -1.52 26.81 -41.14
N SER C 275 -0.62 27.66 -40.65
CA SER C 275 -0.99 28.91 -39.96
C SER C 275 -1.77 29.82 -40.91
N GLU C 276 -1.28 29.96 -42.16
CA GLU C 276 -1.95 30.81 -43.17
C GLU C 276 -3.29 30.20 -43.57
N THR C 277 -3.32 28.92 -43.93
CA THR C 277 -4.57 28.31 -44.43
C THR C 277 -5.63 28.33 -43.32
N ILE C 278 -5.21 28.11 -42.07
CA ILE C 278 -6.16 28.20 -40.93
C ILE C 278 -6.67 29.64 -40.88
N ALA C 279 -5.77 30.60 -41.01
CA ALA C 279 -6.17 32.03 -40.93
C ALA C 279 -7.15 32.37 -42.06
N THR C 280 -6.90 31.85 -43.26
CA THR C 280 -7.78 32.19 -44.40
C THR C 280 -9.13 31.50 -44.18
N LEU C 281 -10.23 32.25 -44.30
CA LEU C 281 -11.61 31.70 -44.14
C LEU C 281 -11.92 31.47 -42.66
N LEU C 282 -10.98 31.79 -41.76
CA LEU C 282 -11.26 31.67 -40.31
C LEU C 282 -12.34 32.70 -39.95
N ALA C 283 -12.24 33.91 -40.50
CA ALA C 283 -13.19 34.99 -40.18
C ALA C 283 -14.34 35.00 -41.20
N GLU C 284 -14.34 34.09 -42.16
CA GLU C 284 -15.37 34.13 -43.22
C GLU C 284 -16.64 33.44 -42.71
N ASP C 285 -17.57 34.22 -42.14
CA ASP C 285 -18.87 33.69 -41.64
C ASP C 285 -18.69 33.03 -40.27
N GLU C 286 -17.45 32.97 -39.75
CA GLU C 286 -17.17 32.39 -38.42
C GLU C 286 -17.53 30.90 -38.42
N THR C 287 -17.64 30.30 -39.62
CA THR C 287 -17.95 28.86 -39.75
C THR C 287 -16.79 28.06 -39.17
N LEU C 288 -15.56 28.51 -39.42
CA LEU C 288 -14.36 27.76 -38.98
C LEU C 288 -14.29 27.66 -37.46
N ASP C 289 -13.90 26.50 -36.93
CA ASP C 289 -13.71 26.32 -35.47
C ASP C 289 -12.36 25.63 -35.30
N GLU C 290 -11.70 25.78 -34.15
CA GLU C 290 -10.33 25.21 -34.01
C GLU C 290 -10.41 23.70 -34.20
N ASN C 291 -11.40 23.05 -33.59
CA ASN C 291 -11.57 21.59 -33.76
C ASN C 291 -11.87 21.28 -35.22
N GLU C 292 -12.74 22.06 -35.86
CA GLU C 292 -13.15 21.77 -37.26
C GLU C 292 -11.94 21.86 -38.18
N LEU C 293 -11.09 22.87 -37.98
CA LEU C 293 -9.95 23.08 -38.92
C LEU C 293 -8.82 22.09 -38.62
N GLY C 294 -8.33 22.07 -37.37
CA GLY C 294 -7.19 21.21 -37.03
C GLY C 294 -7.39 19.79 -37.54
N GLU C 295 -8.59 19.24 -37.37
CA GLU C 295 -8.81 17.83 -37.76
C GLU C 295 -8.60 17.68 -39.27
N ILE C 296 -9.16 18.58 -40.07
CA ILE C 296 -9.06 18.38 -41.54
C ILE C 296 -7.59 18.50 -41.95
N LEU C 297 -6.87 19.46 -41.37
CA LEU C 297 -5.46 19.68 -41.80
C LEU C 297 -4.62 18.43 -41.49
N HIS C 298 -4.81 17.83 -40.32
CA HIS C 298 -4.03 16.63 -39.94
C HIS C 298 -4.44 15.48 -40.86
N ALA C 299 -5.72 15.41 -41.22
CA ALA C 299 -6.26 14.36 -42.13
C ALA C 299 -5.56 14.47 -43.49
N ILE C 300 -5.36 15.68 -44.02
CA ILE C 300 -4.66 15.89 -45.33
C ILE C 300 -3.19 15.46 -45.18
N GLU C 301 -2.52 15.80 -44.08
CA GLU C 301 -1.15 15.32 -43.77
C GLU C 301 -1.09 13.79 -43.84
N LYS C 302 -2.00 13.11 -43.15
CA LYS C 302 -2.04 11.62 -43.13
C LYS C 302 -2.27 11.10 -44.55
N ASN C 303 -3.13 11.73 -45.35
CA ASN C 303 -3.40 11.32 -46.76
C ASN C 303 -2.12 11.47 -47.61
N VAL C 304 -1.42 12.60 -47.53
CA VAL C 304 -0.20 12.83 -48.36
C VAL C 304 0.91 11.86 -47.92
N VAL C 305 1.06 11.56 -46.63
CA VAL C 305 2.11 10.59 -46.17
C VAL C 305 1.76 9.19 -46.68
N ARG C 306 0.53 8.70 -46.51
CA ARG C 306 0.13 7.34 -46.99
C ARG C 306 0.41 7.23 -48.50
N SER C 307 -0.14 8.16 -49.28
CA SER C 307 -0.04 8.11 -50.76
C SER C 307 1.43 8.22 -51.18
N ARG C 308 2.20 9.07 -50.51
CA ARG C 308 3.65 9.22 -50.85
C ARG C 308 4.39 7.91 -50.57
N VAL C 309 4.12 7.26 -49.44
CA VAL C 309 4.91 6.06 -49.04
C VAL C 309 4.56 4.89 -49.98
N LEU C 310 3.30 4.70 -50.33
CA LEU C 310 2.93 3.51 -51.15
C LEU C 310 3.61 3.60 -52.51
N ALA C 311 3.94 4.81 -52.96
CA ALA C 311 4.53 4.94 -54.31
C ALA C 311 5.93 5.57 -54.25
N GLY C 312 6.04 6.82 -53.78
CA GLY C 312 7.34 7.53 -53.73
C GLY C 312 8.28 6.85 -52.77
N GLU C 313 9.54 6.65 -53.18
CA GLU C 313 10.49 5.89 -52.33
C GLU C 313 10.80 6.56 -50.99
N PRO C 314 11.09 7.88 -50.89
CA PRO C 314 11.52 8.44 -49.61
C PRO C 314 10.45 8.38 -48.51
N ARG C 315 10.84 7.96 -47.31
CA ARG C 315 9.89 7.98 -46.16
C ARG C 315 10.04 9.36 -45.50
N ILE C 316 9.35 9.60 -44.39
CA ILE C 316 9.39 10.95 -43.75
C ILE C 316 10.84 11.25 -43.34
N ASP C 317 11.56 10.26 -42.83
CA ASP C 317 12.98 10.46 -42.41
C ASP C 317 13.94 10.24 -43.59
N GLY C 318 13.42 9.75 -44.72
CA GLY C 318 14.28 9.61 -45.93
C GLY C 318 15.00 8.28 -46.05
N ARG C 319 14.75 7.33 -45.14
CA ARG C 319 15.37 6.00 -45.34
C ARG C 319 14.40 5.12 -46.14
N GLU C 320 14.93 4.11 -46.83
CA GLU C 320 14.08 3.23 -47.67
C GLU C 320 13.32 2.28 -46.74
N LYS C 321 12.36 1.51 -47.27
CA LYS C 321 11.51 0.64 -46.43
C LYS C 321 12.34 -0.36 -45.64
N ASP C 322 13.51 -0.76 -46.16
CA ASP C 322 14.29 -1.83 -45.51
C ASP C 322 15.43 -1.29 -44.62
N MET C 323 15.49 0.02 -44.33
CA MET C 323 16.67 0.54 -43.59
C MET C 323 16.36 0.91 -42.12
N ILE C 324 17.34 0.65 -41.24
CA ILE C 324 17.20 0.92 -39.78
C ILE C 324 18.02 2.15 -39.40
N ARG C 325 17.52 3.01 -38.51
CA ARG C 325 18.26 4.19 -37.99
C ARG C 325 19.64 3.77 -37.43
N GLY C 326 20.63 4.66 -37.52
CA GLY C 326 22.03 4.37 -37.16
C GLY C 326 22.16 3.91 -35.71
N LEU C 327 22.97 2.91 -35.43
CA LEU C 327 23.20 2.41 -34.05
C LEU C 327 24.42 3.06 -33.38
N ASP C 328 24.32 3.30 -32.08
CA ASP C 328 25.52 3.58 -31.25
C ASP C 328 25.33 2.88 -29.90
N VAL C 329 26.33 2.09 -29.49
CA VAL C 329 26.19 1.11 -28.37
C VAL C 329 27.41 1.24 -27.46
N ARG C 330 27.18 1.32 -26.15
CA ARG C 330 28.24 1.60 -25.15
C ARG C 330 27.97 0.77 -23.89
N THR C 331 29.02 0.21 -23.29
CA THR C 331 28.89 -0.67 -22.10
C THR C 331 29.69 -0.12 -20.92
N GLY C 332 29.23 -0.43 -19.70
CA GLY C 332 29.89 -0.05 -18.43
C GLY C 332 29.89 1.46 -18.21
N VAL C 333 28.85 2.14 -18.68
CA VAL C 333 28.71 3.63 -18.65
C VAL C 333 28.58 4.15 -17.20
N LEU C 334 27.94 3.39 -16.31
CA LEU C 334 27.79 3.78 -14.88
C LEU C 334 28.91 3.15 -14.05
N PRO C 335 29.50 3.90 -13.10
CA PRO C 335 30.34 3.31 -12.06
C PRO C 335 29.52 2.61 -10.96
N ARG C 336 30.13 1.62 -10.28
CA ARG C 336 29.63 0.98 -9.04
C ARG C 336 28.19 0.48 -9.17
N THR C 337 27.80 0.00 -10.35
CA THR C 337 26.48 -0.69 -10.52
C THR C 337 26.87 -2.08 -11.02
N HIS C 338 26.06 -3.11 -10.78
CA HIS C 338 26.53 -4.49 -11.13
C HIS C 338 26.80 -4.60 -12.63
N GLY C 339 25.97 -4.00 -13.47
CA GLY C 339 26.20 -4.01 -14.93
C GLY C 339 25.33 -2.96 -15.61
N SER C 340 25.85 -2.26 -16.62
CA SER C 340 25.09 -1.14 -17.23
C SER C 340 25.47 -0.99 -18.70
N ALA C 341 24.52 -0.54 -19.52
CA ALA C 341 24.75 -0.30 -20.96
C ALA C 341 23.83 0.80 -21.46
N LEU C 342 24.27 1.55 -22.46
CA LEU C 342 23.44 2.56 -23.14
C LEU C 342 23.24 2.10 -24.58
N PHE C 343 22.00 1.83 -24.99
CA PHE C 343 21.71 1.46 -26.39
C PHE C 343 20.95 2.61 -27.05
N THR C 344 21.51 3.15 -28.12
CA THR C 344 20.87 4.26 -28.88
C THR C 344 20.55 3.78 -30.30
N ARG C 345 19.30 3.90 -30.71
CA ARG C 345 18.91 3.65 -32.11
C ARG C 345 18.98 4.96 -32.91
N GLY C 346 19.46 6.06 -32.30
CA GLY C 346 19.66 7.34 -33.00
C GLY C 346 18.68 8.43 -32.56
N GLU C 347 17.44 8.08 -32.23
CA GLU C 347 16.47 8.99 -31.56
C GLU C 347 15.67 8.20 -30.51
N THR C 348 16.12 6.99 -30.15
CA THR C 348 15.59 6.21 -29.00
C THR C 348 16.80 5.76 -28.19
N GLN C 349 16.86 6.18 -26.93
CA GLN C 349 18.01 5.90 -26.04
C GLN C 349 17.49 5.18 -24.78
N ALA C 350 18.08 4.04 -24.44
CA ALA C 350 17.68 3.24 -23.27
C ALA C 350 18.90 3.03 -22.38
N LEU C 351 18.97 3.72 -21.25
CA LEU C 351 20.04 3.51 -20.24
C LEU C 351 19.58 2.37 -19.32
N VAL C 352 20.24 1.23 -19.38
CA VAL C 352 19.67 0.00 -18.78
C VAL C 352 20.72 -0.63 -17.86
N THR C 353 20.26 -1.17 -16.74
CA THR C 353 21.14 -1.57 -15.61
C THR C 353 20.66 -2.90 -15.04
N ALA C 354 21.59 -3.81 -14.75
CA ALA C 354 21.23 -5.12 -14.15
C ALA C 354 21.85 -5.21 -12.77
N THR C 355 21.06 -5.49 -11.74
CA THR C 355 21.58 -5.63 -10.35
C THR C 355 21.33 -7.05 -9.84
N LEU C 356 22.35 -7.70 -9.27
CA LEU C 356 22.23 -9.08 -8.76
C LEU C 356 21.85 -9.05 -7.28
N GLY C 357 21.36 -10.16 -6.73
CA GLY C 357 20.95 -10.25 -5.31
C GLY C 357 20.91 -11.68 -4.82
N THR C 358 21.02 -11.85 -3.50
CA THR C 358 20.85 -13.15 -2.81
C THR C 358 19.37 -13.56 -2.87
N ALA C 359 19.11 -14.87 -2.84
CA ALA C 359 17.79 -15.50 -3.01
C ALA C 359 16.72 -14.85 -2.11
N ARG C 360 17.11 -14.34 -0.94
CA ARG C 360 16.22 -13.63 0.04
C ARG C 360 15.45 -12.48 -0.62
N ASP C 361 16.04 -11.80 -1.63
CA ASP C 361 15.43 -10.58 -2.22
C ASP C 361 14.51 -10.90 -3.41
N ALA C 362 14.38 -12.16 -3.81
CA ALA C 362 13.40 -12.60 -4.84
C ALA C 362 11.98 -12.20 -4.42
N GLN C 363 11.09 -11.90 -5.37
CA GLN C 363 9.68 -11.55 -5.06
C GLN C 363 8.85 -12.82 -4.82
N VAL C 364 7.88 -12.71 -3.92
CA VAL C 364 6.91 -13.80 -3.64
C VAL C 364 5.54 -13.24 -4.02
N LEU C 365 5.13 -13.42 -5.28
CA LEU C 365 3.86 -12.82 -5.76
C LEU C 365 2.74 -13.86 -5.59
N ASP C 366 1.75 -13.50 -4.78
CA ASP C 366 0.55 -14.33 -4.46
C ASP C 366 -0.59 -13.95 -5.40
N GLU C 367 -1.18 -14.95 -6.08
CA GLU C 367 -2.33 -14.74 -7.00
C GLU C 367 -3.25 -15.98 -6.98
N LEU C 368 -4.33 -15.95 -7.78
CA LEU C 368 -5.48 -16.90 -7.67
C LEU C 368 -5.00 -18.32 -8.03
N MET C 369 -4.12 -18.45 -9.04
CA MET C 369 -3.60 -19.80 -9.46
C MET C 369 -2.53 -20.31 -8.48
N GLY C 370 -2.25 -19.61 -7.37
CA GLY C 370 -1.29 -20.02 -6.33
C GLY C 370 -0.20 -18.99 -6.11
N GLU C 371 0.41 -18.99 -4.92
CA GLU C 371 1.65 -18.21 -4.62
C GLU C 371 2.79 -18.76 -5.49
N ARG C 372 3.60 -17.90 -6.08
CA ARG C 372 4.85 -18.32 -6.77
C ARG C 372 5.92 -17.27 -6.52
N THR C 373 7.18 -17.69 -6.58
CA THR C 373 8.36 -16.83 -6.30
C THR C 373 9.23 -16.79 -7.54
N ASP C 374 9.37 -15.61 -8.14
CA ASP C 374 10.12 -15.40 -9.41
C ASP C 374 11.47 -14.74 -9.10
N THR C 375 12.50 -15.08 -9.88
CA THR C 375 13.88 -14.59 -9.59
C THR C 375 14.36 -13.63 -10.68
N PHE C 376 13.53 -13.33 -11.67
CA PHE C 376 13.87 -12.34 -12.71
C PHE C 376 12.86 -11.21 -12.71
N LEU C 377 13.33 -10.00 -12.39
CA LEU C 377 12.48 -8.80 -12.24
C LEU C 377 12.82 -7.80 -13.33
N PHE C 378 11.84 -7.35 -14.11
CA PHE C 378 12.05 -6.33 -15.16
C PHE C 378 11.21 -5.08 -14.80
N HIS C 379 11.83 -3.91 -14.80
CA HIS C 379 11.15 -2.62 -14.56
C HIS C 379 11.48 -1.62 -15.68
N TYR C 380 10.47 -0.92 -16.17
CA TYR C 380 10.60 0.01 -17.32
C TYR C 380 10.15 1.39 -16.86
N ASN C 381 11.07 2.36 -16.88
CA ASN C 381 10.73 3.75 -16.49
C ASN C 381 10.63 4.61 -17.74
N PHE C 382 9.54 5.34 -17.91
CA PHE C 382 9.33 6.30 -19.02
C PHE C 382 9.20 7.70 -18.43
N PRO C 383 10.31 8.39 -18.09
CA PRO C 383 10.25 9.73 -17.50
C PRO C 383 9.82 10.77 -18.53
N PRO C 384 9.15 11.86 -18.08
CA PRO C 384 8.49 12.79 -18.99
C PRO C 384 9.45 13.64 -19.85
N TYR C 385 10.71 13.80 -19.45
CA TYR C 385 11.71 14.55 -20.24
C TYR C 385 12.07 13.76 -21.52
N SER C 386 11.83 12.46 -21.57
CA SER C 386 12.22 11.59 -22.70
C SER C 386 11.55 12.02 -24.01
N VAL C 387 10.35 12.62 -23.97
CA VAL C 387 9.65 13.12 -25.19
C VAL C 387 9.59 14.66 -25.19
N GLY C 388 10.30 15.31 -24.27
CA GLY C 388 10.52 16.77 -24.23
C GLY C 388 9.39 17.53 -23.56
N GLU C 389 8.51 16.86 -22.82
CA GLU C 389 7.35 17.48 -22.12
C GLU C 389 7.67 17.60 -20.63
N THR C 390 6.84 18.34 -19.90
CA THR C 390 6.99 18.47 -18.43
C THR C 390 5.74 17.88 -17.76
N GLY C 391 5.91 16.95 -16.82
CA GLY C 391 4.79 16.30 -16.13
C GLY C 391 5.23 15.63 -14.84
N MET C 392 4.27 15.26 -13.98
CA MET C 392 4.55 14.60 -12.68
C MET C 392 5.12 13.19 -12.93
N VAL C 393 6.18 12.83 -12.21
CA VAL C 393 6.79 11.49 -12.39
C VAL C 393 5.87 10.47 -11.70
N GLY C 394 5.71 10.59 -10.37
CA GLY C 394 4.79 9.73 -9.61
C GLY C 394 5.00 8.24 -9.81
N SER C 395 3.99 7.55 -10.37
CA SER C 395 4.06 6.07 -10.50
C SER C 395 3.78 5.66 -11.94
N PRO C 396 4.23 4.49 -12.43
CA PRO C 396 4.07 4.11 -13.84
C PRO C 396 2.63 3.96 -14.34
N LYS C 397 2.37 4.42 -15.57
CA LYS C 397 1.02 4.28 -16.21
C LYS C 397 0.92 2.88 -16.82
N ARG C 398 -0.23 2.53 -17.40
CA ARG C 398 -0.44 1.16 -17.94
C ARG C 398 0.57 0.85 -19.06
N ARG C 399 0.86 1.83 -19.93
CA ARG C 399 1.79 1.57 -21.06
C ARG C 399 3.17 1.19 -20.53
N GLU C 400 3.63 1.82 -19.45
CA GLU C 400 4.95 1.48 -18.84
C GLU C 400 4.93 0.03 -18.36
N ILE C 401 3.82 -0.42 -17.76
CA ILE C 401 3.65 -1.82 -17.29
C ILE C 401 3.52 -2.74 -18.52
N GLY C 402 2.74 -2.35 -19.54
CA GLY C 402 2.64 -3.08 -20.82
C GLY C 402 4.00 -3.33 -21.46
N HIS C 403 4.78 -2.27 -21.68
CA HIS C 403 6.13 -2.34 -22.30
C HIS C 403 7.09 -3.14 -21.40
N GLY C 404 7.04 -2.93 -20.09
CA GLY C 404 7.86 -3.68 -19.12
C GLY C 404 7.60 -5.16 -19.19
N ARG C 405 6.36 -5.56 -19.42
CA ARG C 405 5.97 -6.98 -19.57
C ARG C 405 6.51 -7.51 -20.90
N LEU C 406 6.28 -6.81 -22.01
CA LEU C 406 6.70 -7.30 -23.36
C LEU C 406 8.23 -7.49 -23.38
N ALA C 407 9.02 -6.53 -22.90
CA ALA C 407 10.49 -6.65 -22.87
C ALA C 407 10.87 -7.89 -22.03
N LYS C 408 10.21 -8.11 -20.90
CA LYS C 408 10.47 -9.28 -20.02
C LYS C 408 10.22 -10.57 -20.79
N ARG C 409 9.14 -10.68 -21.57
CA ARG C 409 8.84 -11.88 -22.40
C ARG C 409 10.00 -12.09 -23.39
N GLY C 410 10.52 -11.02 -23.99
CA GLY C 410 11.62 -11.07 -24.98
C GLY C 410 12.89 -11.69 -24.41
N VAL C 411 13.27 -11.33 -23.18
CA VAL C 411 14.56 -11.75 -22.57
C VAL C 411 14.39 -13.08 -21.80
N LEU C 412 13.23 -13.35 -21.19
CA LEU C 412 13.00 -14.52 -20.29
C LEU C 412 13.39 -15.85 -20.97
N ALA C 413 13.20 -15.97 -22.28
CA ALA C 413 13.49 -17.22 -23.04
C ALA C 413 15.00 -17.48 -23.15
N VAL C 414 15.87 -16.54 -22.79
CA VAL C 414 17.35 -16.70 -22.93
C VAL C 414 18.07 -16.61 -21.58
N MET C 415 17.32 -16.52 -20.47
CA MET C 415 17.93 -16.42 -19.12
C MET C 415 18.42 -17.80 -18.65
N PRO C 416 19.47 -17.88 -17.80
CA PRO C 416 19.99 -19.17 -17.34
C PRO C 416 19.14 -19.87 -16.27
N ASP C 417 19.11 -21.20 -16.25
CA ASP C 417 18.33 -21.97 -15.24
C ASP C 417 18.88 -21.65 -13.84
N MET C 418 18.05 -21.66 -12.81
CA MET C 418 18.51 -21.22 -11.46
C MET C 418 19.56 -22.16 -10.86
N ASP C 419 19.69 -23.38 -11.37
CA ASP C 419 20.60 -24.37 -10.75
C ASP C 419 22.06 -24.04 -11.06
N LYS C 420 22.35 -23.43 -12.23
CA LYS C 420 23.73 -23.06 -12.63
C LYS C 420 23.98 -21.57 -12.38
N PHE C 421 22.97 -20.82 -11.91
CA PHE C 421 23.12 -19.38 -11.57
C PHE C 421 22.12 -19.09 -10.43
N PRO C 422 22.49 -19.17 -9.13
CA PRO C 422 21.51 -19.10 -8.04
C PRO C 422 20.98 -17.71 -7.66
N TYR C 423 21.54 -16.65 -8.25
CA TYR C 423 21.21 -15.26 -7.83
C TYR C 423 19.95 -14.70 -8.48
N THR C 424 19.18 -13.91 -7.74
CA THR C 424 18.04 -13.16 -8.33
C THR C 424 18.63 -11.96 -9.08
N VAL C 425 18.08 -11.64 -10.24
CA VAL C 425 18.60 -10.54 -11.09
C VAL C 425 17.44 -9.61 -11.43
N ARG C 426 17.64 -8.32 -11.20
CA ARG C 426 16.66 -7.24 -11.51
C ARG C 426 17.25 -6.40 -12.64
N VAL C 427 16.48 -6.18 -13.70
CA VAL C 427 16.89 -5.29 -14.82
C VAL C 427 15.98 -4.08 -14.82
N VAL C 428 16.55 -2.89 -14.70
CA VAL C 428 15.76 -1.62 -14.76
C VAL C 428 16.20 -0.88 -16.02
N SER C 429 15.25 -0.63 -16.91
CA SER C 429 15.49 0.04 -18.20
C SER C 429 14.88 1.44 -18.10
N GLU C 430 15.74 2.45 -18.08
CA GLU C 430 15.30 3.85 -17.92
C GLU C 430 15.40 4.54 -19.29
N ILE C 431 14.27 4.70 -19.96
CA ILE C 431 14.18 5.45 -21.23
C ILE C 431 14.61 6.90 -21.00
N THR C 432 15.53 7.41 -21.81
CA THR C 432 16.04 8.81 -21.69
C THR C 432 15.63 9.64 -22.90
N GLU C 433 15.33 9.01 -24.04
CA GLU C 433 14.82 9.72 -25.25
C GLU C 433 13.95 8.74 -26.03
N SER C 434 12.82 9.18 -26.58
CA SER C 434 11.81 8.27 -27.18
C SER C 434 11.12 8.90 -28.38
N ASN C 435 11.56 8.56 -29.58
CA ASN C 435 10.88 8.96 -30.85
C ASN C 435 10.65 7.74 -31.76
N GLY C 436 11.24 6.57 -31.48
CA GLY C 436 10.95 5.31 -32.18
C GLY C 436 9.96 4.46 -31.41
N SER C 437 10.29 3.19 -31.17
CA SER C 437 9.52 2.24 -30.34
C SER C 437 10.41 1.77 -29.19
N SER C 438 10.28 2.39 -28.02
CA SER C 438 11.27 2.29 -26.91
C SER C 438 11.23 0.90 -26.23
N SER C 439 10.16 0.11 -26.29
CA SER C 439 10.15 -1.24 -25.68
C SER C 439 11.17 -2.17 -26.36
N MET C 440 11.34 -2.08 -27.67
CA MET C 440 12.32 -2.95 -28.40
C MET C 440 13.75 -2.42 -28.21
N ALA C 441 13.97 -1.12 -27.97
CA ALA C 441 15.31 -0.60 -27.61
C ALA C 441 15.65 -1.05 -26.18
N SER C 442 14.66 -1.42 -25.37
CA SER C 442 14.87 -1.95 -23.99
C SER C 442 15.47 -3.37 -24.06
N VAL C 443 15.00 -4.23 -24.96
CA VAL C 443 15.39 -5.67 -25.01
C VAL C 443 16.88 -5.77 -25.37
N CYS C 444 17.31 -5.05 -26.39
CA CYS C 444 18.73 -5.01 -26.84
C CYS C 444 19.63 -4.59 -25.69
N GLY C 445 19.30 -3.45 -25.06
CA GLY C 445 20.03 -2.91 -23.90
C GLY C 445 20.08 -3.90 -22.76
N ALA C 446 18.98 -4.60 -22.45
CA ALA C 446 18.90 -5.58 -21.34
C ALA C 446 19.85 -6.74 -21.61
N SER C 447 19.94 -7.22 -22.86
CA SER C 447 20.89 -8.32 -23.18
C SER C 447 22.33 -7.85 -22.98
N LEU C 448 22.68 -6.61 -23.33
CA LEU C 448 24.03 -6.03 -23.06
C LEU C 448 24.26 -5.92 -21.55
N ALA C 449 23.34 -5.33 -20.78
CA ALA C 449 23.52 -5.10 -19.32
C ALA C 449 23.71 -6.44 -18.61
N LEU C 450 22.89 -7.45 -18.94
CA LEU C 450 22.99 -8.81 -18.35
C LEU C 450 24.36 -9.42 -18.65
N MET C 451 24.80 -9.43 -19.91
CA MET C 451 26.05 -10.16 -20.24
C MET C 451 27.26 -9.33 -19.78
N ASP C 452 27.13 -8.01 -19.59
CA ASP C 452 28.19 -7.15 -18.98
C ASP C 452 28.33 -7.45 -17.48
N ALA C 453 27.21 -7.74 -16.80
CA ALA C 453 27.28 -8.11 -15.35
C ALA C 453 27.87 -9.51 -15.23
N GLY C 454 27.98 -10.23 -16.34
CA GLY C 454 28.61 -11.56 -16.38
C GLY C 454 27.66 -12.66 -15.91
N VAL C 455 26.35 -12.44 -16.05
CA VAL C 455 25.38 -13.57 -16.01
C VAL C 455 25.63 -14.41 -17.26
N PRO C 456 25.70 -15.75 -17.15
CA PRO C 456 25.84 -16.63 -18.32
C PRO C 456 24.54 -16.76 -19.11
N ILE C 457 24.22 -15.72 -19.88
CA ILE C 457 23.03 -15.69 -20.79
C ILE C 457 23.30 -16.64 -21.96
N LYS C 458 22.26 -17.29 -22.49
CA LYS C 458 22.42 -18.39 -23.48
C LYS C 458 22.79 -17.85 -24.87
N ALA C 459 22.33 -16.64 -25.22
CA ALA C 459 22.61 -15.97 -26.51
C ALA C 459 22.26 -14.48 -26.43
N ALA C 460 22.79 -13.65 -27.32
CA ALA C 460 22.37 -12.24 -27.44
C ALA C 460 20.94 -12.19 -28.01
N VAL C 461 20.12 -11.22 -27.58
CA VAL C 461 18.74 -11.01 -28.12
C VAL C 461 18.54 -9.54 -28.48
N ALA C 462 17.71 -9.29 -29.48
CA ALA C 462 17.47 -7.94 -30.04
C ALA C 462 16.04 -7.84 -30.57
N GLY C 463 15.53 -6.62 -30.69
CA GLY C 463 14.14 -6.35 -31.08
C GLY C 463 14.00 -5.39 -32.25
N ILE C 464 12.86 -5.46 -32.94
CA ILE C 464 12.56 -4.60 -34.10
C ILE C 464 11.06 -4.29 -34.09
N ALA C 465 10.70 -3.03 -34.27
CA ALA C 465 9.29 -2.58 -34.34
C ALA C 465 8.95 -2.29 -35.80
N MET C 466 7.86 -2.84 -36.32
CA MET C 466 7.58 -2.80 -37.78
C MET C 466 6.13 -2.45 -38.06
N GLY C 467 5.87 -1.96 -39.27
CA GLY C 467 4.55 -1.50 -39.72
C GLY C 467 4.27 -1.98 -41.12
N LEU C 468 3.00 -2.08 -41.48
CA LEU C 468 2.60 -2.48 -42.86
C LEU C 468 1.59 -1.47 -43.35
N VAL C 469 1.70 -1.03 -44.61
CA VAL C 469 0.66 -0.11 -45.17
C VAL C 469 0.01 -0.79 -46.38
N LYS C 470 -1.30 -1.05 -46.34
CA LYS C 470 -2.00 -1.75 -47.45
C LYS C 470 -3.29 -1.02 -47.80
N GLU C 471 -3.20 0.17 -48.39
CA GLU C 471 -4.43 0.88 -48.83
C GLU C 471 -5.11 0.08 -49.94
N GLY C 472 -4.34 -0.43 -50.89
CA GLY C 472 -4.90 -1.20 -51.99
C GLY C 472 -4.34 -2.60 -51.98
N ASP C 473 -4.42 -3.33 -53.09
CA ASP C 473 -3.76 -4.66 -53.15
C ASP C 473 -2.27 -4.45 -52.93
N ASN C 474 -1.70 -3.37 -53.47
CA ASN C 474 -0.27 -3.05 -53.24
C ASN C 474 -0.05 -2.79 -51.75
N TYR C 475 1.04 -3.32 -51.20
CA TYR C 475 1.35 -3.12 -49.76
C TYR C 475 2.86 -2.88 -49.64
N VAL C 476 3.30 -2.19 -48.60
CA VAL C 476 4.77 -2.02 -48.39
C VAL C 476 5.04 -2.29 -46.91
N VAL C 477 5.99 -3.18 -46.60
CA VAL C 477 6.34 -3.39 -45.17
C VAL C 477 7.42 -2.37 -44.80
N LEU C 478 7.29 -1.71 -43.66
CA LEU C 478 8.25 -0.65 -43.27
C LEU C 478 9.02 -1.14 -42.05
N SER C 479 10.36 -1.06 -42.08
CA SER C 479 11.18 -1.59 -40.96
C SER C 479 11.56 -0.46 -40.00
N ASP C 480 11.71 -0.77 -38.72
CA ASP C 480 12.12 0.24 -37.70
C ASP C 480 11.27 1.51 -37.88
N ILE C 481 9.96 1.42 -37.77
CA ILE C 481 9.03 2.58 -37.96
C ILE C 481 9.22 3.61 -36.85
N LEU C 482 9.26 4.89 -37.21
CA LEU C 482 9.27 6.02 -36.25
C LEU C 482 7.96 6.04 -35.45
N GLY C 483 7.98 6.64 -34.26
CA GLY C 483 6.74 6.91 -33.49
C GLY C 483 5.79 7.81 -34.27
N ASP C 484 6.35 8.79 -34.97
CA ASP C 484 5.64 9.80 -35.79
C ASP C 484 5.01 9.16 -37.03
N GLU C 485 5.10 7.84 -37.27
CA GLU C 485 4.36 7.19 -38.39
C GLU C 485 3.47 6.04 -37.89
N ASP C 486 2.92 6.19 -36.70
CA ASP C 486 1.93 5.23 -36.11
C ASP C 486 0.68 5.15 -37.01
N HIS C 487 0.17 6.30 -37.43
CA HIS C 487 -1.09 6.44 -38.22
C HIS C 487 -0.93 5.78 -39.60
N LEU C 488 0.29 5.72 -40.10
CA LEU C 488 0.63 5.13 -41.41
C LEU C 488 0.50 3.60 -41.35
N GLY C 489 0.81 2.96 -40.21
CA GLY C 489 0.65 1.49 -40.07
C GLY C 489 -0.81 1.05 -40.05
N ASP C 490 -1.24 0.20 -40.97
CA ASP C 490 -2.55 -0.50 -40.96
C ASP C 490 -2.43 -1.79 -40.14
N MET C 491 -1.21 -2.30 -39.95
CA MET C 491 -0.87 -3.29 -38.90
C MET C 491 0.49 -2.88 -38.32
N ASP C 492 0.76 -3.19 -37.06
CA ASP C 492 2.13 -2.99 -36.51
C ASP C 492 2.42 -4.08 -35.47
N PHE C 493 3.70 -4.44 -35.37
CA PHE C 493 4.15 -5.70 -34.72
C PHE C 493 5.61 -5.59 -34.30
N LYS C 494 5.99 -6.42 -33.35
CA LYS C 494 7.29 -6.39 -32.64
C LYS C 494 7.81 -7.82 -32.57
N VAL C 495 9.10 -8.04 -32.81
CA VAL C 495 9.62 -9.40 -33.19
C VAL C 495 10.90 -9.70 -32.43
N ALA C 496 10.88 -9.54 -31.10
CA ALA C 496 12.08 -9.74 -30.26
C ALA C 496 12.57 -11.20 -30.38
N GLY C 497 13.86 -11.39 -30.60
CA GLY C 497 14.41 -12.72 -30.92
C GLY C 497 15.93 -12.79 -30.91
N SER C 498 16.49 -13.89 -31.39
CA SER C 498 17.92 -14.27 -31.25
C SER C 498 18.58 -14.41 -32.63
N ARG C 499 19.81 -14.92 -32.65
CA ARG C 499 20.48 -15.15 -33.95
C ARG C 499 19.65 -16.13 -34.78
N ASP C 500 19.04 -17.13 -34.13
CA ASP C 500 18.17 -18.08 -34.87
C ASP C 500 16.96 -18.44 -34.01
N GLY C 501 15.75 -18.09 -34.45
CA GLY C 501 14.52 -18.33 -33.68
C GLY C 501 14.05 -17.11 -32.92
N ILE C 502 12.73 -16.99 -32.77
CA ILE C 502 12.02 -15.78 -32.24
C ILE C 502 11.59 -16.03 -30.79
N SER C 503 11.67 -15.00 -29.95
CA SER C 503 11.44 -15.12 -28.49
C SER C 503 10.02 -14.64 -28.12
N ALA C 504 9.63 -13.46 -28.59
CA ALA C 504 8.32 -12.86 -28.24
C ALA C 504 7.76 -12.10 -29.43
N LEU C 505 6.62 -12.52 -29.96
CA LEU C 505 5.93 -11.80 -31.04
C LEU C 505 4.70 -11.12 -30.45
N GLN C 506 4.50 -9.85 -30.82
CA GLN C 506 3.27 -9.09 -30.50
C GLN C 506 2.81 -8.37 -31.76
N MET C 507 1.52 -8.31 -32.02
CA MET C 507 1.01 -7.88 -33.35
C MET C 507 -0.40 -7.37 -33.19
N ASP C 508 -0.66 -6.11 -33.51
CA ASP C 508 -2.03 -5.53 -33.47
C ASP C 508 -2.45 -5.09 -34.88
N ILE C 509 -3.59 -5.61 -35.35
CA ILE C 509 -4.08 -5.43 -36.75
C ILE C 509 -5.30 -4.50 -36.73
N LYS C 510 -5.35 -3.52 -37.63
CA LYS C 510 -6.44 -2.50 -37.68
C LYS C 510 -7.23 -2.59 -38.98
N ILE C 511 -6.86 -3.49 -39.92
CA ILE C 511 -7.46 -3.56 -41.28
C ILE C 511 -7.81 -5.02 -41.65
N GLU C 512 -8.88 -5.20 -42.43
CA GLU C 512 -9.35 -6.53 -42.93
C GLU C 512 -8.44 -7.02 -44.08
N GLY C 513 -8.32 -8.34 -44.24
CA GLY C 513 -7.74 -8.98 -45.44
C GLY C 513 -6.27 -9.34 -45.32
N ILE C 514 -5.69 -9.29 -44.11
CA ILE C 514 -4.27 -9.72 -43.91
C ILE C 514 -4.25 -11.25 -43.91
N THR C 515 -4.03 -11.87 -45.07
CA THR C 515 -3.89 -13.35 -45.22
C THR C 515 -2.45 -13.77 -44.86
N LYS C 516 -2.25 -15.08 -44.59
CA LYS C 516 -1.08 -15.57 -43.82
C LYS C 516 0.22 -15.19 -44.53
N GLU C 517 0.26 -15.21 -45.87
CA GLU C 517 1.50 -14.88 -46.66
C GLU C 517 1.92 -13.41 -46.47
N ILE C 518 0.98 -12.51 -46.16
CA ILE C 518 1.27 -11.08 -45.89
C ILE C 518 1.87 -10.92 -44.49
N MET C 519 1.55 -11.80 -43.54
CA MET C 519 2.30 -11.91 -42.26
C MET C 519 3.68 -12.53 -42.56
N GLN C 520 3.74 -13.54 -43.43
CA GLN C 520 4.96 -14.34 -43.68
C GLN C 520 6.06 -13.45 -44.24
N VAL C 521 5.80 -12.62 -45.24
CA VAL C 521 6.87 -11.74 -45.82
C VAL C 521 7.19 -10.63 -44.81
N ALA C 522 6.21 -10.14 -44.06
CA ALA C 522 6.40 -9.04 -43.09
C ALA C 522 7.37 -9.49 -41.98
N LEU C 523 7.21 -10.69 -41.40
CA LEU C 523 8.16 -11.09 -40.33
C LEU C 523 9.38 -11.82 -40.94
N ASN C 524 9.42 -12.15 -42.24
CA ASN C 524 10.68 -12.54 -42.93
C ASN C 524 11.58 -11.29 -43.03
N GLN C 525 10.99 -10.14 -43.37
CA GLN C 525 11.69 -8.83 -43.40
C GLN C 525 12.15 -8.48 -41.98
N ALA C 526 11.37 -8.79 -40.93
CA ALA C 526 11.74 -8.61 -39.52
C ALA C 526 12.97 -9.46 -39.16
N LYS C 527 13.05 -10.71 -39.63
CA LYS C 527 14.27 -11.55 -39.42
C LYS C 527 15.49 -10.84 -40.05
N GLY C 528 15.37 -10.33 -41.27
CA GLY C 528 16.49 -9.58 -41.86
C GLY C 528 17.03 -8.48 -40.94
N ALA C 529 16.18 -7.55 -40.52
CA ALA C 529 16.62 -6.39 -39.70
C ALA C 529 17.16 -6.84 -38.35
N ARG C 530 16.54 -7.83 -37.71
CA ARG C 530 16.98 -8.21 -36.34
C ARG C 530 18.43 -8.68 -36.43
N LEU C 531 18.79 -9.39 -37.50
CA LEU C 531 20.17 -9.90 -37.65
C LEU C 531 21.17 -8.74 -37.74
N HIS C 532 20.81 -7.65 -38.44
CA HIS C 532 21.72 -6.47 -38.53
C HIS C 532 21.97 -5.84 -37.16
N ILE C 533 20.92 -5.69 -36.33
CA ILE C 533 21.08 -5.11 -34.97
C ILE C 533 21.97 -6.04 -34.15
N LEU C 534 21.76 -7.35 -34.26
CA LEU C 534 22.54 -8.34 -33.47
C LEU C 534 24.02 -8.24 -33.85
N GLY C 535 24.31 -7.99 -35.13
CA GLY C 535 25.70 -7.93 -35.59
C GLY C 535 26.48 -6.82 -34.91
N VAL C 536 25.85 -5.65 -34.71
CA VAL C 536 26.54 -4.50 -34.06
C VAL C 536 26.76 -4.80 -32.58
N MET C 537 25.81 -5.50 -31.94
CA MET C 537 25.92 -5.75 -30.47
C MET C 537 27.02 -6.78 -30.17
N GLU C 538 27.22 -7.78 -31.03
CA GLU C 538 28.32 -8.77 -30.88
C GLU C 538 29.71 -8.10 -30.92
N GLN C 539 29.85 -6.95 -31.57
CA GLN C 539 31.14 -6.22 -31.68
C GLN C 539 31.39 -5.43 -30.40
N ALA C 540 30.33 -5.01 -29.69
CA ALA C 540 30.47 -4.28 -28.39
C ALA C 540 30.83 -5.27 -27.28
N ILE C 541 30.04 -6.35 -27.10
CA ILE C 541 30.32 -7.40 -26.07
C ILE C 541 30.00 -8.77 -26.66
N ASN C 542 31.00 -9.53 -27.10
CA ASN C 542 30.76 -10.84 -27.75
C ASN C 542 30.20 -11.91 -26.80
N ALA C 543 30.72 -12.01 -25.57
CA ALA C 543 30.31 -13.10 -24.65
C ALA C 543 30.25 -12.61 -23.20
N PRO C 544 29.52 -13.27 -22.26
CA PRO C 544 29.52 -12.87 -20.85
C PRO C 544 30.88 -12.80 -20.14
N ARG C 545 31.08 -11.79 -19.27
CA ARG C 545 32.35 -11.64 -18.49
C ARG C 545 32.29 -12.53 -17.23
N GLY C 546 33.41 -12.66 -16.50
CA GLY C 546 33.46 -13.57 -15.33
C GLY C 546 32.58 -13.23 -14.13
N ASP C 547 32.60 -11.98 -13.62
CA ASP C 547 31.68 -11.56 -12.51
C ASP C 547 31.70 -10.04 -12.36
N ILE C 548 30.70 -9.44 -11.70
CA ILE C 548 30.62 -7.96 -11.61
C ILE C 548 31.75 -7.40 -10.73
N SER C 549 31.93 -7.94 -9.53
CA SER C 549 33.05 -7.54 -8.61
C SER C 549 32.81 -6.16 -7.98
N GLU C 550 31.72 -5.47 -8.34
CA GLU C 550 31.40 -4.15 -7.74
C GLU C 550 30.55 -4.40 -6.51
N PHE C 551 31.14 -4.99 -5.47
CA PHE C 551 30.36 -5.35 -4.27
C PHE C 551 29.22 -6.28 -4.69
N ALA C 552 29.48 -7.16 -5.67
CA ALA C 552 28.46 -8.13 -6.10
C ALA C 552 28.29 -9.18 -5.00
N PRO C 553 27.06 -9.57 -4.62
CA PRO C 553 26.90 -10.63 -3.65
C PRO C 553 27.52 -11.89 -4.26
N ARG C 554 28.20 -12.71 -3.45
CA ARG C 554 28.80 -13.97 -3.96
C ARG C 554 28.09 -15.16 -3.31
N ILE C 555 27.78 -16.20 -4.08
CA ILE C 555 27.09 -17.42 -3.53
C ILE C 555 27.93 -18.66 -3.84
N HIS C 556 28.02 -19.60 -2.88
CA HIS C 556 28.83 -20.83 -3.04
C HIS C 556 27.99 -22.04 -2.61
N THR C 557 28.24 -23.18 -3.25
CA THR C 557 27.44 -24.42 -3.07
C THR C 557 28.36 -25.61 -2.77
N ILE C 558 27.93 -26.45 -1.83
CA ILE C 558 28.67 -27.65 -1.35
C ILE C 558 27.67 -28.68 -0.81
N LYS C 559 27.92 -29.98 -1.06
CA LYS C 559 27.04 -31.08 -0.59
C LYS C 559 27.60 -31.65 0.71
N ILE C 560 26.75 -31.70 1.74
CA ILE C 560 27.09 -32.14 3.13
C ILE C 560 26.06 -33.19 3.55
N ASN C 561 26.46 -34.18 4.36
CA ASN C 561 25.58 -35.30 4.79
C ASN C 561 24.32 -34.75 5.49
N PRO C 562 23.11 -35.30 5.23
CA PRO C 562 21.87 -34.88 5.90
C PRO C 562 21.89 -34.91 7.43
N ASP C 563 22.67 -35.82 8.01
CA ASP C 563 22.81 -35.95 9.49
C ASP C 563 23.62 -34.75 10.02
N LYS C 564 24.76 -34.44 9.41
CA LYS C 564 25.66 -33.33 9.83
C LYS C 564 24.92 -31.97 9.74
N ILE C 565 24.12 -31.78 8.68
CA ILE C 565 23.37 -30.50 8.51
C ILE C 565 22.26 -30.46 9.57
N LYS C 566 21.56 -31.56 9.85
CA LYS C 566 20.54 -31.62 10.94
C LYS C 566 21.15 -31.17 12.28
N ASP C 567 22.38 -31.57 12.61
CA ASP C 567 23.06 -31.12 13.86
C ASP C 567 23.50 -29.66 13.76
N VAL C 568 23.93 -29.20 12.58
CA VAL C 568 24.26 -27.76 12.41
C VAL C 568 22.94 -27.01 12.62
N ILE C 569 21.81 -27.72 12.50
CA ILE C 569 20.47 -27.12 12.77
C ILE C 569 19.95 -27.79 14.04
N GLY C 570 20.86 -28.22 14.91
CA GLY C 570 20.49 -28.94 16.15
C GLY C 570 20.03 -28.00 17.24
N LYS C 571 19.62 -28.57 18.39
CA LYS C 571 19.09 -27.75 19.52
C LYS C 571 17.85 -26.99 19.03
N GLY C 572 17.02 -27.64 18.21
CA GLY C 572 15.79 -27.01 17.69
C GLY C 572 16.07 -26.16 16.48
N GLY C 573 17.30 -26.18 15.95
CA GLY C 573 17.66 -25.28 14.83
C GLY C 573 18.43 -24.07 15.34
N SER C 574 18.63 -23.97 16.65
CA SER C 574 19.40 -22.86 17.25
C SER C 574 20.86 -22.89 16.78
N VAL C 575 21.43 -24.10 16.64
CA VAL C 575 22.88 -24.23 16.28
C VAL C 575 23.20 -23.39 15.03
N ILE C 576 22.24 -23.27 14.10
CA ILE C 576 22.48 -22.49 12.85
C ILE C 576 22.64 -20.99 13.18
N ARG C 577 21.98 -20.48 14.23
CA ARG C 577 22.07 -19.07 14.64
C ARG C 577 23.48 -18.78 15.14
N ALA C 578 24.15 -19.72 15.83
CA ALA C 578 25.55 -19.56 16.31
C ALA C 578 26.49 -19.26 15.12
N LEU C 579 26.31 -19.92 13.97
CA LEU C 579 27.13 -19.66 12.75
C LEU C 579 26.79 -18.28 12.17
N THR C 580 25.52 -17.97 11.91
CA THR C 580 25.11 -16.81 11.08
C THR C 580 25.58 -15.49 11.73
N GLU C 581 25.60 -15.41 13.07
CA GLU C 581 26.07 -14.22 13.83
C GLU C 581 27.60 -14.07 13.76
N GLU C 582 28.37 -15.17 13.76
CA GLU C 582 29.84 -15.19 13.75
C GLU C 582 30.40 -14.85 12.36
N THR C 583 29.69 -15.17 11.28
CA THR C 583 30.20 -15.05 9.88
C THR C 583 29.36 -14.05 9.07
N GLY C 584 28.32 -13.43 9.65
CA GLY C 584 27.46 -12.43 8.98
C GLY C 584 26.72 -12.99 7.76
N THR C 585 26.54 -14.31 7.71
CA THR C 585 26.30 -15.11 6.48
C THR C 585 25.10 -16.02 6.73
N THR C 586 24.13 -16.09 5.81
CA THR C 586 22.96 -17.00 5.93
C THR C 586 23.34 -18.37 5.35
N ILE C 587 22.93 -19.44 6.02
CA ILE C 587 23.07 -20.86 5.53
C ILE C 587 21.65 -21.37 5.23
N GLU C 588 21.43 -21.98 4.07
CA GLU C 588 20.05 -22.25 3.57
C GLU C 588 19.59 -23.68 3.89
N ILE C 589 18.30 -23.95 3.74
CA ILE C 589 17.53 -24.99 4.49
C ILE C 589 17.24 -26.21 3.60
N GLU C 590 18.14 -26.54 2.67
CA GLU C 590 18.13 -27.86 1.97
C GLU C 590 18.66 -28.91 2.96
N ASP C 591 17.80 -29.44 3.82
CA ASP C 591 18.16 -30.41 4.89
C ASP C 591 18.70 -31.73 4.30
N ASP C 592 18.46 -31.97 3.01
CA ASP C 592 18.97 -33.14 2.25
C ASP C 592 20.42 -32.88 1.77
N GLY C 593 20.99 -31.68 1.99
CA GLY C 593 22.46 -31.55 2.06
C GLY C 593 23.07 -30.52 1.11
N THR C 594 22.31 -29.89 0.22
CA THR C 594 22.86 -28.89 -0.75
C THR C 594 23.02 -27.55 -0.04
N VAL C 595 24.11 -27.37 0.70
CA VAL C 595 24.41 -26.14 1.48
C VAL C 595 24.67 -24.98 0.52
N LYS C 596 23.91 -23.89 0.66
CA LYS C 596 24.19 -22.58 0.01
C LYS C 596 24.81 -21.65 1.03
N ILE C 597 25.96 -21.06 0.67
CA ILE C 597 26.65 -20.00 1.45
C ILE C 597 26.50 -18.67 0.68
N ALA C 598 26.01 -17.61 1.32
CA ALA C 598 25.75 -16.32 0.64
C ALA C 598 26.27 -15.14 1.47
N ALA C 599 27.07 -14.27 0.86
CA ALA C 599 27.86 -13.20 1.53
C ALA C 599 28.20 -12.05 0.56
N THR C 600 28.57 -10.89 1.10
CA THR C 600 28.79 -9.63 0.34
C THR C 600 30.26 -9.48 -0.07
N ASP C 601 31.14 -10.46 0.18
CA ASP C 601 32.56 -10.43 -0.26
C ASP C 601 33.12 -11.86 -0.46
N GLY C 602 34.35 -11.96 -0.98
CA GLY C 602 35.05 -13.23 -1.19
C GLY C 602 35.88 -13.65 0.00
N GLU C 603 35.57 -13.21 1.23
CA GLU C 603 36.27 -13.65 2.47
C GLU C 603 35.25 -14.38 3.38
N LYS C 604 34.12 -13.76 3.70
CA LYS C 604 33.10 -14.32 4.62
C LYS C 604 32.48 -15.58 4.02
N ALA C 605 32.34 -15.66 2.69
CA ALA C 605 32.04 -16.88 1.92
C ALA C 605 33.08 -17.98 2.23
N LYS C 606 34.37 -17.67 2.10
CA LYS C 606 35.50 -18.62 2.34
C LYS C 606 35.55 -19.01 3.82
N HIS C 607 35.28 -18.08 4.74
CA HIS C 607 35.24 -18.33 6.21
C HIS C 607 34.13 -19.34 6.50
N ALA C 608 32.95 -19.17 5.90
CA ALA C 608 31.80 -20.10 6.03
C ALA C 608 32.16 -21.47 5.44
N ILE C 609 32.82 -21.52 4.27
CA ILE C 609 33.28 -22.79 3.63
C ILE C 609 34.24 -23.52 4.58
N ARG C 610 35.23 -22.83 5.14
CA ARG C 610 36.15 -23.41 6.17
C ARG C 610 35.33 -23.92 7.38
N ARG C 611 34.37 -23.11 7.87
CA ARG C 611 33.58 -23.38 9.10
C ARG C 611 32.67 -24.61 8.95
N ILE C 612 32.03 -24.83 7.79
CA ILE C 612 31.08 -25.97 7.62
C ILE C 612 31.87 -27.29 7.64
N GLU C 613 33.02 -27.36 6.97
CA GLU C 613 33.84 -28.62 6.93
C GLU C 613 34.54 -28.79 8.28
N GLU C 614 35.00 -27.71 8.90
CA GLU C 614 35.70 -27.74 10.23
C GLU C 614 34.75 -28.26 11.32
N ILE C 615 33.57 -27.64 11.49
CA ILE C 615 32.76 -27.67 12.76
C ILE C 615 31.96 -28.98 12.89
N THR C 616 31.81 -29.76 11.81
CA THR C 616 31.09 -31.07 11.85
C THR C 616 32.08 -32.22 11.68
N ALA C 617 32.19 -33.08 12.70
CA ALA C 617 33.11 -34.23 12.74
C ALA C 617 32.34 -35.55 12.91
N GLU C 618 31.02 -35.53 12.64
CA GLU C 618 30.20 -36.78 12.59
C GLU C 618 30.55 -37.65 11.37
N ILE C 619 31.15 -38.83 11.58
CA ILE C 619 31.19 -39.92 10.56
C ILE C 619 30.89 -41.27 11.25
N GLU C 620 29.89 -41.99 10.75
CA GLU C 620 29.46 -43.30 11.30
C GLU C 620 30.41 -44.42 10.89
N VAL C 621 30.90 -44.44 9.64
CA VAL C 621 32.00 -45.38 9.25
C VAL C 621 33.22 -44.99 10.10
N GLY C 622 33.57 -43.71 10.09
CA GLY C 622 34.68 -43.19 10.92
C GLY C 622 36.03 -43.82 10.66
N ARG C 623 36.97 -43.63 11.58
CA ARG C 623 38.34 -44.19 11.47
C ARG C 623 38.85 -44.22 12.90
N VAL C 624 40.08 -44.70 13.15
CA VAL C 624 40.56 -44.62 14.56
C VAL C 624 40.44 -43.15 14.95
N TYR C 625 39.79 -42.85 16.08
CA TYR C 625 39.54 -41.44 16.46
C TYR C 625 40.37 -41.10 17.70
N THR C 626 41.42 -40.30 17.54
CA THR C 626 42.32 -39.93 18.66
C THR C 626 41.62 -38.85 19.52
N GLY C 627 40.39 -39.11 19.93
CA GLY C 627 39.58 -38.21 20.78
C GLY C 627 40.04 -38.26 22.23
N LYS C 628 39.55 -37.34 23.07
CA LYS C 628 40.11 -37.09 24.42
C LYS C 628 39.06 -37.40 25.50
N VAL C 629 39.41 -38.24 26.48
CA VAL C 629 38.50 -38.71 27.56
C VAL C 629 38.07 -37.52 28.45
N THR C 630 36.75 -37.29 28.56
CA THR C 630 36.17 -36.25 29.44
C THR C 630 35.66 -36.83 30.78
N ARG C 631 35.15 -38.06 30.79
CA ARG C 631 34.67 -38.79 32.00
C ARG C 631 34.74 -40.30 31.72
N ILE C 632 35.37 -41.09 32.59
CA ILE C 632 35.56 -42.57 32.37
C ILE C 632 34.59 -43.35 33.28
N VAL C 633 33.41 -42.77 33.57
CA VAL C 633 32.43 -43.33 34.53
C VAL C 633 31.71 -44.53 33.89
N ASP C 634 30.98 -45.30 34.71
CA ASP C 634 30.06 -46.39 34.27
C ASP C 634 28.92 -45.82 33.41
N PHE C 635 28.03 -46.68 32.87
CA PHE C 635 27.02 -46.37 31.82
C PHE C 635 27.72 -45.84 30.55
N GLY C 636 28.97 -46.29 30.31
CA GLY C 636 29.82 -45.88 29.18
C GLY C 636 30.66 -44.65 29.48
N ALA C 637 31.94 -44.67 29.11
CA ALA C 637 32.84 -43.49 29.19
C ALA C 637 32.39 -42.41 28.19
N PHE C 638 32.52 -41.16 28.60
CA PHE C 638 32.33 -39.94 27.79
C PHE C 638 33.67 -39.49 27.20
N VAL C 639 33.70 -39.25 25.89
CA VAL C 639 34.95 -38.84 25.17
C VAL C 639 34.66 -37.66 24.24
N ALA C 640 35.45 -36.60 24.33
CA ALA C 640 35.44 -35.47 23.38
C ALA C 640 35.91 -35.96 22.00
N ILE C 641 35.06 -35.81 20.98
CA ILE C 641 35.29 -36.37 19.62
C ILE C 641 34.96 -35.35 18.52
N GLY C 642 34.26 -34.25 18.82
CA GLY C 642 34.19 -33.07 17.93
C GLY C 642 32.76 -32.65 17.63
N GLY C 643 32.46 -32.37 16.35
CA GLY C 643 31.15 -31.86 15.90
C GLY C 643 30.11 -32.95 15.67
N GLY C 644 28.98 -32.59 15.08
CA GLY C 644 27.80 -33.47 14.92
C GLY C 644 27.27 -33.90 16.28
N LYS C 645 27.18 -35.22 16.55
CA LYS C 645 26.94 -35.77 17.91
C LYS C 645 28.22 -36.43 18.45
N GLU C 646 28.59 -36.08 19.69
CA GLU C 646 29.65 -36.79 20.46
C GLU C 646 29.03 -38.07 21.05
N GLY C 647 29.43 -39.24 20.56
CA GLY C 647 28.91 -40.55 20.99
C GLY C 647 29.29 -40.88 22.42
N LEU C 648 28.37 -41.50 23.15
CA LEU C 648 28.65 -42.16 24.45
C LEU C 648 29.08 -43.61 24.19
N VAL C 649 29.95 -44.18 25.02
CA VAL C 649 30.40 -45.59 24.86
C VAL C 649 29.24 -46.58 25.08
N HIS C 650 29.32 -47.71 24.41
CA HIS C 650 28.40 -48.87 24.52
C HIS C 650 28.22 -49.31 25.99
N ILE C 651 27.08 -49.88 26.33
CA ILE C 651 26.50 -49.89 27.71
C ILE C 651 27.41 -50.61 28.73
N SER C 652 27.48 -50.05 29.94
CA SER C 652 28.19 -50.54 31.14
C SER C 652 29.70 -50.75 30.95
N GLN C 653 30.31 -50.42 29.81
CA GLN C 653 31.68 -50.89 29.48
C GLN C 653 32.56 -49.78 28.90
N ILE C 654 33.86 -50.08 28.75
CA ILE C 654 34.81 -49.28 27.92
C ILE C 654 34.98 -50.02 26.57
N ALA C 655 35.24 -51.34 26.64
CA ALA C 655 35.40 -52.18 25.43
C ALA C 655 35.45 -53.65 25.86
N ASP C 656 35.22 -54.59 24.95
CA ASP C 656 35.34 -56.04 25.26
C ASP C 656 34.46 -56.40 26.46
N LYS C 657 33.22 -55.91 26.49
CA LYS C 657 32.26 -56.27 27.59
C LYS C 657 32.87 -55.94 28.96
N ARG C 658 33.44 -54.75 29.13
CA ARG C 658 33.99 -54.32 30.44
C ARG C 658 35.04 -55.31 30.94
N VAL C 659 35.94 -55.76 30.06
CA VAL C 659 37.03 -56.68 30.48
C VAL C 659 37.91 -55.95 31.50
N GLU C 660 38.14 -54.65 31.29
CA GLU C 660 39.04 -53.86 32.19
C GLU C 660 38.21 -53.16 33.27
N LYS C 661 38.78 -52.13 33.90
CA LYS C 661 38.08 -51.40 35.00
C LYS C 661 38.22 -49.89 34.78
N VAL C 662 37.31 -49.10 35.37
CA VAL C 662 37.39 -47.61 35.26
C VAL C 662 38.70 -47.14 35.92
N THR C 663 39.07 -47.77 37.03
CA THR C 663 40.32 -47.40 37.75
C THR C 663 41.53 -47.65 36.85
N ASP C 664 41.52 -48.74 36.08
CA ASP C 664 42.62 -49.02 35.12
C ASP C 664 42.63 -47.93 34.05
N TYR C 665 43.81 -47.47 33.63
CA TYR C 665 43.93 -46.40 32.60
C TYR C 665 43.03 -45.22 32.98
N LEU C 666 43.28 -44.58 34.12
CA LEU C 666 42.44 -43.44 34.59
C LEU C 666 43.26 -42.13 34.51
N GLN C 667 42.97 -41.23 33.56
CA GLN C 667 43.26 -39.78 33.68
C GLN C 667 42.32 -38.97 32.78
N MET C 668 42.12 -37.70 33.10
CA MET C 668 41.32 -36.77 32.28
C MET C 668 42.16 -36.22 31.11
N GLY C 669 41.50 -35.96 29.97
CA GLY C 669 42.07 -35.22 28.83
C GLY C 669 42.97 -36.08 27.96
N GLN C 670 43.10 -37.37 28.22
CA GLN C 670 44.02 -38.28 27.46
C GLN C 670 43.48 -38.62 26.07
N GLU C 671 44.35 -38.59 25.07
CA GLU C 671 44.12 -39.14 23.70
C GLU C 671 43.91 -40.66 23.77
N VAL C 672 42.83 -41.17 23.17
CA VAL C 672 42.49 -42.63 23.15
C VAL C 672 41.90 -43.01 21.79
N PRO C 673 42.09 -44.27 21.30
CA PRO C 673 41.58 -44.68 19.99
C PRO C 673 40.09 -45.10 19.99
N VAL C 674 39.22 -44.16 19.67
CA VAL C 674 37.74 -44.35 19.61
C VAL C 674 37.36 -44.85 18.21
N LYS C 675 36.28 -45.62 18.08
CA LYS C 675 35.63 -45.89 16.77
C LYS C 675 34.10 -46.04 16.96
N VAL C 676 33.31 -45.80 15.92
CA VAL C 676 31.89 -45.31 16.04
C VAL C 676 30.91 -46.30 15.36
N LEU C 677 31.27 -47.59 15.31
CA LEU C 677 30.60 -48.63 14.47
C LEU C 677 29.35 -49.24 15.16
N GLU C 678 28.65 -48.53 16.04
CA GLU C 678 27.72 -49.15 17.04
C GLU C 678 26.24 -48.93 16.69
N VAL C 679 25.37 -49.16 17.68
CA VAL C 679 23.91 -48.91 17.66
C VAL C 679 23.58 -47.42 17.83
N ASP C 680 22.36 -47.03 17.47
CA ASP C 680 21.93 -45.61 17.36
C ASP C 680 20.89 -45.29 18.44
N ARG C 681 21.33 -45.10 19.69
CA ARG C 681 20.43 -44.98 20.89
C ARG C 681 20.57 -43.61 21.57
N GLN C 682 19.52 -43.14 22.27
CA GLN C 682 19.31 -41.72 22.68
C GLN C 682 19.27 -40.78 21.46
N GLY C 683 19.07 -41.29 20.23
CA GLY C 683 19.27 -40.54 18.98
C GLY C 683 20.73 -40.30 18.61
N ARG C 684 21.67 -40.97 19.29
CA ARG C 684 23.13 -40.86 19.04
C ARG C 684 23.67 -42.21 18.52
N ILE C 685 24.51 -42.15 17.49
CA ILE C 685 25.42 -43.29 17.15
C ILE C 685 26.40 -43.47 18.33
N ARG C 686 26.30 -44.60 19.05
CA ARG C 686 27.21 -44.94 20.17
C ARG C 686 28.61 -45.28 19.63
N LEU C 687 29.58 -45.41 20.53
CA LEU C 687 30.98 -45.71 20.14
C LEU C 687 31.66 -46.64 21.15
N SER C 688 32.88 -47.05 20.84
CA SER C 688 33.75 -47.90 21.71
C SER C 688 35.22 -47.55 21.50
N ILE C 689 36.09 -47.93 22.44
CA ILE C 689 37.52 -47.47 22.48
C ILE C 689 38.43 -48.70 22.47
N LYS C 690 39.16 -48.95 21.37
CA LYS C 690 39.73 -50.28 21.05
C LYS C 690 41.10 -50.51 21.73
N GLU C 691 41.21 -50.21 23.03
CA GLU C 691 42.50 -50.14 23.78
C GLU C 691 43.10 -51.52 24.09
N ALA C 692 43.68 -52.20 23.09
CA ALA C 692 44.33 -53.54 23.20
C ALA C 692 43.30 -54.62 23.58
N THR C 693 42.00 -54.30 23.42
CA THR C 693 40.83 -55.21 23.53
C THR C 693 39.78 -54.73 22.51
N GLU C 694 38.81 -55.56 22.14
CA GLU C 694 37.74 -55.16 21.18
C GLU C 694 36.44 -55.94 21.46
N GLN C 695 35.29 -55.30 21.24
CA GLN C 695 33.95 -55.95 21.31
C GLN C 695 33.80 -56.86 20.08
#